data_2XO0
# 
_entry.id   2XO0 
# 
_audit_conform.dict_name       mmcif_pdbx.dic 
_audit_conform.dict_version    5.383 
_audit_conform.dict_location   http://mmcif.pdb.org/dictionaries/ascii/mmcif_pdbx.dic 
# 
loop_
_database_2.database_id 
_database_2.database_code 
_database_2.pdbx_database_accession 
_database_2.pdbx_DOI 
PDB   2XO0         pdb_00002xo0 10.2210/pdb2xo0/pdb 
PDBE  EBI-44996    ?            ?                   
WWPDB D_1290044996 ?            ?                   
# 
loop_
_pdbx_database_related.db_name 
_pdbx_database_related.db_id 
_pdbx_database_related.content_type 
_pdbx_database_related.details 
PDB 2G9C unspecified 'MODIFIED PYRIMIDINES SPECIFICALLY BIND THE PURINE RIBOSWITCH' 
PDB 2XNW unspecified 
'XPT-PBUX C74U RIBOSWITCH FROM B. SUBTILIS BOUND TO A TRIAZOLO-TRIAZOLE-DIAMINE LIGAND IDENTIFIED BY VIRTUAL SCREENING' 
PDB 2XNZ unspecified 'XPT-PBUX C74U RIBOSWITCH FROM B. SUBTILIS BOUND TO ACETOGUANAMINE IDENTIFIED BY VIRTUAL SCREENING' 
PDB 2XO1 unspecified 'XPT-PBUX C74U RIBOSWITCH FROM B. SUBTILIS BOUND TO N6-METHYLADENINE' 
# 
_pdbx_database_status.status_code                     REL 
_pdbx_database_status.entry_id                        2XO0 
_pdbx_database_status.deposit_site                    PDBE 
_pdbx_database_status.process_site                    PDBE 
_pdbx_database_status.SG_entry                        . 
_pdbx_database_status.recvd_initial_deposition_date   2010-08-09 
_pdbx_database_status.pdb_format_compatible           Y 
_pdbx_database_status.status_code_sf                  REL 
_pdbx_database_status.status_code_mr                  ? 
_pdbx_database_status.status_code_cs                  ? 
_pdbx_database_status.methods_development_category    ? 
_pdbx_database_status.status_code_nmr_data            ? 
# 
loop_
_audit_author.name 
_audit_author.pdbx_ordinal 
_audit_author.identifier_ORCID 
'Daldrop, P.'    1 ? 
'Reyes, F.E.'    2 ? 
'Robinson, D.A.' 3 ? 
'Hammond, C.M.'  4 ? 
'Lilley, D.M.J.' 5 ? 
'Batey, R.T.'    6 ? 
'Brenk, R.'      7 ? 
# 
_citation.id                        primary 
_citation.title                     'Novel ligands for a purine riboswitch discovered by RNA-ligand docking.' 
_citation.journal_abbrev            'Chem. Biol.' 
_citation.journal_volume            18 
_citation.page_first                324 
_citation.page_last                 335 
_citation.year                      2011 
_citation.journal_id_ASTM           CBOLE2 
_citation.country                   UK 
_citation.journal_id_ISSN           1879-1301 
_citation.journal_id_CSD            2050 
_citation.book_publisher            ? 
_citation.pdbx_database_id_PubMed   21439477 
_citation.pdbx_database_id_DOI      10.1016/j.chembiol.2010.12.020 
# 
loop_
_citation_author.citation_id 
_citation_author.name 
_citation_author.ordinal 
_citation_author.identifier_ORCID 
primary 'Daldrop, P.'    1 ? 
primary 'Reyes, F.E.'    2 ? 
primary 'Robinson, D.A.' 3 ? 
primary 'Hammond, C.M.'  4 ? 
primary 'Lilley, D.M.'   5 ? 
primary 'Batey, R.T.'    6 ? 
primary 'Brenk, R.'      7 ? 
# 
_cell.entry_id           2XO0 
_cell.length_a           130.923 
_cell.length_b           34.940 
_cell.length_c           42.074 
_cell.angle_alpha        90.00 
_cell.angle_beta         90.11 
_cell.angle_gamma        90.00 
_cell.Z_PDB              4 
_cell.pdbx_unique_axis   ? 
# 
_symmetry.entry_id                         2XO0 
_symmetry.space_group_name_H-M             'C 1 2 1' 
_symmetry.pdbx_full_space_group_name_H-M   ? 
_symmetry.cell_setting                     ? 
_symmetry.Int_Tables_number                5 
# 
loop_
_entity.id 
_entity.type 
_entity.src_method 
_entity.pdbx_description 
_entity.formula_weight 
_entity.pdbx_number_of_molecules 
_entity.pdbx_ec 
_entity.pdbx_mutation 
_entity.pdbx_fragment 
_entity.details 
1 polymer     syn 'Guanine riboswitch'       21507.768 1   ? ? 'APTAMER DOMAIN, RESIDUES 15-81' ? 
2 non-polymer syn 'ACETATE ION'              59.044    2   ? ? ?                                ? 
3 non-polymer syn 'COBALT HEXAMMINE(III)'    161.116   6   ? ? ?                                ? 
4 non-polymer syn 'POTASSIUM ION'            39.098    5   ? ? ?                                ? 
5 non-polymer syn 1,3,5-TRIAZINE-2,4-DIAMINE 111.105   1   ? ? ?                                ? 
6 water       nat water                      18.015    151 ? ? ?                                ? 
# 
_entity_poly.entity_id                      1 
_entity_poly.type                           polyribonucleotide 
_entity_poly.nstd_linkage                   no 
_entity_poly.nstd_monomer                   no 
_entity_poly.pdbx_seq_one_letter_code       GGACAUAUAAUCGCGUGGAUAUGGCACGCAAGUUUCUACCGGGCACCGUAAAUGUCCGAUUAUGUCC 
_entity_poly.pdbx_seq_one_letter_code_can   GGACAUAUAAUCGCGUGGAUAUGGCACGCAAGUUUCUACCGGGCACCGUAAAUGUCCGAUUAUGUCC 
_entity_poly.pdbx_strand_id                 A 
_entity_poly.pdbx_target_identifier         ? 
# 
loop_
_entity_poly_seq.entity_id 
_entity_poly_seq.num 
_entity_poly_seq.mon_id 
_entity_poly_seq.hetero 
1 1  G n 
1 2  G n 
1 3  A n 
1 4  C n 
1 5  A n 
1 6  U n 
1 7  A n 
1 8  U n 
1 9  A n 
1 10 A n 
1 11 U n 
1 12 C n 
1 13 G n 
1 14 C n 
1 15 G n 
1 16 U n 
1 17 G n 
1 18 G n 
1 19 A n 
1 20 U n 
1 21 A n 
1 22 U n 
1 23 G n 
1 24 G n 
1 25 C n 
1 26 A n 
1 27 C n 
1 28 G n 
1 29 C n 
1 30 A n 
1 31 A n 
1 32 G n 
1 33 U n 
1 34 U n 
1 35 U n 
1 36 C n 
1 37 U n 
1 38 A n 
1 39 C n 
1 40 C n 
1 41 G n 
1 42 G n 
1 43 G n 
1 44 C n 
1 45 A n 
1 46 C n 
1 47 C n 
1 48 G n 
1 49 U n 
1 50 A n 
1 51 A n 
1 52 A n 
1 53 U n 
1 54 G n 
1 55 U n 
1 56 C n 
1 57 C n 
1 58 G n 
1 59 A n 
1 60 U n 
1 61 U n 
1 62 A n 
1 63 U n 
1 64 G n 
1 65 U n 
1 66 C n 
1 67 C n 
# 
_pdbx_entity_src_syn.entity_id              1 
_pdbx_entity_src_syn.pdbx_src_id            1 
_pdbx_entity_src_syn.pdbx_alt_source_flag   sample 
_pdbx_entity_src_syn.pdbx_beg_seq_num       ? 
_pdbx_entity_src_syn.pdbx_end_seq_num       ? 
_pdbx_entity_src_syn.organism_scientific    'BACILLUS SUBTILIS' 
_pdbx_entity_src_syn.organism_common_name   ? 
_pdbx_entity_src_syn.ncbi_taxonomy_id       1423 
_pdbx_entity_src_syn.details                ? 
# 
_struct_ref.id                         1 
_struct_ref.db_name                    PDB 
_struct_ref.db_code                    2XO0 
_struct_ref.entity_id                  1 
_struct_ref.pdbx_seq_one_letter_code   ? 
_struct_ref.pdbx_align_begin           ? 
_struct_ref.pdbx_db_accession          2XO0 
_struct_ref.pdbx_db_isoform            ? 
# 
_struct_ref_seq.align_id                      1 
_struct_ref_seq.ref_id                        1 
_struct_ref_seq.pdbx_PDB_id_code              2XO0 
_struct_ref_seq.pdbx_strand_id                A 
_struct_ref_seq.seq_align_beg                 1 
_struct_ref_seq.pdbx_seq_align_beg_ins_code   ? 
_struct_ref_seq.seq_align_end                 67 
_struct_ref_seq.pdbx_seq_align_end_ins_code   ? 
_struct_ref_seq.pdbx_db_accession             2XO0 
_struct_ref_seq.db_align_beg                  15 
_struct_ref_seq.pdbx_db_align_beg_ins_code    ? 
_struct_ref_seq.db_align_end                  81 
_struct_ref_seq.pdbx_db_align_end_ins_code    ? 
_struct_ref_seq.pdbx_auth_seq_align_beg       15 
_struct_ref_seq.pdbx_auth_seq_align_end       81 
# 
loop_
_chem_comp.id 
_chem_comp.type 
_chem_comp.mon_nstd_flag 
_chem_comp.name 
_chem_comp.pdbx_synonyms 
_chem_comp.formula 
_chem_comp.formula_weight 
A   'RNA linking' y "ADENOSINE-5'-MONOPHOSPHATE" ? 'C10 H14 N5 O7 P' 347.221 
ACT non-polymer   . 'ACETATE ION'                ? 'C2 H3 O2 -1'     59.044  
C   'RNA linking' y "CYTIDINE-5'-MONOPHOSPHATE"  ? 'C9 H14 N3 O8 P'  323.197 
G   'RNA linking' y "GUANOSINE-5'-MONOPHOSPHATE" ? 'C10 H14 N5 O8 P' 363.221 
HOH non-polymer   . WATER                        ? 'H2 O'            18.015  
K   non-polymer   . 'POTASSIUM ION'              ? 'K 1'             39.098  
NCO non-polymer   . 'COBALT HEXAMMINE(III)'      ? 'Co H18 N6 3'     161.116 
U   'RNA linking' y "URIDINE-5'-MONOPHOSPHATE"   ? 'C9 H13 N2 O9 P'  324.181 
ZZS non-polymer   . 1,3,5-TRIAZINE-2,4-DIAMINE   ? 'C3 H5 N5'        111.105 
# 
_exptl.entry_id          2XO0 
_exptl.method            'X-RAY DIFFRACTION' 
_exptl.crystals_number   1 
# 
_exptl_crystal.id                    1 
_exptl_crystal.density_meas          ? 
_exptl_crystal.density_Matthews      2.24 
_exptl_crystal.density_percent_sol   45.1 
_exptl_crystal.description           NONE 
# 
_exptl_crystal_grow.crystal_id      1 
_exptl_crystal_grow.method          ? 
_exptl_crystal_grow.temp            ? 
_exptl_crystal_grow.temp_details    ? 
_exptl_crystal_grow.pH              7.5 
_exptl_crystal_grow.pdbx_pH_range   ? 
_exptl_crystal_grow.pdbx_details    '10MM K-HEPES PH 7.5, 25% PEG 3000, 12MM COHEX, 800MM AMMONIUM ACETATE' 
# 
_diffrn.id                     1 
_diffrn.ambient_temp           100 
_diffrn.ambient_temp_details   ? 
_diffrn.crystal_id             1 
# 
_diffrn_detector.diffrn_id              1 
_diffrn_detector.detector               CCD 
_diffrn_detector.type                   'ADSC CCD' 
_diffrn_detector.pdbx_collection_date   2009-06-12 
_diffrn_detector.details                ? 
# 
_diffrn_radiation.diffrn_id                        1 
_diffrn_radiation.wavelength_id                    1 
_diffrn_radiation.pdbx_monochromatic_or_laue_m_l   M 
_diffrn_radiation.monochromator                    ? 
_diffrn_radiation.pdbx_diffrn_protocol             'SINGLE WAVELENGTH' 
_diffrn_radiation.pdbx_scattering_type             x-ray 
# 
_diffrn_radiation_wavelength.id           1 
_diffrn_radiation_wavelength.wavelength   0.93344 
_diffrn_radiation_wavelength.wt           1.0 
# 
_diffrn_source.diffrn_id                   1 
_diffrn_source.source                      SYNCHROTRON 
_diffrn_source.type                        'ESRF BEAMLINE ID14-1' 
_diffrn_source.pdbx_synchrotron_site       ESRF 
_diffrn_source.pdbx_synchrotron_beamline   ID14-1 
_diffrn_source.pdbx_wavelength             0.93344 
_diffrn_source.pdbx_wavelength_list        ? 
# 
_reflns.pdbx_diffrn_id               1 
_reflns.pdbx_ordinal                 1 
_reflns.entry_id                     2XO0 
_reflns.observed_criterion_sigma_I   0.0 
_reflns.observed_criterion_sigma_F   ? 
_reflns.d_resolution_low             65.51 
_reflns.d_resolution_high            1.70 
_reflns.number_obs                   21077 
_reflns.number_all                   ? 
_reflns.percent_possible_obs         96.8 
_reflns.pdbx_Rmerge_I_obs            0.05 
_reflns.pdbx_Rsym_value              ? 
_reflns.pdbx_netI_over_sigmaI        26.80 
_reflns.B_iso_Wilson_estimate        0.0 
_reflns.pdbx_redundancy              3.0 
# 
_reflns_shell.pdbx_diffrn_id         1 
_reflns_shell.pdbx_ordinal           1 
_reflns_shell.d_res_high             1.70 
_reflns_shell.d_res_low              1.76 
_reflns_shell.percent_possible_all   93.5 
_reflns_shell.Rmerge_I_obs           0.39 
_reflns_shell.pdbx_Rsym_value        ? 
_reflns_shell.meanI_over_sigI_obs    3.10 
_reflns_shell.pdbx_redundancy        ? 
# 
_refine.pdbx_refine_id                           'X-RAY DIFFRACTION' 
_refine.entry_id                                 2XO0 
_refine.pdbx_diffrn_id                           1 
_refine.pdbx_TLS_residual_ADP_flag               ? 
_refine.ls_number_reflns_obs                     19531 
_refine.ls_number_reflns_all                     ? 
_refine.pdbx_ls_sigma_I                          ? 
_refine.pdbx_ls_sigma_F                          . 
_refine.pdbx_data_cutoff_high_absF               ? 
_refine.pdbx_data_cutoff_low_absF                ? 
_refine.pdbx_data_cutoff_high_rms_absF           ? 
_refine.ls_d_res_low                             65.46 
_refine.ls_d_res_high                            1.70 
_refine.ls_percent_reflns_obs                    96.80 
_refine.ls_R_factor_obs                          0.21891 
_refine.ls_R_factor_all                          ? 
_refine.ls_R_factor_R_work                       0.21605 
_refine.ls_R_factor_R_free                       0.27082 
_refine.ls_R_factor_R_free_error                 ? 
_refine.ls_R_factor_R_free_error_details         ? 
_refine.ls_percent_reflns_R_free                 5.1 
_refine.ls_number_reflns_R_free                  1054 
_refine.ls_number_parameters                     ? 
_refine.ls_number_restraints                     ? 
_refine.occupancy_min                            ? 
_refine.occupancy_max                            ? 
_refine.correlation_coeff_Fo_to_Fc               0.951 
_refine.correlation_coeff_Fo_to_Fc_free          0.916 
_refine.B_iso_mean                               29.103 
_refine.aniso_B[1][1]                            2.07 
_refine.aniso_B[2][2]                            -1.74 
_refine.aniso_B[3][3]                            -0.33 
_refine.aniso_B[1][2]                            0.00 
_refine.aniso_B[1][3]                            -0.44 
_refine.aniso_B[2][3]                            0.00 
_refine.solvent_model_details                    MASK 
_refine.solvent_model_param_ksol                 ? 
_refine.solvent_model_param_bsol                 ? 
_refine.pdbx_solvent_vdw_probe_radii             1.40 
_refine.pdbx_solvent_ion_probe_radii             0.80 
_refine.pdbx_solvent_shrinkage_radii             0.80 
_refine.pdbx_ls_cross_valid_method               THROUGHOUT 
_refine.details                                  
'HYDROGENS HAVE BEEN ADDED IN THE RIDING POSITIONS.U VALUES REFINED INDIVIDUALLY. RESIDUES 15 AND 81 ARE DISORDERED AND NOT MODELED.' 
_refine.pdbx_starting_model                      'PDB ENTRY 2G9C' 
_refine.pdbx_method_to_determine_struct          'MOLECULAR REPLACEMENT' 
_refine.pdbx_isotropic_thermal_model             ? 
_refine.pdbx_stereochemistry_target_values       'MAXIMUM LIKELIHOOD' 
_refine.pdbx_stereochem_target_val_spec_case     ? 
_refine.pdbx_R_Free_selection_details            RANDOM 
_refine.pdbx_overall_ESU_R                       0.130 
_refine.pdbx_overall_ESU_R_Free                  0.134 
_refine.overall_SU_ML                            0.092 
_refine.pdbx_overall_phase_error                 ? 
_refine.overall_SU_B                             2.869 
_refine.overall_SU_R_Cruickshank_DPI             ? 
_refine.pdbx_overall_SU_R_free_Cruickshank_DPI   ? 
_refine.pdbx_overall_SU_R_Blow_DPI               ? 
_refine.pdbx_overall_SU_R_free_Blow_DPI          ? 
# 
_refine_hist.pdbx_refine_id                   'X-RAY DIFFRACTION' 
_refine_hist.cycle_id                         LAST 
_refine_hist.pdbx_number_atoms_protein        0 
_refine_hist.pdbx_number_atoms_nucleic_acid   1363 
_refine_hist.pdbx_number_atoms_ligand         63 
_refine_hist.number_atoms_solvent             151 
_refine_hist.number_atoms_total               1577 
_refine_hist.d_res_high                       1.70 
_refine_hist.d_res_low                        65.46 
# 
loop_
_refine_ls_restr.type 
_refine_ls_restr.dev_ideal 
_refine_ls_restr.dev_ideal_target 
_refine_ls_restr.weight 
_refine_ls_restr.number 
_refine_ls_restr.pdbx_refine_id 
_refine_ls_restr.pdbx_restraint_function 
r_bond_refined_d             0.013 0.021 ? 1569 'X-RAY DIFFRACTION' ? 
r_bond_other_d               ?     ?     ? ?    'X-RAY DIFFRACTION' ? 
r_angle_refined_deg          1.973 3.000 ? 2447 'X-RAY DIFFRACTION' ? 
r_angle_other_deg            ?     ?     ? ?    'X-RAY DIFFRACTION' ? 
r_dihedral_angle_1_deg       ?     ?     ? ?    'X-RAY DIFFRACTION' ? 
r_dihedral_angle_2_deg       ?     ?     ? ?    'X-RAY DIFFRACTION' ? 
r_dihedral_angle_3_deg       ?     ?     ? ?    'X-RAY DIFFRACTION' ? 
r_dihedral_angle_4_deg       ?     ?     ? ?    'X-RAY DIFFRACTION' ? 
r_chiral_restr               0.103 0.200 ? 320  'X-RAY DIFFRACTION' ? 
r_gen_planes_refined         0.012 0.020 ? 682  'X-RAY DIFFRACTION' ? 
r_gen_planes_other           ?     ?     ? ?    'X-RAY DIFFRACTION' ? 
r_nbd_refined                ?     ?     ? ?    'X-RAY DIFFRACTION' ? 
r_nbd_other                  ?     ?     ? ?    'X-RAY DIFFRACTION' ? 
r_nbtor_refined              ?     ?     ? ?    'X-RAY DIFFRACTION' ? 
r_nbtor_other                ?     ?     ? ?    'X-RAY DIFFRACTION' ? 
r_xyhbond_nbd_refined        ?     ?     ? ?    'X-RAY DIFFRACTION' ? 
r_xyhbond_nbd_other          ?     ?     ? ?    'X-RAY DIFFRACTION' ? 
r_metal_ion_refined          ?     ?     ? ?    'X-RAY DIFFRACTION' ? 
r_metal_ion_other            ?     ?     ? ?    'X-RAY DIFFRACTION' ? 
r_symmetry_vdw_refined       ?     ?     ? ?    'X-RAY DIFFRACTION' ? 
r_symmetry_vdw_other         ?     ?     ? ?    'X-RAY DIFFRACTION' ? 
r_symmetry_hbond_refined     ?     ?     ? ?    'X-RAY DIFFRACTION' ? 
r_symmetry_hbond_other       ?     ?     ? ?    'X-RAY DIFFRACTION' ? 
r_symmetry_metal_ion_refined ?     ?     ? ?    'X-RAY DIFFRACTION' ? 
r_symmetry_metal_ion_other   ?     ?     ? ?    'X-RAY DIFFRACTION' ? 
r_mcbond_it                  0.249 1.500 ? 6    'X-RAY DIFFRACTION' ? 
r_mcbond_other               ?     ?     ? ?    'X-RAY DIFFRACTION' ? 
r_mcangle_it                 0.360 2.000 ? 4    'X-RAY DIFFRACTION' ? 
r_mcangle_other              ?     ?     ? ?    'X-RAY DIFFRACTION' ? 
r_scbond_it                  1.796 3.000 ? 1563 'X-RAY DIFFRACTION' ? 
r_scbond_other               ?     ?     ? ?    'X-RAY DIFFRACTION' ? 
r_scangle_it                 2.470 4.500 ? 2443 'X-RAY DIFFRACTION' ? 
r_scangle_other              ?     ?     ? ?    'X-RAY DIFFRACTION' ? 
r_long_range_B_refined       ?     ?     ? ?    'X-RAY DIFFRACTION' ? 
r_long_range_B_other         ?     ?     ? ?    'X-RAY DIFFRACTION' ? 
r_rigid_bond_restr           ?     ?     ? ?    'X-RAY DIFFRACTION' ? 
r_sphericity_free            ?     ?     ? ?    'X-RAY DIFFRACTION' ? 
r_sphericity_bonded          ?     ?     ? ?    'X-RAY DIFFRACTION' ? 
# 
_refine_ls_shell.pdbx_refine_id                   'X-RAY DIFFRACTION' 
_refine_ls_shell.pdbx_total_number_of_bins_used   20 
_refine_ls_shell.d_res_high                       1.700 
_refine_ls_shell.d_res_low                        1.744 
_refine_ls_shell.number_reflns_R_work             1425 
_refine_ls_shell.R_factor_R_work                  0.284 
_refine_ls_shell.percent_reflns_obs               94.81 
_refine_ls_shell.R_factor_R_free                  0.314 
_refine_ls_shell.R_factor_R_free_error            ? 
_refine_ls_shell.percent_reflns_R_free            ? 
_refine_ls_shell.number_reflns_R_free             73 
_refine_ls_shell.number_reflns_all                ? 
_refine_ls_shell.R_factor_all                     ? 
# 
_struct.entry_id                  2XO0 
_struct.title                     
'xpt-pbuX C74U Riboswitch from B. subtilis bound to 24-diamino-1,3,5- triazine identified by virtual screening' 
_struct.pdbx_model_details        ? 
_struct.pdbx_CASP_flag            ? 
_struct.pdbx_model_type_details   ? 
# 
_struct_keywords.entry_id        2XO0 
_struct_keywords.pdbx_keywords   RNA 
_struct_keywords.text            RNA 
# 
loop_
_struct_asym.id 
_struct_asym.pdbx_blank_PDB_chainid_flag 
_struct_asym.pdbx_modified 
_struct_asym.entity_id 
_struct_asym.details 
A N N 1 ? 
B N N 2 ? 
C N N 2 ? 
D N N 3 ? 
E N N 3 ? 
F N N 3 ? 
G N N 3 ? 
H N N 3 ? 
I N N 4 ? 
J N N 4 ? 
K N N 5 ? 
L N N 3 ? 
M N N 4 ? 
N N N 4 ? 
O N N 4 ? 
P N N 6 ? 
# 
loop_
_struct_conn.id 
_struct_conn.conn_type_id 
_struct_conn.pdbx_leaving_atom_flag 
_struct_conn.pdbx_PDB_id 
_struct_conn.ptnr1_label_asym_id 
_struct_conn.ptnr1_label_comp_id 
_struct_conn.ptnr1_label_seq_id 
_struct_conn.ptnr1_label_atom_id 
_struct_conn.pdbx_ptnr1_label_alt_id 
_struct_conn.pdbx_ptnr1_PDB_ins_code 
_struct_conn.pdbx_ptnr1_standard_comp_id 
_struct_conn.ptnr1_symmetry 
_struct_conn.ptnr2_label_asym_id 
_struct_conn.ptnr2_label_comp_id 
_struct_conn.ptnr2_label_seq_id 
_struct_conn.ptnr2_label_atom_id 
_struct_conn.pdbx_ptnr2_label_alt_id 
_struct_conn.pdbx_ptnr2_PDB_ins_code 
_struct_conn.ptnr1_auth_asym_id 
_struct_conn.ptnr1_auth_comp_id 
_struct_conn.ptnr1_auth_seq_id 
_struct_conn.ptnr2_auth_asym_id 
_struct_conn.ptnr2_auth_comp_id 
_struct_conn.ptnr2_auth_seq_id 
_struct_conn.ptnr2_symmetry 
_struct_conn.pdbx_ptnr3_label_atom_id 
_struct_conn.pdbx_ptnr3_label_seq_id 
_struct_conn.pdbx_ptnr3_label_comp_id 
_struct_conn.pdbx_ptnr3_label_asym_id 
_struct_conn.pdbx_ptnr3_label_alt_id 
_struct_conn.pdbx_ptnr3_PDB_ins_code 
_struct_conn.details 
_struct_conn.pdbx_dist_value 
_struct_conn.pdbx_value_order 
_struct_conn.pdbx_role 
metalc1  metalc ? ? A U 37 "O2'" ? ? ? 1_555 J K   .  K  ? ? A U 51  A K   109 1_555 ? ? ? ? ? ? ?                    3.444 ? ? 
metalc2  metalc ? ? A U 60 "O2'" ? ? ? 1_555 J K   .  K  ? ? A U 74  A K   109 1_555 ? ? ? ? ? ? ?                    3.379 ? ? 
metalc3  metalc ? ? I K .  K     ? ? ? 1_555 P HOH .  O  ? ? A K 108 A HOH 328 1_555 ? ? ? ? ? ? ?                    2.535 ? ? 
hydrog1  hydrog ? ? A A 3  N1    ? ? ? 1_555 A U   65 N3 ? ? A A 17  A U   79  1_555 ? ? ? ? ? ? WATSON-CRICK         ?     ? ? 
hydrog2  hydrog ? ? A A 3  N6    ? ? ? 1_555 A U   65 O4 ? ? A A 17  A U   79  1_555 ? ? ? ? ? ? WATSON-CRICK         ?     ? ? 
hydrog3  hydrog ? ? A C 4  N3    ? ? ? 1_555 A G   64 N1 ? ? A C 18  A G   78  1_555 ? ? ? ? ? ? WATSON-CRICK         ?     ? ? 
hydrog4  hydrog ? ? A C 4  N4    ? ? ? 1_555 A G   64 O6 ? ? A C 18  A G   78  1_555 ? ? ? ? ? ? WATSON-CRICK         ?     ? ? 
hydrog5  hydrog ? ? A C 4  O2    ? ? ? 1_555 A G   64 N2 ? ? A C 18  A G   78  1_555 ? ? ? ? ? ? WATSON-CRICK         ?     ? ? 
hydrog6  hydrog ? ? A A 5  N1    ? ? ? 1_555 A U   63 N3 ? ? A A 19  A U   77  1_555 ? ? ? ? ? ? WATSON-CRICK         ?     ? ? 
hydrog7  hydrog ? ? A A 5  N6    ? ? ? 1_555 A U   63 O4 ? ? A A 19  A U   77  1_555 ? ? ? ? ? ? WATSON-CRICK         ?     ? ? 
hydrog8  hydrog ? ? A U 6  N3    ? ? ? 1_555 A A   62 N1 ? ? A U 20  A A   76  1_555 ? ? ? ? ? ? WATSON-CRICK         ?     ? ? 
hydrog9  hydrog ? ? A U 6  O4    ? ? ? 1_555 A A   62 N6 ? ? A U 20  A A   76  1_555 ? ? ? ? ? ? WATSON-CRICK         ?     ? ? 
hydrog10 hydrog ? ? A A 7  N1    ? ? ? 1_555 A U   61 N3 ? ? A A 21  A U   75  1_555 ? ? ? ? ? ? WATSON-CRICK         ?     ? ? 
hydrog11 hydrog ? ? A A 7  N6    ? ? ? 1_555 A U   61 O4 ? ? A A 21  A U   75  1_555 ? ? ? ? ? ? WATSON-CRICK         ?     ? ? 
hydrog12 hydrog ? ? A U 8  N3    ? ? ? 1_555 A A   38 N1 ? ? A U 22  A A   52  1_555 ? ? ? ? ? ? WATSON-CRICK         ?     ? ? 
hydrog13 hydrog ? ? A U 8  O4    ? ? ? 1_555 A A   38 N6 ? ? A U 22  A A   52  1_555 ? ? ? ? ? ? WATSON-CRICK         ?     ? ? 
hydrog14 hydrog ? ? A A 9  N1    ? ? ? 1_555 A G   32 N2 ? ? A A 23  A G   46  1_555 ? ? ? ? ? ? TYPE_10_PAIR         ?     ? ? 
hydrog15 hydrog ? ? A A 9  N6    ? ? ? 1_555 A G   32 N3 ? ? A A 23  A G   46  1_555 ? ? ? ? ? ? TYPE_10_PAIR         ?     ? ? 
hydrog16 hydrog ? ? A U 11 N3    ? ? ? 1_555 A A   31 N1 ? ? A U 25  A A   45  1_555 ? ? ? ? ? ? WATSON-CRICK         ?     ? ? 
hydrog17 hydrog ? ? A U 11 O4    ? ? ? 1_555 A A   31 N6 ? ? A U 25  A A   45  1_555 ? ? ? ? ? ? WATSON-CRICK         ?     ? ? 
hydrog18 hydrog ? ? A C 12 O2    ? ? ? 1_555 A A   30 N6 ? ? A C 26  A A   44  1_555 ? ? ? ? ? ? 'C-A MISPAIR'        ?     ? ? 
hydrog19 hydrog ? ? A G 13 N1    ? ? ? 1_555 A C   29 N3 ? ? A G 27  A C   43  1_555 ? ? ? ? ? ? WATSON-CRICK         ?     ? ? 
hydrog20 hydrog ? ? A G 13 N2    ? ? ? 1_555 A C   29 O2 ? ? A G 27  A C   43  1_555 ? ? ? ? ? ? WATSON-CRICK         ?     ? ? 
hydrog21 hydrog ? ? A G 13 O6    ? ? ? 1_555 A C   29 N4 ? ? A G 27  A C   43  1_555 ? ? ? ? ? ? WATSON-CRICK         ?     ? ? 
hydrog22 hydrog ? ? A C 14 N3    ? ? ? 1_555 A G   28 N1 ? ? A C 28  A G   42  1_555 ? ? ? ? ? ? WATSON-CRICK         ?     ? ? 
hydrog23 hydrog ? ? A C 14 N4    ? ? ? 1_555 A G   28 O6 ? ? A C 28  A G   42  1_555 ? ? ? ? ? ? WATSON-CRICK         ?     ? ? 
hydrog24 hydrog ? ? A C 14 O2    ? ? ? 1_555 A G   28 N2 ? ? A C 28  A G   42  1_555 ? ? ? ? ? ? WATSON-CRICK         ?     ? ? 
hydrog25 hydrog ? ? A G 15 N1    ? ? ? 1_555 A C   27 N3 ? ? A G 29  A C   41  1_555 ? ? ? ? ? ? WATSON-CRICK         ?     ? ? 
hydrog26 hydrog ? ? A G 15 N2    ? ? ? 1_555 A C   27 O2 ? ? A G 29  A C   41  1_555 ? ? ? ? ? ? WATSON-CRICK         ?     ? ? 
hydrog27 hydrog ? ? A G 15 O6    ? ? ? 1_555 A C   27 N4 ? ? A G 29  A C   41  1_555 ? ? ? ? ? ? WATSON-CRICK         ?     ? ? 
hydrog28 hydrog ? ? A U 16 N3    ? ? ? 1_555 A A   26 N1 ? ? A U 30  A A   40  1_555 ? ? ? ? ? ? WATSON-CRICK         ?     ? ? 
hydrog29 hydrog ? ? A U 16 O4    ? ? ? 1_555 A A   26 N6 ? ? A U 30  A A   40  1_555 ? ? ? ? ? ? WATSON-CRICK         ?     ? ? 
hydrog30 hydrog ? ? A G 17 N1    ? ? ? 1_555 A C   25 N3 ? ? A G 31  A C   39  1_555 ? ? ? ? ? ? WATSON-CRICK         ?     ? ? 
hydrog31 hydrog ? ? A G 17 N2    ? ? ? 1_555 A C   25 O2 ? ? A G 31  A C   39  1_555 ? ? ? ? ? ? WATSON-CRICK         ?     ? ? 
hydrog32 hydrog ? ? A G 17 O6    ? ? ? 1_555 A C   25 N4 ? ? A G 31  A C   39  1_555 ? ? ? ? ? ? WATSON-CRICK         ?     ? ? 
hydrog33 hydrog ? ? A A 19 N1    ? ? ? 1_555 A A   52 N6 ? ? A A 33  A A   66  1_555 ? ? ? ? ? ? TYPE_5_PAIR          ?     ? ? 
hydrog34 hydrog ? ? A A 19 N6    ? ? ? 1_555 A A   52 N7 ? ? A A 33  A A   66  1_555 ? ? ? ? ? ? TYPE_5_PAIR          ?     ? ? 
hydrog35 hydrog ? ? A U 20 O2    ? ? ? 1_555 A G   23 N2 ? ? A U 34  A G   37  1_555 ? ? ? ? ? ? 'U-G MISPAIR'        ?     ? ? 
hydrog36 hydrog ? ? A U 20 N3    ? ? ? 1_555 A A   51 N7 ? ? A U 34  A A   65  1_555 ? ? ? ? ? ? 'REVERSED HOOGSTEEN' ?     ? ? 
hydrog37 hydrog ? ? A U 20 O2    ? ? ? 1_555 A A   51 N6 ? ? A U 34  A A   65  1_555 ? ? ? ? ? ? 'REVERSED HOOGSTEEN' ?     ? ? 
hydrog38 hydrog ? ? A A 21 N6    ? ? ? 1_555 A A   50 N1 ? ? A A 35  A A   64  1_555 ? ? ? ? ? ? TYPE_5_PAIR          ?     ? ? 
hydrog39 hydrog ? ? A A 21 N7    ? ? ? 1_555 A A   50 N6 ? ? A A 35  A A   64  1_555 ? ? ? ? ? ? TYPE_5_PAIR          ?     ? ? 
hydrog40 hydrog ? ? A G 23 N1    ? ? ? 1_555 A C   47 N3 ? ? A G 37  A C   61  1_555 ? ? ? ? ? ? WATSON-CRICK         ?     ? ? 
hydrog41 hydrog ? ? A G 23 N2    ? ? ? 1_555 A C   47 O2 ? ? A G 37  A C   61  1_555 ? ? ? ? ? ? WATSON-CRICK         ?     ? ? 
hydrog42 hydrog ? ? A G 23 O6    ? ? ? 1_555 A C   47 N4 ? ? A G 37  A C   61  1_555 ? ? ? ? ? ? WATSON-CRICK         ?     ? ? 
hydrog43 hydrog ? ? A G 24 N1    ? ? ? 1_555 A C   46 N3 ? ? A G 38  A C   60  1_555 ? ? ? ? ? ? WATSON-CRICK         ?     ? ? 
hydrog44 hydrog ? ? A G 24 N2    ? ? ? 1_555 A C   46 O2 ? ? A G 38  A C   60  1_555 ? ? ? ? ? ? WATSON-CRICK         ?     ? ? 
hydrog45 hydrog ? ? A G 24 O6    ? ? ? 1_555 A C   46 N4 ? ? A G 38  A C   60  1_555 ? ? ? ? ? ? WATSON-CRICK         ?     ? ? 
hydrog46 hydrog ? ? A G 24 N2    ? ? ? 1_555 A A   52 N1 ? ? A G 38  A A   66  1_555 ? ? ? ? ? ? TYPE_10_PAIR         ?     ? ? 
hydrog47 hydrog ? ? A G 24 N3    ? ? ? 1_555 A A   52 N6 ? ? A G 38  A A   66  1_555 ? ? ? ? ? ? TYPE_10_PAIR         ?     ? ? 
hydrog48 hydrog ? ? A G 32 N1    ? ? ? 1_555 A C   39 N3 ? ? A G 46  A C   53  1_555 ? ? ? ? ? ? WATSON-CRICK         ?     ? ? 
hydrog49 hydrog ? ? A G 32 N2    ? ? ? 1_555 A C   39 O2 ? ? A G 46  A C   53  1_555 ? ? ? ? ? ? WATSON-CRICK         ?     ? ? 
hydrog50 hydrog ? ? A G 32 O6    ? ? ? 1_555 A C   39 N4 ? ? A G 46  A C   53  1_555 ? ? ? ? ? ? WATSON-CRICK         ?     ? ? 
hydrog51 hydrog ? ? A U 33 N3    ? ? ? 1_555 A U   37 O4 ? ? A U 47  A U   51  1_555 ? ? ? ? ? ? 'U-U MISPAIR'        ?     ? ? 
hydrog52 hydrog ? ? A U 35 N3    ? ? ? 1_555 A A   62 N3 ? ? A U 49  A A   76  1_555 ? ? ? ? ? ? 'U-A PAIR'           ?     ? ? 
hydrog53 hydrog ? ? A C 36 N4    ? ? ? 1_555 A U   61 O2 ? ? A C 50  A U   75  1_555 ? ? ? ? ? ? 'C-U MISPAIR'        ?     ? ? 
hydrog54 hydrog ? ? A C 40 N3    ? ? ? 1_555 A G   58 N1 ? ? A C 54  A G   72  1_555 ? ? ? ? ? ? WATSON-CRICK         ?     ? ? 
hydrog55 hydrog ? ? A C 40 N4    ? ? ? 1_555 A G   58 O6 ? ? A C 54  A G   72  1_555 ? ? ? ? ? ? WATSON-CRICK         ?     ? ? 
hydrog56 hydrog ? ? A C 40 O2    ? ? ? 1_555 A G   58 N2 ? ? A C 54  A G   72  1_555 ? ? ? ? ? ? WATSON-CRICK         ?     ? ? 
hydrog57 hydrog ? ? A G 41 N1    ? ? ? 1_555 A C   57 N3 ? ? A G 55  A C   71  1_555 ? ? ? ? ? ? WATSON-CRICK         ?     ? ? 
hydrog58 hydrog ? ? A G 41 N2    ? ? ? 1_555 A C   57 O2 ? ? A G 55  A C   71  1_555 ? ? ? ? ? ? WATSON-CRICK         ?     ? ? 
hydrog59 hydrog ? ? A G 41 O6    ? ? ? 1_555 A C   57 N4 ? ? A G 55  A C   71  1_555 ? ? ? ? ? ? WATSON-CRICK         ?     ? ? 
hydrog60 hydrog ? ? A G 42 N1    ? ? ? 1_555 A C   56 N3 ? ? A G 56  A C   70  1_555 ? ? ? ? ? ? WATSON-CRICK         ?     ? ? 
hydrog61 hydrog ? ? A G 42 N2    ? ? ? 1_555 A C   56 O2 ? ? A G 56  A C   70  1_555 ? ? ? ? ? ? WATSON-CRICK         ?     ? ? 
hydrog62 hydrog ? ? A G 42 O6    ? ? ? 1_555 A C   56 N4 ? ? A G 56  A C   70  1_555 ? ? ? ? ? ? WATSON-CRICK         ?     ? ? 
hydrog63 hydrog ? ? A G 43 N1    ? ? ? 1_555 A U   55 O2 ? ? A G 57  A U   69  1_555 ? ? ? ? ? ? TYPE_28_PAIR         ?     ? ? 
hydrog64 hydrog ? ? A G 43 O6    ? ? ? 1_555 A U   55 N3 ? ? A G 57  A U   69  1_555 ? ? ? ? ? ? TYPE_28_PAIR         ?     ? ? 
hydrog65 hydrog ? ? A C 44 N3    ? ? ? 1_555 A G   54 N1 ? ? A C 58  A G   68  1_555 ? ? ? ? ? ? WATSON-CRICK         ?     ? ? 
hydrog66 hydrog ? ? A C 44 N4    ? ? ? 1_555 A G   54 O6 ? ? A C 58  A G   68  1_555 ? ? ? ? ? ? WATSON-CRICK         ?     ? ? 
hydrog67 hydrog ? ? A C 44 O2    ? ? ? 1_555 A G   54 N2 ? ? A C 58  A G   68  1_555 ? ? ? ? ? ? WATSON-CRICK         ?     ? ? 
hydrog68 hydrog ? ? A A 45 N1    ? ? ? 1_555 A U   53 N3 ? ? A A 59  A U   67  1_555 ? ? ? ? ? ? WATSON-CRICK         ?     ? ? 
hydrog69 hydrog ? ? A A 45 N6    ? ? ? 1_555 A U   53 O4 ? ? A A 59  A U   67  1_555 ? ? ? ? ? ? WATSON-CRICK         ?     ? ? 
hydrog70 hydrog ? ? A C 47 O2    ? ? ? 1_555 A A   51 N6 ? ? A C 61  A A   65  1_555 ? ? ? ? ? ? 'C-A MISPAIR'        ?     ? ? 
# 
loop_
_struct_conn_type.id 
_struct_conn_type.criteria 
_struct_conn_type.reference 
metalc ? ? 
hydrog ? ? 
# 
loop_
_struct_site.id 
_struct_site.pdbx_evidence_code 
_struct_site.pdbx_auth_asym_id 
_struct_site.pdbx_auth_comp_id 
_struct_site.pdbx_auth_seq_id 
_struct_site.pdbx_auth_ins_code 
_struct_site.pdbx_num_residues 
_struct_site.details 
AC1 Software ? ? ? ? 5  'BINDING SITE FOR RESIDUE ACT A 1081' 
AC2 Software ? ? ? ? 7  'BINDING SITE FOR RESIDUE ACT A 1082' 
AC3 Software ? ? ? ? 12 'BINDING SITE FOR RESIDUE NCO A 1083' 
AC4 Software ? ? ? ? 9  'BINDING SITE FOR RESIDUE NCO A 1084' 
AC5 Software ? ? ? ? 8  'BINDING SITE FOR RESIDUE NCO A 1085' 
AC6 Software ? ? ? ? 4  'BINDING SITE FOR RESIDUE NCO A 1086' 
AC7 Software ? ? ? ? 1  'BINDING SITE FOR RESIDUE NCO A 1087' 
AC8 Software ? ? ? ? 3  'BINDING SITE FOR RESIDUE K A 1088'   
AC9 Software ? ? ? ? 3  'BINDING SITE FOR RESIDUE K A 1089'   
BC1 Software ? ? ? ? 9  'BINDING SITE FOR RESIDUE ZZS A 1090' 
BC2 Software ? ? ? ? 3  'BINDING SITE FOR RESIDUE NCO A 1091' 
# 
loop_
_struct_site_gen.id 
_struct_site_gen.site_id 
_struct_site_gen.pdbx_num_res 
_struct_site_gen.label_comp_id 
_struct_site_gen.label_asym_id 
_struct_site_gen.label_seq_id 
_struct_site_gen.pdbx_auth_ins_code 
_struct_site_gen.auth_comp_id 
_struct_site_gen.auth_asym_id 
_struct_site_gen.auth_seq_id 
_struct_site_gen.label_atom_id 
_struct_site_gen.label_alt_id 
_struct_site_gen.symmetry 
_struct_site_gen.details 
1  AC1 5  C   A 14 ? C   A 28  . ? 1_555 ? 
2  AC1 5  G   A 15 ? G   A 29  . ? 1_555 ? 
3  AC1 5  A   A 52 ? A   A 66  . ? 4_444 ? 
4  AC1 5  NCO D .  ? NCO A 103 . ? 4_444 ? 
5  AC1 5  HOH P .  ? HOH A 255 . ? 4_444 ? 
6  AC2 7  G   A 18 ? G   A 32  . ? 1_555 ? 
7  AC2 7  A   A 19 ? A   A 33  . ? 1_555 ? 
8  AC2 7  G   A 24 ? G   A 38  . ? 1_555 ? 
9  AC2 7  C   A 25 ? C   A 39  . ? 1_555 ? 
10 AC2 7  A   A 52 ? A   A 66  . ? 1_555 ? 
11 AC2 7  U   A 53 ? U   A 67  . ? 1_555 ? 
12 AC2 7  HOH P .  ? HOH A 306 . ? 1_555 ? 
13 AC3 12 G   A 13 ? G   A 27  . ? 1_555 ? 
14 AC3 12 C   A 14 ? C   A 28  . ? 1_555 ? 
15 AC3 12 G   A 15 ? G   A 29  . ? 4_454 ? 
16 AC3 12 U   A 16 ? U   A 30  . ? 4_454 ? 
17 AC3 12 A   A 52 ? A   A 66  . ? 1_555 ? 
18 AC3 12 U   A 53 ? U   A 67  . ? 1_555 ? 
19 AC3 12 ACT B .  ? ACT A 101 . ? 4_454 ? 
20 AC3 12 HOH P .  ? HOH A 320 . ? 4_454 ? 
21 AC3 12 HOH P .  ? HOH A 255 . ? 1_555 ? 
22 AC3 12 HOH P .  ? HOH A 305 . ? 1_555 ? 
23 AC3 12 HOH P .  ? HOH A 291 . ? 1_555 ? 
24 AC3 12 HOH P .  ? HOH A 329 . ? 1_555 ? 
25 AC4 9  C   A 25 ? C   A 39  . ? 1_555 ? 
26 AC4 9  G   A 41 ? G   A 55  . ? 1_555 ? 
27 AC4 9  G   A 42 ? G   A 56  . ? 1_555 ? 
28 AC4 9  G   A 43 ? G   A 57  . ? 1_555 ? 
29 AC4 9  G   A 54 ? G   A 68  . ? 1_555 ? 
30 AC4 9  U   A 55 ? U   A 69  . ? 1_555 ? 
31 AC4 9  HOH P .  ? HOH A 313 . ? 1_555 ? 
32 AC4 9  HOH P .  ? HOH A 293 . ? 1_555 ? 
33 AC4 9  HOH P .  ? HOH A 227 . ? 1_555 ? 
34 AC5 8  U   A 16 ? U   A 30  . ? 1_555 ? 
35 AC5 8  G   A 17 ? G   A 31  . ? 1_555 ? 
36 AC5 8  G   A 18 ? G   A 32  . ? 1_555 ? 
37 AC5 8  A   A 51 ? A   A 65  . ? 1_555 ? 
38 AC5 8  A   A 52 ? A   A 66  . ? 1_555 ? 
39 AC5 8  HOH P .  ? HOH A 288 . ? 1_555 ? 
40 AC5 8  HOH P .  ? HOH A 237 . ? 1_555 ? 
41 AC5 8  HOH P .  ? HOH A 235 . ? 1_555 ? 
42 AC6 4  G   A 23 ? G   A 37  . ? 1_555 ? 
43 AC6 4  G   A 24 ? G   A 38  . ? 1_555 ? 
44 AC6 4  G   A 43 ? G   A 57  . ? 1_555 ? 
45 AC6 4  HOH P .  ? HOH A 254 . ? 1_555 ? 
46 AC7 1  A   A 10 ? A   A 24  . ? 1_555 ? 
47 AC8 3  C   A 27 ? C   A 41  . ? 1_555 ? 
48 AC8 3  C   A 40 ? C   A 54  . ? 1_555 ? 
49 AC8 3  HOH P .  ? HOH A 328 . ? 1_555 ? 
50 AC9 3  U   A 37 ? U   A 51  . ? 1_555 ? 
51 AC9 3  U   A 60 ? U   A 74  . ? 1_555 ? 
52 AC9 3  U   A 61 ? U   A 75  . ? 1_555 ? 
53 BC1 9  A   A 7  ? A   A 21  . ? 1_555 ? 
54 BC1 9  U   A 8  ? U   A 22  . ? 1_555 ? 
55 BC1 9  U   A 33 ? U   A 47  . ? 1_555 ? 
56 BC1 9  C   A 36 ? C   A 50  . ? 1_555 ? 
57 BC1 9  U   A 37 ? U   A 51  . ? 1_555 ? 
58 BC1 9  A   A 38 ? A   A 52  . ? 1_555 ? 
59 BC1 9  U   A 60 ? U   A 74  . ? 1_555 ? 
60 BC1 9  U   A 61 ? U   A 75  . ? 1_555 ? 
61 BC1 9  HOH P .  ? HOH A 243 . ? 1_555 ? 
62 BC2 3  G   A 42 ? G   A 56  . ? 4_445 ? 
63 BC2 3  HOH P .  ? HOH A 318 . ? 1_555 ? 
64 BC2 3  HOH P .  ? HOH A 244 . ? 1_555 ? 
# 
_atom_sites.entry_id                    2XO0 
_atom_sites.fract_transf_matrix[1][1]   0.00546686 
_atom_sites.fract_transf_matrix[1][2]   -0.00531863 
_atom_sites.fract_transf_matrix[1][3]   -0.00040604 
_atom_sites.fract_transf_matrix[2][1]   0.01900889 
_atom_sites.fract_transf_matrix[2][2]   0.02009867 
_atom_sites.fract_transf_matrix[2][3]   -0.00733554 
_atom_sites.fract_transf_matrix[3][1]   0.00516274 
_atom_sites.fract_transf_matrix[3][2]   0.00348856 
_atom_sites.fract_transf_matrix[3][3]   0.02293674 
_atom_sites.fract_transf_vector[1]      -0.186724 
_atom_sites.fract_transf_vector[2]      -0.013486 
_atom_sites.fract_transf_vector[3]      -0.274898 
# 
loop_
_atom_type.symbol 
C  
CO 
K  
N  
O  
P  
# 
loop_
_atom_site.group_PDB 
_atom_site.id 
_atom_site.type_symbol 
_atom_site.label_atom_id 
_atom_site.label_alt_id 
_atom_site.label_comp_id 
_atom_site.label_asym_id 
_atom_site.label_entity_id 
_atom_site.label_seq_id 
_atom_site.pdbx_PDB_ins_code 
_atom_site.Cartn_x 
_atom_site.Cartn_y 
_atom_site.Cartn_z 
_atom_site.occupancy 
_atom_site.B_iso_or_equiv 
_atom_site.pdbx_formal_charge 
_atom_site.auth_seq_id 
_atom_site.auth_comp_id 
_atom_site.auth_asym_id 
_atom_site.auth_atom_id 
_atom_site.pdbx_PDB_model_num 
ATOM   1    O  "O5'" . G   A 1 2  ? 23.777  -0.515  5.625   1.00   75.25 ? 16  G   A "O5'" 1 
ATOM   2    C  "C5'" . G   A 1 2  ? 24.787  0.485   5.824   1.00   75.46 ? 16  G   A "C5'" 1 
ATOM   3    C  "C4'" . G   A 1 2  ? 25.898  0.500   4.772   1.00   75.24 ? 16  G   A "C4'" 1 
ATOM   4    O  "O4'" . G   A 1 2  ? 26.540  -0.789  4.596   1.00   75.70 ? 16  G   A "O4'" 1 
ATOM   5    C  "C3'" . G   A 1 2  ? 25.499  0.820   3.339   1.00   74.90 ? 16  G   A "C3'" 1 
ATOM   6    O  "O3'" . G   A 1 2  ? 25.166  2.187   3.162   1.00   73.84 ? 16  G   A "O3'" 1 
ATOM   7    C  "C2'" . G   A 1 2  ? 26.757  0.430   2.563   1.00   75.07 ? 16  G   A "C2'" 1 
ATOM   8    O  "O2'" . G   A 1 2  ? 27.705  1.475   2.493   1.00   74.61 ? 16  G   A "O2'" 1 
ATOM   9    C  "C1'" . G   A 1 2  ? 27.310  -0.727  3.396   1.00   75.62 ? 16  G   A "C1'" 1 
ATOM   10   N  N9    . G   A 1 2  ? 27.327  -2.026  2.702   1.00   75.69 ? 16  G   A N9    1 
ATOM   11   C  C8    . G   A 1 2  ? 26.566  -3.128  3.017   1.00   75.50 ? 16  G   A C8    1 
ATOM   12   N  N7    . G   A 1 2  ? 26.787  -4.155  2.245   1.00   75.55 ? 16  G   A N7    1 
ATOM   13   C  C5    . G   A 1 2  ? 27.759  -3.722  1.354   1.00   75.59 ? 16  G   A C5    1 
ATOM   14   C  C6    . G   A 1 2  ? 28.392  -4.414  0.283   1.00   75.83 ? 16  G   A C6    1 
ATOM   15   O  O6    . G   A 1 2  ? 28.204  -5.581  -0.094  1.00   75.83 ? 16  G   A O6    1 
ATOM   16   N  N1    . G   A 1 2  ? 29.330  -3.619  -0.387  1.00   75.73 ? 16  G   A N1    1 
ATOM   17   C  C2    . G   A 1 2  ? 29.619  -2.314  -0.053  1.00   75.50 ? 16  G   A C2    1 
ATOM   18   N  N2    . G   A 1 2  ? 30.548  -1.712  -0.809  1.00   75.23 ? 16  G   A N2    1 
ATOM   19   N  N3    . G   A 1 2  ? 29.032  -1.653  0.950   1.00   75.63 ? 16  G   A N3    1 
ATOM   20   C  C4    . G   A 1 2  ? 28.110  -2.410  1.618   1.00   75.64 ? 16  G   A C4    1 
ATOM   21   P  P     . A   A 1 3  ? 24.034  2.538   2.083   1.00   73.38 ? 17  A   A P     1 
ATOM   22   O  OP1   . A   A 1 3  ? 23.670  3.969   2.213   1.00   73.67 ? 17  A   A OP1   1 
ATOM   23   O  OP2   . A   A 1 3  ? 22.969  1.510   2.202   1.00   72.69 ? 17  A   A OP2   1 
ATOM   24   O  "O5'" . A   A 1 3  ? 24.807  2.331   0.688   1.00   71.91 ? 17  A   A "O5'" 1 
ATOM   25   C  "C5'" . A   A 1 3  ? 25.808  3.265   0.263   1.00   68.78 ? 17  A   A "C5'" 1 
ATOM   26   C  "C4'" . A   A 1 3  ? 26.496  2.819   -1.017  1.00   66.86 ? 17  A   A "C4'" 1 
ATOM   27   O  "O4'" . A   A 1 3  ? 27.331  1.659   -0.775  1.00   65.72 ? 17  A   A "O4'" 1 
ATOM   28   C  "C3'" . A   A 1 3  ? 25.581  2.341   -2.136  1.00   65.73 ? 17  A   A "C3'" 1 
ATOM   29   O  "O3'" . A   A 1 3  ? 24.989  3.422   -2.811  1.00   64.85 ? 17  A   A "O3'" 1 
ATOM   30   C  "C2'" . A   A 1 3  ? 26.552  1.560   -3.017  1.00   65.38 ? 17  A   A "C2'" 1 
ATOM   31   O  "O2'" . A   A 1 3  ? 27.371  2.354   -3.854  1.00   65.68 ? 17  A   A "O2'" 1 
ATOM   32   C  "C1'" . A   A 1 3  ? 27.371  0.851   -1.945  1.00   65.28 ? 17  A   A "C1'" 1 
ATOM   33   N  N9    . A   A 1 3  ? 26.800  -0.472  -1.676  1.00   64.23 ? 17  A   A N9    1 
ATOM   34   C  C8    . A   A 1 3  ? 25.858  -0.805  -0.732  1.00   63.71 ? 17  A   A C8    1 
ATOM   35   N  N7    . A   A 1 3  ? 25.524  -2.074  -0.731  1.00   63.23 ? 17  A   A N7    1 
ATOM   36   C  C5    . A   A 1 3  ? 26.296  -2.612  -1.752  1.00   62.79 ? 17  A   A C5    1 
ATOM   37   C  C6    . A   A 1 3  ? 26.413  -3.922  -2.264  1.00   61.96 ? 17  A   A C6    1 
ATOM   38   N  N6    . A   A 1 3  ? 25.712  -4.948  -1.778  1.00   61.17 ? 17  A   A N6    1 
ATOM   39   N  N1    . A   A 1 3  ? 27.272  -4.125  -3.291  1.00   61.68 ? 17  A   A N1    1 
ATOM   40   C  C2    . A   A 1 3  ? 27.976  -3.086  -3.774  1.00   62.06 ? 17  A   A C2    1 
ATOM   41   N  N3    . A   A 1 3  ? 27.956  -1.812  -3.375  1.00   61.99 ? 17  A   A N3    1 
ATOM   42   C  C4    . A   A 1 3  ? 27.087  -1.640  -2.352  1.00   63.19 ? 17  A   A C4    1 
ATOM   43   P  P     . C   A 1 4  ? 23.591  3.228   -3.565  1.00   63.34 ? 18  C   A P     1 
ATOM   44   O  OP1   . C   A 1 4  ? 23.057  4.592   -3.792  1.00   63.24 ? 18  C   A OP1   1 
ATOM   45   O  OP2   . C   A 1 4  ? 22.775  2.208   -2.850  1.00   62.50 ? 18  C   A OP2   1 
ATOM   46   O  "O5'" . C   A 1 4  ? 24.094  2.658   -4.969  1.00   61.11 ? 18  C   A "O5'" 1 
ATOM   47   C  "C5'" . C   A 1 4  ? 23.649  1.430   -5.441  1.00   58.51 ? 18  C   A "C5'" 1 
ATOM   48   C  "C4'" . C   A 1 4  ? 24.632  0.929   -6.474  1.00   56.92 ? 18  C   A "C4'" 1 
ATOM   49   O  "O4'" . C   A 1 4  ? 25.649  0.109   -5.845  1.00   56.05 ? 18  C   A "O4'" 1 
ATOM   50   C  "C3'" . C   A 1 4  ? 23.955  -0.011  -7.447  1.00   56.63 ? 18  C   A "C3'" 1 
ATOM   51   O  "O3'" . C   A 1 4  ? 23.458  0.714   -8.559  1.00   56.48 ? 18  C   A "O3'" 1 
ATOM   52   C  "C2'" . C   A 1 4  ? 25.010  -1.076  -7.755  1.00   55.47 ? 18  C   A "C2'" 1 
ATOM   53   O  "O2'" . C   A 1 4  ? 25.964  -0.673  -8.720  1.00   55.65 ? 18  C   A "O2'" 1 
ATOM   54   C  "C1'" . C   A 1 4  ? 25.622  -1.215  -6.363  1.00   54.24 ? 18  C   A "C1'" 1 
ATOM   55   N  N1    . C   A 1 4  ? 24.846  -2.128  -5.416  1.00   52.11 ? 18  C   A N1    1 
ATOM   56   C  C2    . C   A 1 4  ? 24.838  -3.523  -5.612  1.00   51.79 ? 18  C   A C2    1 
ATOM   57   O  O2    . C   A 1 4  ? 25.472  -4.014  -6.566  1.00   51.35 ? 18  C   A O2    1 
ATOM   58   N  N3    . C   A 1 4  ? 24.130  -4.306  -4.741  1.00   50.99 ? 18  C   A N3    1 
ATOM   59   C  C4    . C   A 1 4  ? 23.461  -3.761  -3.718  1.00   50.60 ? 18  C   A C4    1 
ATOM   60   N  N4    . C   A 1 4  ? 22.787  -4.570  -2.896  1.00   49.96 ? 18  C   A N4    1 
ATOM   61   C  C5    . C   A 1 4  ? 23.457  -2.352  -3.494  1.00   50.62 ? 18  C   A C5    1 
ATOM   62   C  C6    . C   A 1 4  ? 24.153  -1.603  -4.354  1.00   51.11 ? 18  C   A C6    1 
ATOM   63   P  P     . A   A 1 5  ? 21.887  0.583   -8.831  1.00   55.21 ? 19  A   A P     1 
ATOM   64   O  OP1   . A   A 1 5  ? 21.514  1.678   -9.751  1.00   56.43 ? 19  A   A OP1   1 
ATOM   65   O  OP2   . A   A 1 5  ? 21.174  0.429   -7.537  1.00   54.34 ? 19  A   A OP2   1 
ATOM   66   O  "O5'" . A   A 1 5  ? 21.839  -0.796  -9.640  1.00   53.17 ? 19  A   A "O5'" 1 
ATOM   67   C  "C5'" . A   A 1 5  ? 22.661  -0.977  -10.799 1.00   49.84 ? 19  A   A "C5'" 1 
ATOM   68   C  "C4'" . A   A 1 5  ? 22.720  -2.452  -11.133 1.00   48.67 ? 19  A   A "C4'" 1 
ATOM   69   O  "O4'" . A   A 1 5  ? 23.302  -3.179  -10.025 1.00   47.42 ? 19  A   A "O4'" 1 
ATOM   70   C  "C3'" . A   A 1 5  ? 21.356  -3.105  -11.257 1.00   47.49 ? 19  A   A "C3'" 1 
ATOM   71   O  "O3'" . A   A 1 5  ? 20.781  -2.867  -12.529 1.00   47.69 ? 19  A   A "O3'" 1 
ATOM   72   C  "C2'" . A   A 1 5  ? 21.673  -4.575  -11.047 1.00   46.66 ? 19  A   A "C2'" 1 
ATOM   73   O  "O2'" . A   A 1 5  ? 22.130  -5.205  -12.236 1.00   45.96 ? 19  A   A "O2'" 1 
ATOM   74   C  "C1'" . A   A 1 5  ? 22.731  -4.470  -9.953  1.00   44.86 ? 19  A   A "C1'" 1 
ATOM   75   N  N9    . A   A 1 5  ? 22.217  -4.653  -8.597  1.00   43.43 ? 19  A   A N9    1 
ATOM   76   C  C8    . A   A 1 5  ? 22.013  -3.687  -7.650  1.00   41.52 ? 19  A   A C8    1 
ATOM   77   N  N7    . A   A 1 5  ? 21.547  -4.157  -6.513  1.00   39.69 ? 19  A   A N7    1 
ATOM   78   C  C5    . A   A 1 5  ? 21.441  -5.521  -6.724  1.00   40.38 ? 19  A   A C5    1 
ATOM   79   C  C6    . A   A 1 5  ? 21.011  -6.585  -5.902  1.00   39.30 ? 19  A   A C6    1 
ATOM   80   N  N6    . A   A 1 5  ? 20.593  -6.418  -4.647  1.00   39.58 ? 19  A   A N6    1 
ATOM   81   N  N1    . A   A 1 5  ? 21.021  -7.835  -6.414  1.00   40.77 ? 19  A   A N1    1 
ATOM   82   C  C2    . A   A 1 5  ? 21.435  -8.014  -7.679  1.00   39.87 ? 19  A   A C2    1 
ATOM   83   N  N3    . A   A 1 5  ? 21.876  -7.093  -8.544  1.00   41.84 ? 19  A   A N3    1 
ATOM   84   C  C4    . A   A 1 5  ? 21.851  -5.851  -8.004  1.00   41.71 ? 19  A   A C4    1 
ATOM   85   P  P     . U   A 1 6  ? 19.198  -2.697  -12.599 1.00   44.54 ? 20  U   A P     1 
ATOM   86   O  OP1   . U   A 1 6  ? 18.832  -2.314  -13.977 1.00   45.06 ? 20  U   A OP1   1 
ATOM   87   O  OP2   . U   A 1 6  ? 18.800  -1.862  -11.442 1.00   44.97 ? 20  U   A OP2   1 
ATOM   88   O  "O5'" . U   A 1 6  ? 18.699  -4.191  -12.388 1.00   43.93 ? 20  U   A "O5'" 1 
ATOM   89   C  "C5'" . U   A 1 6  ? 19.012  -5.197  -13.371 1.00   41.26 ? 20  U   A "C5'" 1 
ATOM   90   C  "C4'" . U   A 1 6  ? 18.635  -6.547  -12.810 1.00   39.81 ? 20  U   A "C4'" 1 
ATOM   91   O  "O4'" . U   A 1 6  ? 19.332  -6.749  -11.560 1.00   38.93 ? 20  U   A "O4'" 1 
ATOM   92   C  "C3'" . U   A 1 6  ? 17.179  -6.642  -12.369 1.00   38.71 ? 20  U   A "C3'" 1 
ATOM   93   O  "O3'" . U   A 1 6  ? 16.285  -6.808  -13.457 1.00   38.03 ? 20  U   A "O3'" 1 
ATOM   94   C  "C2'" . U   A 1 6  ? 17.246  -7.857  -11.469 1.00   37.67 ? 20  U   A "C2'" 1 
ATOM   95   O  "O2'" . U   A 1 6  ? 17.378  -9.060  -12.185 1.00   38.44 ? 20  U   A "O2'" 1 
ATOM   96   C  "C1'" . U   A 1 6  ? 18.529  -7.562  -10.717 1.00   37.28 ? 20  U   A "C1'" 1 
ATOM   97   N  N1    . U   A 1 6  ? 18.271  -6.925  -9.371  1.00   34.40 ? 20  U   A N1    1 
ATOM   98   C  C2    . U   A 1 6  ? 17.962  -7.782  -8.339  1.00   34.72 ? 20  U   A C2    1 
ATOM   99   O  O2    . U   A 1 6  ? 17.889  -8.990  -8.493  1.00   33.77 ? 20  U   A O2    1 
ATOM   100  N  N3    . U   A 1 6  ? 17.722  -7.181  -7.123  1.00   33.91 ? 20  U   A N3    1 
ATOM   101  C  C4    . U   A 1 6  ? 17.791  -5.831  -6.839  1.00   34.15 ? 20  U   A C4    1 
ATOM   102  O  O4    . U   A 1 6  ? 17.554  -5.451  -5.690  1.00   34.33 ? 20  U   A O4    1 
ATOM   103  C  C5    . U   A 1 6  ? 18.122  -4.992  -7.973  1.00   34.22 ? 20  U   A C5    1 
ATOM   104  C  C6    . U   A 1 6  ? 18.342  -5.555  -9.177  1.00   33.95 ? 20  U   A C6    1 
ATOM   105  P  P     . A   A 1 7  ? 14.844  -6.097  -13.411 1.00   38.18 ? 21  A   A P     1 
ATOM   106  O  OP1   . A   A 1 7  ? 14.202  -6.435  -14.692 1.00   35.44 ? 21  A   A OP1   1 
ATOM   107  O  OP2   . A   A 1 7  ? 14.958  -4.687  -12.987 1.00   37.29 ? 21  A   A OP2   1 
ATOM   108  O  "O5'" . A   A 1 7  ? 14.132  -6.886  -12.223 1.00   36.58 ? 21  A   A "O5'" 1 
ATOM   109  C  "C5'" . A   A 1 7  ? 13.703  -8.235  -12.424 1.00   33.95 ? 21  A   A "C5'" 1 
ATOM   110  C  "C4'" . A   A 1 7  ? 13.126  -8.791  -11.143 1.00   34.28 ? 21  A   A "C4'" 1 
ATOM   111  O  "O4'" . A   A 1 7  ? 14.102  -8.690  -10.077 1.00   32.00 ? 21  A   A "O4'" 1 
ATOM   112  C  "C3'" . A   A 1 7  ? 11.942  -8.025  -10.555 1.00   33.68 ? 21  A   A "C3'" 1 
ATOM   113  O  "O3'" . A   A 1 7  ? 10.739  -8.231  -11.317 1.00   33.59 ? 21  A   A "O3'" 1 
ATOM   114  C  "C2'" . A   A 1 7  ? 11.903  -8.663  -9.165  1.00   32.50 ? 21  A   A "C2'" 1 
ATOM   115  O  "O2'" . A   A 1 7  ? 11.223  -9.910  -9.115  1.00   34.58 ? 21  A   A "O2'" 1 
ATOM   116  C  "C1'" . A   A 1 7  ? 13.400  -8.858  -8.861  1.00   30.34 ? 21  A   A "C1'" 1 
ATOM   117  N  N9    . A   A 1 7  ? 13.891  -7.872  -7.914  1.00   27.50 ? 21  A   A N9    1 
ATOM   118  C  C8    . A   A 1 7  ? 14.400  -6.653  -8.217  1.00   27.29 ? 21  A   A C8    1 
ATOM   119  N  N7    . A   A 1 7  ? 14.736  -5.959  -7.162  1.00   28.73 ? 21  A   A N7    1 
ATOM   120  C  C5    . A   A 1 7  ? 14.428  -6.788  -6.098  1.00   25.91 ? 21  A   A C5    1 
ATOM   121  C  C6    . A   A 1 7  ? 14.540  -6.627  -4.699  1.00   25.93 ? 21  A   A C6    1 
ATOM   122  N  N6    . A   A 1 7  ? 15.049  -5.527  -4.138  1.00   26.07 ? 21  A   A N6    1 
ATOM   123  N  N1    . A   A 1 7  ? 14.115  -7.643  -3.897  1.00   26.47 ? 21  A   A N1    1 
ATOM   124  C  C2    . A   A 1 7  ? 13.610  -8.741  -4.473  1.00   27.89 ? 21  A   A C2    1 
ATOM   125  N  N3    . A   A 1 7  ? 13.457  -9.002  -5.785  1.00   27.50 ? 21  A   A N3    1 
ATOM   126  C  C4    . A   A 1 7  ? 13.892  -7.973  -6.544  1.00   26.26 ? 21  A   A C4    1 
ATOM   127  P  P     . U   A 1 8  ? 10.004  -7.026  -12.075 1.00   35.05 ? 22  U   A P     1 
ATOM   128  O  OP1   . U   A 1 8  ? 8.903   -7.668  -12.804 1.00   34.92 ? 22  U   A OP1   1 
ATOM   129  O  OP2   . U   A 1 8  ? 10.955  -6.172  -12.815 1.00   32.76 ? 22  U   A OP2   1 
ATOM   130  O  "O5'" . U   A 1 8  ? 9.415   -6.153  -10.863 1.00   35.16 ? 22  U   A "O5'" 1 
ATOM   131  C  "C5'" . U   A 1 8  ? 9.286   -4.717  -10.949 1.00   34.14 ? 22  U   A "C5'" 1 
ATOM   132  C  "C4'" . U   A 1 8  ? 9.396   -4.094  -9.562  1.00   33.82 ? 22  U   A "C4'" 1 
ATOM   133  O  "O4'" . U   A 1 8  ? 8.350   -4.666  -8.741  1.00   31.59 ? 22  U   A "O4'" 1 
ATOM   134  C  "C3'" . U   A 1 8  ? 10.711  -4.352  -8.815  1.00   33.01 ? 22  U   A "C3'" 1 
ATOM   135  O  "O3'" . U   A 1 8  ? 11.090  -3.273  -7.942  1.00   35.03 ? 22  U   A "O3'" 1 
ATOM   136  C  "C2'" . U   A 1 8  ? 10.385  -5.559  -7.961  1.00   31.89 ? 22  U   A "C2'" 1 
ATOM   137  O  "O2'" . U   A 1 8  ? 11.277  -5.660  -6.860  1.00   29.52 ? 22  U   A "O2'" 1 
ATOM   138  C  "C1'" . U   A 1 8  ? 8.921   -5.221  -7.586  1.00   31.18 ? 22  U   A "C1'" 1 
ATOM   139  N  N1    . U   A 1 8  ? 8.182   -6.430  -7.219  1.00   30.66 ? 22  U   A N1    1 
ATOM   140  C  C2    . U   A 1 8  ? 7.895   -6.671  -5.881  1.00   28.63 ? 22  U   A C2    1 
ATOM   141  O  O2    . U   A 1 8  ? 8.171   -5.920  -4.960  1.00   30.47 ? 22  U   A O2    1 
ATOM   142  N  N3    . U   A 1 8  ? 7.235   -7.846  -5.654  1.00   28.92 ? 22  U   A N3    1 
ATOM   143  C  C4    . U   A 1 8  ? 6.863   -8.790  -6.599  1.00   28.19 ? 22  U   A C4    1 
ATOM   144  O  O4    . U   A 1 8  ? 6.300   -9.809  -6.240  1.00   27.88 ? 22  U   A O4    1 
ATOM   145  C  C5    . U   A 1 8  ? 7.210   -8.483  -7.959  1.00   26.79 ? 22  U   A C5    1 
ATOM   146  C  C6    . U   A 1 8  ? 7.836   -7.338  -8.210  1.00   27.72 ? 22  U   A C6    1 
ATOM   147  P  P     . A   A 1 9  ? 11.838  -1.977  -8.462  1.00   35.13 ? 23  A   A P     1 
ATOM   148  O  OP1   . A   A 1 9  ? 12.392  -2.288  -9.814  1.00   33.99 ? 23  A   A OP1   1 
ATOM   149  O  OP2   . A   A 1 9  ? 12.716  -1.473  -7.375  1.00   33.70 ? 23  A   A OP2   1 
ATOM   150  O  "O5'" . A   A 1 9  ? 10.683  -0.889  -8.644  1.00   35.54 ? 23  A   A "O5'" 1 
ATOM   151  C  "C5'" . A   A 1 9  ? 9.701   -0.711  -7.615  1.00   33.99 ? 23  A   A "C5'" 1 
ATOM   152  C  "C4'" . A   A 1 9  ? 8.474   -0.067  -8.206  1.00   32.07 ? 23  A   A "C4'" 1 
ATOM   153  O  "O4'" . A   A 1 9  ? 8.012   -0.934  -9.249  1.00   31.29 ? 23  A   A "O4'" 1 
ATOM   154  C  "C3'" . A   A 1 9  ? 7.277   0.027   -7.274  1.00   31.85 ? 23  A   A "C3'" 1 
ATOM   155  O  "O3'" . A   A 1 9  ? 7.356   1.193   -6.429  1.00   32.46 ? 23  A   A "O3'" 1 
ATOM   156  C  "C2'" . A   A 1 9  ? 6.118   0.085   -8.257  1.00   30.47 ? 23  A   A "C2'" 1 
ATOM   157  O  "O2'" . A   A 1 9  ? 5.868   1.402   -8.718  1.00   31.86 ? 23  A   A "O2'" 1 
ATOM   158  C  "C1'" . A   A 1 9  ? 6.615   -0.788  -9.416  1.00   31.10 ? 23  A   A "C1'" 1 
ATOM   159  N  N9    . A   A 1 9  ? 6.027   -2.128  -9.533  1.00   28.42 ? 23  A   A N9    1 
ATOM   160  C  C8    . A   A 1 9  ? 5.659   -2.723  -10.702 1.00   28.62 ? 23  A   A C8    1 
ATOM   161  N  N7    . A   A 1 9  ? 5.173   -3.932  -10.571 1.00   28.87 ? 23  A   A N7    1 
ATOM   162  C  C5    . A   A 1 9  ? 5.219   -4.145  -9.196  1.00   28.29 ? 23  A   A C5    1 
ATOM   163  C  C6    . A   A 1 9  ? 4.824   -5.226  -8.389  1.00   26.88 ? 23  A   A C6    1 
ATOM   164  N  N6    . A   A 1 9  ? 4.298   -6.341  -8.863  1.00   28.33 ? 23  A   A N6    1 
ATOM   165  N  N1    . A   A 1 9  ? 5.003   -5.135  -7.051  1.00   27.69 ? 23  A   A N1    1 
ATOM   166  C  C2    . A   A 1 9  ? 5.536   -4.017  -6.535  1.00   25.04 ? 23  A   A C2    1 
ATOM   167  N  N3    . A   A 1 9  ? 5.929   -2.931  -7.201  1.00   26.62 ? 23  A   A N3    1 
ATOM   168  C  C4    . A   A 1 9  ? 5.738   -3.051  -8.537  1.00   27.58 ? 23  A   A C4    1 
ATOM   169  P  P     . A   A 1 10 ? 7.713   1.039   -4.875  1.00   31.62 ? 24  A   A P     1 
ATOM   170  O  OP1   . A   A 1 10 ? 7.915   2.380   -4.283  1.00   33.16 ? 24  A   A OP1   1 
ATOM   171  O  OP2   . A   A 1 10 ? 8.814   0.087   -4.719  1.00   32.40 ? 24  A   A OP2   1 
ATOM   172  O  "O5'" . A   A 1 10 ? 6.332   0.425   -4.314  1.00   30.12 ? 24  A   A "O5'" 1 
ATOM   173  C  "C5'" . A   A 1 10 ? 6.023   -0.983  -4.373  1.00   26.55 ? 24  A   A "C5'" 1 
ATOM   174  C  "C4'" . A   A 1 10 ? 5.742   -1.531  -2.983  1.00   25.43 ? 24  A   A "C4'" 1 
ATOM   175  O  "O4'" . A   A 1 10 ? 6.991   -1.622  -2.263  1.00   26.41 ? 24  A   A "O4'" 1 
ATOM   176  C  "C3'" . A   A 1 10 ? 4.932   -0.641  -2.059  1.00   25.35 ? 24  A   A "C3'" 1 
ATOM   177  O  "O3'" . A   A 1 10 ? 3.557   -0.747  -2.327  1.00   25.66 ? 24  A   A "O3'" 1 
ATOM   178  C  "C2'" . A   A 1 10 ? 5.275   -1.250  -0.704  1.00   26.07 ? 24  A   A "C2'" 1 
ATOM   179  O  "O2'" . A   A 1 10 ? 4.743   -2.544  -0.601  1.00   27.89 ? 24  A   A "O2'" 1 
ATOM   180  C  "C1'" . A   A 1 10 ? 6.764   -1.438  -0.875  1.00   26.25 ? 24  A   A "C1'" 1 
ATOM   181  N  N9    . A   A 1 10 ? 7.664   -0.419  -0.381  1.00   26.34 ? 24  A   A N9    1 
ATOM   182  C  C8    . A   A 1 10 ? 8.464   0.417   -1.134  1.00   26.94 ? 24  A   A C8    1 
ATOM   183  N  N7    . A   A 1 10 ? 9.223   1.203   -0.405  1.00   26.06 ? 24  A   A N7    1 
ATOM   184  C  C5    . A   A 1 10 ? 8.910   0.860   0.892   1.00   27.42 ? 24  A   A C5    1 
ATOM   185  C  C6    . A   A 1 10 ? 9.388   1.332   2.135   1.00   28.64 ? 24  A   A C6    1 
ATOM   186  N  N6    . A   A 1 10 ? 10.313  2.284   2.239   1.00   28.80 ? 24  A   A N6    1 
ATOM   187  N  N1    . A   A 1 10 ? 8.880   0.781   3.262   1.00   28.49 ? 24  A   A N1    1 
ATOM   188  C  C2    . A   A 1 10 ? 7.959   -0.198  3.141   1.00   27.53 ? 24  A   A C2    1 
ATOM   189  N  N3    . A   A 1 10 ? 7.438   -0.750  2.034   1.00   28.62 ? 24  A   A N3    1 
ATOM   190  C  C4    . A   A 1 10 ? 7.960   -0.148  0.931   1.00   26.43 ? 24  A   A C4    1 
ATOM   191  P  P     . U   A 1 11 ? 2.615   0.521   -2.557  1.00   27.27 ? 25  U   A P     1 
ATOM   192  O  OP1   . U   A 1 11 ? 3.397   1.770   -2.410  1.00   24.85 ? 25  U   A OP1   1 
ATOM   193  O  OP2   . U   A 1 11 ? 1.360   0.305   -1.782  1.00   26.82 ? 25  U   A OP2   1 
ATOM   194  O  "O5'" . U   A 1 11 ? 2.198   0.237   -4.067  1.00   27.57 ? 25  U   A "O5'" 1 
ATOM   195  C  "C5'" . U   A 1 11 ? 2.942   0.779   -5.135  1.00   27.54 ? 25  U   A "C5'" 1 
ATOM   196  C  "C4'" . U   A 1 11 ? 2.742   -0.037  -6.408  1.00   28.77 ? 25  U   A "C4'" 1 
ATOM   197  O  "O4'" . U   A 1 11 ? 3.432   -1.324  -6.391  1.00   29.79 ? 25  U   A "O4'" 1 
ATOM   198  C  "C3'" . U   A 1 11 ? 1.312   -0.390  -6.749  1.00   28.85 ? 25  U   A "C3'" 1 
ATOM   199  O  "O3'" . U   A 1 11 ? 0.716   0.766   -7.315  1.00   30.80 ? 25  U   A "O3'" 1 
ATOM   200  C  "C2'" . U   A 1 11 ? 1.537   -1.544  -7.724  1.00   28.60 ? 25  U   A "C2'" 1 
ATOM   201  O  "O2'" . U   A 1 11 ? 2.100   -1.146  -8.947  1.00   28.13 ? 25  U   A "O2'" 1 
ATOM   202  C  "C1'" . U   A 1 11 ? 2.626   -2.312  -6.995  1.00   26.17 ? 25  U   A "C1'" 1 
ATOM   203  N  N1    . U   A 1 11 ? 2.155   -3.348  -5.998  1.00   27.26 ? 25  U   A N1    1 
ATOM   204  C  C2    . U   A 1 11 ? 1.565   -4.483  -6.497  1.00   29.16 ? 25  U   A C2    1 
ATOM   205  O  O2    . U   A 1 11 ? 1.397   -4.682  -7.694  1.00   28.60 ? 25  U   A O2    1 
ATOM   206  N  N3    . U   A 1 11 ? 1.162   -5.392  -5.550  1.00   27.80 ? 25  U   A N3    1 
ATOM   207  C  C4    . U   A 1 11 ? 1.304   -5.281  -4.177  1.00   28.63 ? 25  U   A C4    1 
ATOM   208  O  O4    . U   A 1 11 ? 0.888   -6.185  -3.469  1.00   28.15 ? 25  U   A O4    1 
ATOM   209  C  C5    . U   A 1 11 ? 1.949   -4.072  -3.713  1.00   29.87 ? 25  U   A C5    1 
ATOM   210  C  C6    . U   A 1 11 ? 2.350   -3.179  -4.640  1.00   29.90 ? 25  U   A C6    1 
ATOM   211  P  P     . C   A 1 12 ? -0.773  1.220   -6.936  1.00   31.70 ? 26  C   A P     1 
ATOM   212  O  OP1   . C   A 1 12 ? -1.074  2.383   -7.810  1.00   31.79 ? 26  C   A OP1   1 
ATOM   213  O  OP2   . C   A 1 12 ? -0.938  1.310   -5.460  1.00   32.54 ? 26  C   A OP2   1 
ATOM   214  O  "O5'" . C   A 1 12 ? -1.641  -0.046  -7.399  1.00   28.04 ? 26  C   A "O5'" 1 
ATOM   215  C  "C5'" . C   A 1 12 ? -1.811  -0.306  -8.730  1.00   30.01 ? 26  C   A "C5'" 1 
ATOM   216  C  "C4'" . C   A 1 12 ? -2.395  -1.695  -8.819  1.00   29.73 ? 26  C   A "C4'" 1 
ATOM   217  O  "O4'" . C   A 1 12 ? -1.492  -2.680  -8.247  1.00   29.59 ? 26  C   A "O4'" 1 
ATOM   218  C  "C3'" . C   A 1 12 ? -3.631  -1.911  -7.955  1.00   32.57 ? 26  C   A "C3'" 1 
ATOM   219  O  "O3'" . C   A 1 12 ? -4.768  -1.260  -8.508  1.00   32.40 ? 26  C   A "O3'" 1 
ATOM   220  C  "C2'" . C   A 1 12 ? -3.697  -3.437  -8.011  1.00   32.23 ? 26  C   A "C2'" 1 
ATOM   221  O  "O2'" . C   A 1 12 ? -4.028  -3.855  -9.314  1.00   35.87 ? 26  C   A "O2'" 1 
ATOM   222  C  "C1'" . C   A 1 12 ? -2.231  -3.739  -7.662  1.00   31.69 ? 26  C   A "C1'" 1 
ATOM   223  N  N1    . C   A 1 12 ? -1.982  -3.801  -6.150  1.00   30.15 ? 26  C   A N1    1 
ATOM   224  C  C2    . C   A 1 12 ? -2.223  -5.011  -5.455  1.00   30.48 ? 26  C   A C2    1 
ATOM   225  O  O2    . C   A 1 12 ? -2.614  -6.011  -6.105  1.00   27.41 ? 26  C   A O2    1 
ATOM   226  N  N3    . C   A 1 12 ? -2.019  -5.039  -4.097  1.00   27.42 ? 26  C   A N3    1 
ATOM   227  C  C4    . C   A 1 12 ? -1.599  -3.947  -3.445  1.00   30.00 ? 26  C   A C4    1 
ATOM   228  N  N4    . C   A 1 12 ? -1.385  -4.041  -2.130  1.00   29.71 ? 26  C   A N4    1 
ATOM   229  C  C5    . C   A 1 12 ? -1.337  -2.701  -4.128  1.00   30.76 ? 26  C   A C5    1 
ATOM   230  C  C6    . C   A 1 12 ? -1.558  -2.689  -5.456  1.00   31.51 ? 26  C   A C6    1 
ATOM   231  P  P     . G   A 1 13 ? -6.008  -0.873  -7.564  1.00   33.51 ? 27  G   A P     1 
ATOM   232  O  OP1   . G   A 1 13 ? -6.561  0.393   -8.076  1.00   32.22 ? 27  G   A OP1   1 
ATOM   233  O  OP2   . G   A 1 13 ? -5.631  -0.954  -6.126  1.00   33.24 ? 27  G   A OP2   1 
ATOM   234  O  "O5'" . G   A 1 13 ? -6.914  -2.139  -7.938  1.00   30.07 ? 27  G   A "O5'" 1 
ATOM   235  C  "C5'" . G   A 1 13 ? -7.222  -2.342  -9.322  1.00   30.42 ? 27  G   A "C5'" 1 
ATOM   236  C  "C4'" . G   A 1 13 ? -8.065  -3.599  -9.455  1.00   26.98 ? 27  G   A "C4'" 1 
ATOM   237  O  "O4'" . G   A 1 13 ? -7.118  -4.691  -9.334  1.00   30.57 ? 27  G   A "O4'" 1 
ATOM   238  C  "C3'" . G   A 1 13 ? -9.154  -3.905  -8.399  1.00   26.08 ? 27  G   A "C3'" 1 
ATOM   239  O  "O3'" . G   A 1 13 ? -10.467 -3.172  -8.575  1.00   22.12 ? 27  G   A "O3'" 1 
ATOM   240  C  "C2'" . G   A 1 13 ? -9.223  -5.411  -8.687  1.00   29.15 ? 27  G   A "C2'" 1 
ATOM   241  O  "O2'" . G   A 1 13 ? -9.768  -5.621  -9.981  1.00   29.12 ? 27  G   A "O2'" 1 
ATOM   242  C  "C1'" . G   A 1 13 ? -7.750  -5.818  -8.699  1.00   30.10 ? 27  G   A "C1'" 1 
ATOM   243  N  N9    . G   A 1 13 ? -7.202  -6.086  -7.350  1.00   30.08 ? 27  G   A N9    1 
ATOM   244  C  C8    . G   A 1 13 ? -6.429  -5.210  -6.628  1.00   28.93 ? 27  G   A C8    1 
ATOM   245  N  N7    . G   A 1 13 ? -6.078  -5.668  -5.457  1.00   30.62 ? 27  G   A N7    1 
ATOM   246  C  C5    . G   A 1 13 ? -6.660  -6.937  -5.377  1.00   27.14 ? 27  G   A C5    1 
ATOM   247  C  C6    . G   A 1 13 ? -6.624  -7.889  -4.323  1.00   26.19 ? 27  G   A C6    1 
ATOM   248  O  O6    . G   A 1 13 ? -6.039  -7.764  -3.247  1.00   29.37 ? 27  G   A O6    1 
ATOM   249  N  N1    . G   A 1 13 ? -7.331  -9.074  -4.589  1.00   24.24 ? 27  G   A N1    1 
ATOM   250  C  C2    . G   A 1 13 ? -8.003  -9.300  -5.762  1.00   25.51 ? 27  G   A C2    1 
ATOM   251  N  N2    . G   A 1 13 ? -8.629  -10.495 -5.847  1.00   21.66 ? 27  G   A N2    1 
ATOM   252  N  N3    . G   A 1 13 ? -8.046  -8.391  -6.769  1.00   27.08 ? 27  G   A N3    1 
ATOM   253  C  C4    . G   A 1 13 ? -7.358  -7.228  -6.521  1.00   28.60 ? 27  G   A C4    1 
ATOM   254  P  P     . C   A 1 14 ? -11.239 -2.646  -7.238  1.00   26.20 ? 28  C   A P     1 
ATOM   255  O  OP1   . C   A 1 14 ? -12.365 -1.730  -7.561  1.00   19.29 ? 28  C   A OP1   1 
ATOM   256  O  OP2   . C   A 1 14 ? -10.173 -2.193  -6.287  1.00   30.76 ? 28  C   A OP2   1 
ATOM   257  O  "O5'" . C   A 1 14 ? -11.863 -4.011  -6.655  1.00   23.57 ? 28  C   A "O5'" 1 
ATOM   258  C  "C5'" . C   A 1 14 ? -12.495 -4.961  -7.556  1.00   19.73 ? 28  C   A "C5'" 1 
ATOM   259  C  "C4'" . C   A 1 14 ? -12.783 -6.355  -6.969  1.00   18.15 ? 28  C   A "C4'" 1 
ATOM   260  O  "O4'" . C   A 1 14 ? -11.571 -7.119  -6.800  1.00   16.68 ? 28  C   A "O4'" 1 
ATOM   261  C  "C3'" . C   A 1 14 ? -13.461 -6.442  -5.589  1.00   16.63 ? 28  C   A "C3'" 1 
ATOM   262  O  "O3'" . C   A 1 14 ? -14.822 -6.260  -5.683  1.00   18.20 ? 28  C   A "O3'" 1 
ATOM   263  C  "C2'" . C   A 1 14 ? -13.059 -7.858  -5.174  1.00   18.19 ? 28  C   A "C2'" 1 
ATOM   264  O  "O2'" . C   A 1 14 ? -13.758 -8.891  -5.861  1.00   19.38 ? 28  C   A "O2'" 1 
ATOM   265  C  "C1'" . C   A 1 14 ? -11.610 -7.878  -5.603  1.00   17.64 ? 28  C   A "C1'" 1 
ATOM   266  N  N1    . C   A 1 14 ? -10.702 -7.296  -4.567  1.00   16.97 ? 28  C   A N1    1 
ATOM   267  C  C2    . C   A 1 14 ? -10.426 -8.071  -3.424  1.00   19.06 ? 28  C   A C2    1 
ATOM   268  O  O2    . C   A 1 14 ? -10.902 -9.211  -3.301  1.00   19.82 ? 28  C   A O2    1 
ATOM   269  N  N3    . C   A 1 14 ? -9.585  -7.548  -2.489  1.00   16.99 ? 28  C   A N3    1 
ATOM   270  C  C4    . C   A 1 14 ? -9.072  -6.333  -2.593  1.00   16.70 ? 28  C   A C4    1 
ATOM   271  N  N4    . C   A 1 14 ? -8.246  -5.897  -1.628  1.00   17.99 ? 28  C   A N4    1 
ATOM   272  C  C5    . C   A 1 14 ? -9.340  -5.524  -3.741  1.00   18.30 ? 28  C   A C5    1 
ATOM   273  C  C6    . C   A 1 14 ? -10.158 -6.041  -4.680  1.00   17.13 ? 28  C   A C6    1 
ATOM   274  P  P     . G   A 1 15 ? -15.773 -5.640  -4.569  1.00   18.40 ? 29  G   A P     1 
ATOM   275  O  OP1   . G   A 1 15 ? -17.130 -5.325  -5.057  1.00   21.31 ? 29  G   A OP1   1 
ATOM   276  O  OP2   . G   A 1 15 ? -15.023 -4.613  -3.771  1.00   18.51 ? 29  G   A OP2   1 
ATOM   277  O  "O5'" . G   A 1 15 ? -15.774 -6.910  -3.580  1.00   18.06 ? 29  G   A "O5'" 1 
ATOM   278  C  "C5'" . G   A 1 15 ? -16.467 -8.118  -3.870  1.00   18.08 ? 29  G   A "C5'" 1 
ATOM   279  C  "C4'" . G   A 1 15 ? -16.327 -9.085  -2.720  1.00   16.84 ? 29  G   A "C4'" 1 
ATOM   280  O  "O4'" . G   A 1 15 ? -14.940 -9.472  -2.539  1.00   17.89 ? 29  G   A "O4'" 1 
ATOM   281  C  "C3'" . G   A 1 15 ? -16.764 -8.549  -1.382  1.00   15.84 ? 29  G   A "C3'" 1 
ATOM   282  O  "O3'" . G   A 1 15 ? -18.139 -8.606  -1.227  1.00   12.71 ? 29  G   A "O3'" 1 
ATOM   283  C  "C2'" . G   A 1 15 ? -16.061 -9.524  -0.456  1.00   16.49 ? 29  G   A "C2'" 1 
ATOM   284  O  "O2'" . G   A 1 15 ? -16.641 -10.829 -0.407  1.00   17.37 ? 29  G   A "O2'" 1 
ATOM   285  C  "C1'" . G   A 1 15 ? -14.705 -9.577  -1.138  1.00   18.21 ? 29  G   A "C1'" 1 
ATOM   286  N  N9    . G   A 1 15 ? -13.745 -8.520  -0.778  1.00   12.45 ? 29  G   A N9    1 
ATOM   287  C  C8    . G   A 1 15 ? -13.371 -7.407  -1.502  1.00   15.01 ? 29  G   A C8    1 
ATOM   288  N  N7    . G   A 1 15 ? -12.463 -6.685  -0.877  1.00   15.83 ? 29  G   A N7    1 
ATOM   289  C  C5    . G   A 1 15 ? -12.232 -7.382  0.307   1.00   13.75 ? 29  G   A C5    1 
ATOM   290  C  C6    . G   A 1 15 ? -11.306 -7.138  1.367   1.00   16.74 ? 29  G   A C6    1 
ATOM   291  O  O6    . G   A 1 15 ? -10.523 -6.188  1.541   1.00   16.08 ? 29  G   A O6    1 
ATOM   292  N  N1    . G   A 1 15 ? -11.441 -8.071  2.391   1.00   16.57 ? 29  G   A N1    1 
ATOM   293  C  C2    . G   A 1 15 ? -12.263 -9.184  2.386   1.00   17.17 ? 29  G   A C2    1 
ATOM   294  N  N2    . G   A 1 15 ? -12.174 -10.006 3.459   1.00   17.42 ? 29  G   A N2    1 
ATOM   295  N  N3    . G   A 1 15 ? -13.080 -9.479  1.381   1.00   14.60 ? 29  G   A N3    1 
ATOM   296  C  C4    . G   A 1 15 ? -13.017 -8.515  0.386   1.00   16.08 ? 29  G   A C4    1 
ATOM   297  P  P     . U   A 1 16 ? -19.048 -7.422  -0.721  1.00   15.65 ? 30  U   A P     1 
ATOM   298  O  OP1   . U   A 1 16 ? -20.482 -7.717  -0.992  1.00   18.59 ? 30  U   A OP1   1 
ATOM   299  O  OP2   . U   A 1 16 ? -18.505 -6.093  -1.107  1.00   17.36 ? 30  U   A OP2   1 
ATOM   300  O  "O5'" . U   A 1 16 ? -18.787 -7.528  0.841   1.00   16.17 ? 30  U   A "O5'" 1 
ATOM   301  C  "C5'" . U   A 1 16 ? -19.484 -8.490  1.637   1.00   17.96 ? 30  U   A "C5'" 1 
ATOM   302  C  "C4'" . U   A 1 16 ? -18.825 -8.599  3.015   1.00   14.72 ? 30  U   A "C4'" 1 
ATOM   303  O  "O4'" . U   A 1 16 ? -17.432 -8.910  2.906   1.00   13.56 ? 30  U   A "O4'" 1 
ATOM   304  C  "C3'" . U   A 1 16 ? -18.798 -7.309  3.814   1.00   13.72 ? 30  U   A "C3'" 1 
ATOM   305  O  "O3'" . U   A 1 16 ? -20.040 -6.963  4.346   1.00   16.35 ? 30  U   A "O3'" 1 
ATOM   306  C  "C2'" . U   A 1 16 ? -17.787 -7.715  4.893   1.00   12.33 ? 30  U   A "C2'" 1 
ATOM   307  O  "O2'" . U   A 1 16 ? -18.308 -8.567  5.939   1.00   13.85 ? 30  U   A "O2'" 1 
ATOM   308  C  "C1'" . U   A 1 16 ? -16.731 -8.413  4.026   1.00   12.55 ? 30  U   A "C1'" 1 
ATOM   309  N  N1    . U   A 1 16 ? -15.760 -7.386  3.464   1.00   13.67 ? 30  U   A N1    1 
ATOM   310  C  C2    . U   A 1 16 ? -14.741 -6.997  4.299   1.00   16.68 ? 30  U   A C2    1 
ATOM   311  O  O2    . U   A 1 16 ? -14.593 -7.456  5.438   1.00   17.06 ? 30  U   A O2    1 
ATOM   312  N  N3    . U   A 1 16 ? -13.886 -6.058  3.767   1.00   13.72 ? 30  U   A N3    1 
ATOM   313  C  C4    . U   A 1 16 ? -14.005 -5.452  2.511   1.00   13.74 ? 30  U   A C4    1 
ATOM   314  O  O4    . U   A 1 16 ? -13.185 -4.594  2.181   1.00   12.58 ? 30  U   A O4    1 
ATOM   315  C  C5    . U   A 1 16 ? -15.107 -5.905  1.705   1.00   12.42 ? 30  U   A C5    1 
ATOM   316  C  C6    . U   A 1 16 ? -15.928 -6.852  2.195   1.00   11.81 ? 30  U   A C6    1 
ATOM   317  P  P     . G   A 1 17 ? -20.516 -5.450  4.476   1.00   19.93 ? 31  G   A P     1 
ATOM   318  O  OP1   . G   A 1 17 ? -21.944 -5.463  4.840   1.00   23.07 ? 31  G   A OP1   1 
ATOM   319  O  OP2   . G   A 1 17 ? -20.025 -4.675  3.284   1.00   16.78 ? 31  G   A OP2   1 
ATOM   320  O  "O5'" . G   A 1 17 ? -19.651 -4.970  5.706   1.00   17.52 ? 31  G   A "O5'" 1 
ATOM   321  C  "C5'" . G   A 1 17 ? -20.026 -5.387  7.012   1.00   20.18 ? 31  G   A "C5'" 1 
ATOM   322  C  "C4'" . G   A 1 17 ? -18.831 -5.224  7.935   1.00   20.45 ? 31  G   A "C4'" 1 
ATOM   323  O  "O4'" . G   A 1 17 ? -17.619 -5.805  7.392   1.00   17.49 ? 31  G   A "O4'" 1 
ATOM   324  C  "C3'" . G   A 1 17 ? -18.474 -3.774  8.184   1.00   19.13 ? 31  G   A "C3'" 1 
ATOM   325  O  "O3'" . G   A 1 17 ? -19.381 -3.239  9.111   1.00   19.92 ? 31  G   A "O3'" 1 
ATOM   326  C  "C2'" . G   A 1 17 ? -17.074 -3.964  8.763   1.00   19.06 ? 31  G   A "C2'" 1 
ATOM   327  O  "O2'" . G   A 1 17 ? -17.062 -4.468  10.089  1.00   21.03 ? 31  G   A "O2'" 1 
ATOM   328  C  "C1'" . G   A 1 17 ? -16.516 -4.967  7.759   1.00   18.95 ? 31  G   A "C1'" 1 
ATOM   329  N  N9    . G   A 1 17 ? -16.020 -4.231  6.578   1.00   17.89 ? 31  G   A N9    1 
ATOM   330  C  C8    . G   A 1 17 ? -16.534 -4.156  5.309   1.00   16.28 ? 31  G   A C8    1 
ATOM   331  N  N7    . G   A 1 17 ? -15.822 -3.356  4.541   1.00   16.42 ? 31  G   A N7    1 
ATOM   332  C  C5    . G   A 1 17 ? -14.759 -2.914  5.321   1.00   12.61 ? 31  G   A C5    1 
ATOM   333  C  C6    . G   A 1 17 ? -13.704 -1.998  5.047   1.00   16.15 ? 31  G   A C6    1 
ATOM   334  O  O6    . G   A 1 17 ? -13.428 -1.444  3.945   1.00   12.94 ? 31  G   A O6    1 
ATOM   335  N  N1    . G   A 1 17 ? -12.869 -1.798  6.180   1.00   14.85 ? 31  G   A N1    1 
ATOM   336  C  C2    . G   A 1 17 ? -13.090 -2.360  7.422   1.00   15.35 ? 31  G   A C2    1 
ATOM   337  N  N2    . G   A 1 17 ? -12.233 -2.066  8.451   1.00   17.29 ? 31  G   A N2    1 
ATOM   338  N  N3    . G   A 1 17 ? -14.089 -3.202  7.655   1.00   15.59 ? 31  G   A N3    1 
ATOM   339  C  C4    . G   A 1 17 ? -14.891 -3.431  6.583   1.00   15.32 ? 31  G   A C4    1 
ATOM   340  P  P     . G   A 1 18 ? -19.730 -1.678  9.157   1.00   22.32 ? 32  G   A P     1 
ATOM   341  O  OP1   . G   A 1 18 ? -20.723 -1.524  10.266  1.00   23.97 ? 32  G   A OP1   1 
ATOM   342  O  OP2   . G   A 1 18 ? -19.999 -0.990  7.866   1.00   22.68 ? 32  G   A OP2   1 
ATOM   343  O  "O5'" . G   A 1 18 ? -18.336 -1.028  9.670   1.00   19.90 ? 32  G   A "O5'" 1 
ATOM   344  C  "C5'" . G   A 1 18 ? -17.753 -1.338  10.952  1.00   20.18 ? 32  G   A "C5'" 1 
ATOM   345  C  "C4'" . G   A 1 18 ? -16.446 -0.555  11.115  1.00   21.71 ? 32  G   A "C4'" 1 
ATOM   346  O  "O4'" . G   A 1 18 ? -15.482 -1.056  10.149  1.00   19.91 ? 32  G   A "O4'" 1 
ATOM   347  C  "C3'" . G   A 1 18 ? -16.550 0.897   10.750  1.00   20.95 ? 32  G   A "C3'" 1 
ATOM   348  O  "O3'" . G   A 1 18 ? -17.072 1.690   11.857  1.00   21.47 ? 32  G   A "O3'" 1 
ATOM   349  C  "C2'" . G   A 1 18 ? -15.086 1.253   10.442  1.00   19.46 ? 32  G   A "C2'" 1 
ATOM   350  O  "O2'" . G   A 1 18 ? -14.241 1.280   11.588  1.00   19.00 ? 32  G   A "O2'" 1 
ATOM   351  C  "C1'" . G   A 1 18 ? -14.718 0.033   9.630   1.00   19.14 ? 32  G   A "C1'" 1 
ATOM   352  N  N9    . G   A 1 18 ? -14.973 0.252   8.202   1.00   16.97 ? 32  G   A N9    1 
ATOM   353  C  C8    . G   A 1 18 ? -15.965 -0.316  7.448   1.00   19.28 ? 32  G   A C8    1 
ATOM   354  N  N7    . G   A 1 18 ? -15.958 0.063   6.201   1.00   16.55 ? 32  G   A N7    1 
ATOM   355  C  C5    . G   A 1 18 ? -14.902 0.978   6.116   1.00   16.13 ? 32  G   A C5    1 
ATOM   356  C  C6    . G   A 1 18 ? -14.403 1.688   4.991   1.00   18.68 ? 32  G   A C6    1 
ATOM   357  O  O6    . G   A 1 18 ? -14.853 1.717   3.836   1.00   20.07 ? 32  G   A O6    1 
ATOM   358  N  N1    . G   A 1 18 ? -13.324 2.523   5.291   1.00   14.74 ? 32  G   A N1    1 
ATOM   359  C  C2    . G   A 1 18 ? -12.765 2.578   6.571   1.00   15.69 ? 32  G   A C2    1 
ATOM   360  N  N2    . G   A 1 18 ? -11.720 3.409   6.698   1.00   15.74 ? 32  G   A N2    1 
ATOM   361  N  N3    . G   A 1 18 ? -13.212 1.880   7.631   1.00   15.77 ? 32  G   A N3    1 
ATOM   362  C  C4    . G   A 1 18 ? -14.277 1.088   7.339   1.00   17.05 ? 32  G   A C4    1 
ATOM   363  P  P     . A   A 1 19 ? -17.780 3.045   11.532  1.00   24.37 ? 33  A   A P     1 
ATOM   364  O  OP1   . A   A 1 19 ? -18.445 3.466   12.794  1.00   25.71 ? 33  A   A OP1   1 
ATOM   365  O  OP2   . A   A 1 19 ? -18.547 3.027   10.281  1.00   21.14 ? 33  A   A OP2   1 
ATOM   366  O  "O5'" . A   A 1 19 ? -16.616 4.123   11.237  1.00   18.88 ? 33  A   A "O5'" 1 
ATOM   367  C  "C5'" . A   A 1 19 ? -15.529 4.129   12.205  1.00   18.73 ? 33  A   A "C5'" 1 
ATOM   368  C  "C4'" . A   A 1 19 ? -14.492 5.159   11.772  1.00   19.94 ? 33  A   A "C4'" 1 
ATOM   369  O  "O4'" . A   A 1 19 ? -13.825 4.636   10.604  1.00   19.18 ? 33  A   A "O4'" 1 
ATOM   370  C  "C3'" . A   A 1 19 ? -15.067 6.463   11.278  1.00   17.16 ? 33  A   A "C3'" 1 
ATOM   371  O  "O3'" . A   A 1 19 ? -15.368 7.325   12.378  1.00   22.24 ? 33  A   A "O3'" 1 
ATOM   372  C  "C2'" . A   A 1 19 ? -13.914 7.024   10.450  1.00   20.36 ? 33  A   A "C2'" 1 
ATOM   373  O  "O2'" . A   A 1 19 ? -12.861 7.539   11.291  1.00   19.53 ? 33  A   A "O2'" 1 
ATOM   374  C  "C1'" . A   A 1 19 ? -13.448 5.747   9.776   1.00   17.73 ? 33  A   A "C1'" 1 
ATOM   375  N  N9    . A   A 1 19 ? -14.002 5.520   8.438   1.00   16.77 ? 33  A   A N9    1 
ATOM   376  C  C8    . A   A 1 19 ? -14.971 4.609   8.061   1.00   17.99 ? 33  A   A C8    1 
ATOM   377  N  N7    . A   A 1 19 ? -15.205 4.649   6.751   1.00   16.13 ? 33  A   A N7    1 
ATOM   378  C  C5    . A   A 1 19 ? -14.333 5.637   6.281   1.00   14.98 ? 33  A   A C5    1 
ATOM   379  C  C6    . A   A 1 19 ? -14.063 6.169   5.004   1.00   14.63 ? 33  A   A C6    1 
ATOM   380  N  N6    . A   A 1 19 ? -14.704 5.780   3.894   1.00   15.55 ? 33  A   A N6    1 
ATOM   381  N  N1    . A   A 1 19 ? -13.150 7.168   4.909   1.00   15.41 ? 33  A   A N1    1 
ATOM   382  C  C2    . A   A 1 19 ? -12.491 7.593   6.001   1.00   17.26 ? 33  A   A C2    1 
ATOM   383  N  N3    . A   A 1 19 ? -12.630 7.119   7.249   1.00   16.42 ? 33  A   A N3    1 
ATOM   384  C  C4    . A   A 1 19 ? -13.576 6.157   7.316   1.00   14.90 ? 33  A   A C4    1 
ATOM   385  P  P     . U   A 1 20 ? -16.563 8.340   12.200  1.00   24.18 ? 34  U   A P     1 
ATOM   386  O  OP1   . U   A 1 20 ? -16.688 9.071   13.490  1.00   26.47 ? 34  U   A OP1   1 
ATOM   387  O  OP2   . U   A 1 20 ? -17.733 7.638   11.600  1.00   23.48 ? 34  U   A OP2   1 
ATOM   388  O  "O5'" . U   A 1 20 ? -16.068 9.341   11.070  1.00   21.96 ? 34  U   A "O5'" 1 
ATOM   389  C  "C5'" . U   A 1 20 ? -14.970 10.214  11.323  1.00   21.65 ? 34  U   A "C5'" 1 
ATOM   390  C  "C4'" . U   A 1 20 ? -14.604 10.976  10.049  1.00   20.44 ? 34  U   A "C4'" 1 
ATOM   391  O  "O4'" . U   A 1 20 ? -14.357 10.016  8.980   1.00   17.91 ? 34  U   A "O4'" 1 
ATOM   392  C  "C3'" . U   A 1 20 ? -15.628 11.971  9.543   1.00   21.23 ? 34  U   A "C3'" 1 
ATOM   393  O  "O3'" . U   A 1 20 ? -14.988 13.167  9.117   1.00   24.23 ? 34  U   A "O3'" 1 
ATOM   394  C  "C2'" . U   A 1 20 ? -16.252 11.239  8.367   1.00   20.75 ? 34  U   A "C2'" 1 
ATOM   395  O  "O2'" . U   A 1 20 ? -16.814 12.112  7.400   1.00   21.56 ? 34  U   A "O2'" 1 
ATOM   396  C  "C1'" . U   A 1 20 ? -15.064 10.433  7.842   1.00   20.19 ? 34  U   A "C1'" 1 
ATOM   397  N  N1    . U   A 1 20 ? -15.739 9.314   7.116   1.00   20.06 ? 34  U   A N1    1 
ATOM   398  C  C2    . U   A 1 20 ? -15.759 9.348   5.747   1.00   20.47 ? 34  U   A C2    1 
ATOM   399  O  O2    . U   A 1 20 ? -15.193 10.170  5.054   1.00   17.97 ? 34  U   A O2    1 
ATOM   400  N  N3    . U   A 1 20 ? -16.462 8.311   5.188   1.00   20.52 ? 34  U   A N3    1 
ATOM   401  C  C4    . U   A 1 20 ? -17.160 7.307   5.821   1.00   22.45 ? 34  U   A C4    1 
ATOM   402  O  O4    . U   A 1 20 ? -17.731 6.463   5.126   1.00   20.86 ? 34  U   A O4    1 
ATOM   403  C  C5    . U   A 1 20 ? -17.120 7.354   7.260   1.00   18.77 ? 34  U   A C5    1 
ATOM   404  C  C6    . U   A 1 20 ? -16.411 8.350   7.832   1.00   17.36 ? 34  U   A C6    1 
ATOM   405  P  P     . A   A 1 21 ? -15.008 14.479  10.030  1.00   21.96 ? 35  A   A P     1 
ATOM   406  O  OP1   . A   A 1 21 ? -14.690 14.088  11.430  1.00   23.41 ? 35  A   A OP1   1 
ATOM   407  O  OP2   . A   A 1 21 ? -16.239 15.261  9.814   1.00   21.73 ? 35  A   A OP2   1 
ATOM   408  O  "O5'" . A   A 1 21 ? -13.819 15.286  9.327   1.00   21.85 ? 35  A   A "O5'" 1 
ATOM   409  C  "C5'" . A   A 1 21 ? -12.451 14.998  9.636   1.00   19.51 ? 35  A   A "C5'" 1 
ATOM   410  C  "C4'" . A   A 1 21 ? -11.609 16.092  8.997   1.00   21.45 ? 35  A   A "C4'" 1 
ATOM   411  O  "O4'" . A   A 1 21 ? -11.723 15.987  7.556   1.00   19.35 ? 35  A   A "O4'" 1 
ATOM   412  C  "C3'" . A   A 1 21 ? -12.107 17.485  9.360   1.00   19.39 ? 35  A   A "C3'" 1 
ATOM   413  O  "O3'" . A   A 1 21 ? -10.968 18.312  9.578   1.00   23.23 ? 35  A   A "O3'" 1 
ATOM   414  C  "C2'" . A   A 1 21 ? -12.949 17.918  8.156   1.00   21.20 ? 35  A   A "C2'" 1 
ATOM   415  O  "O2'" . A   A 1 21 ? -12.935 19.323  7.924   1.00   20.95 ? 35  A   A "O2'" 1 
ATOM   416  C  "C1'" . A   A 1 21 ? -12.299 17.163  7.007   1.00   19.53 ? 35  A   A "C1'" 1 
ATOM   417  N  N9    . A   A 1 21 ? -13.260 16.776  5.958   1.00   20.97 ? 35  A   A N9    1 
ATOM   418  C  C8    . A   A 1 21 ? -14.037 15.653  5.927   1.00   23.64 ? 35  A   A C8    1 
ATOM   419  N  N7    . A   A 1 21 ? -14.796 15.560  4.849   1.00   24.22 ? 35  A   A N7    1 
ATOM   420  C  C5    . A   A 1 21 ? -14.502 16.705  4.140   1.00   22.81 ? 35  A   A C5    1 
ATOM   421  C  C6    . A   A 1 21 ? -14.990 17.183  2.910   1.00   24.75 ? 35  A   A C6    1 
ATOM   422  N  N6    . A   A 1 21 ? -15.918 16.498  2.198   1.00   23.24 ? 35  A   A N6    1 
ATOM   423  N  N1    . A   A 1 21 ? -14.480 18.366  2.463   1.00   25.23 ? 35  A   A N1    1 
ATOM   424  C  C2    . A   A 1 21 ? -13.548 19.013  3.209   1.00   26.75 ? 35  A   A C2    1 
ATOM   425  N  N3    . A   A 1 21 ? -13.016 18.641  4.391   1.00   24.15 ? 35  A   A N3    1 
ATOM   426  C  C4    . A   A 1 21 ? -13.547 17.470  4.806   1.00   23.28 ? 35  A   A C4    1 
ATOM   427  P  P     . U   A 1 22 ? -10.539 18.609  11.102  1.00   23.17 ? 36  U   A P     1 
ATOM   428  O  OP1   . U   A 1 22 ? -11.721 19.100  11.811  1.00   22.76 ? 36  U   A OP1   1 
ATOM   429  O  OP2   . U   A 1 22 ? -9.274  19.401  11.017  1.00   23.59 ? 36  U   A OP2   1 
ATOM   430  O  "O5'" . U   A 1 22 ? -10.092 17.178  11.615  1.00   20.69 ? 36  U   A "O5'" 1 
ATOM   431  C  "C5'" . U   A 1 22 ? -8.736  16.704  11.607  1.00   21.15 ? 36  U   A "C5'" 1 
ATOM   432  C  "C4'" . U   A 1 22 ? -8.508  15.789  12.805  1.00   20.69 ? 36  U   A "C4'" 1 
ATOM   433  O  "O4'" . U   A 1 22 ? -8.775  16.511  14.036  1.00   17.33 ? 36  U   A "O4'" 1 
ATOM   434  C  "C3'" . U   A 1 22 ? -9.372  14.520  12.841  1.00   16.47 ? 36  U   A "C3'" 1 
ATOM   435  O  "O3'" . U   A 1 22 ? -8.579  13.475  13.420  1.00   14.52 ? 36  U   A "O3'" 1 
ATOM   436  C  "C2'" . U   A 1 22 ? -10.509 14.958  13.743  1.00   18.63 ? 36  U   A "C2'" 1 
ATOM   437  O  "O2'" . U   A 1 22 ? -11.280 13.909  14.326  1.00   17.82 ? 36  U   A "O2'" 1 
ATOM   438  C  "C1'" . U   A 1 22 ? -9.718  15.742  14.804  1.00   15.93 ? 36  U   A "C1'" 1 
ATOM   439  N  N1    . U   A 1 22 ? -10.563 16.613  15.604  1.00   16.88 ? 36  U   A N1    1 
ATOM   440  C  C2    . U   A 1 22 ? -10.699 16.409  16.963  1.00   16.21 ? 36  U   A C2    1 
ATOM   441  O  O2    . U   A 1 22 ? -10.160 15.520  17.568  1.00   15.45 ? 36  U   A O2    1 
ATOM   442  N  N3    . U   A 1 22 ? -11.540 17.291  17.611  1.00   16.07 ? 36  U   A N3    1 
ATOM   443  C  C4    . U   A 1 22 ? -12.202 18.356  17.059  1.00   17.80 ? 36  U   A C4    1 
ATOM   444  O  O4    . U   A 1 22 ? -12.915 19.061  17.772  1.00   20.33 ? 36  U   A O4    1 
ATOM   445  C  C5    . U   A 1 22 ? -12.016 18.521  15.649  1.00   16.52 ? 36  U   A C5    1 
ATOM   446  C  C6    . U   A 1 22 ? -11.226 17.652  14.993  1.00   15.51 ? 36  U   A C6    1 
ATOM   447  P  P     . G   A 1 23 ? -7.553  12.480  12.721  1.00   17.91 ? 37  G   A P     1 
ATOM   448  O  OP1   . G   A 1 23 ? -6.845  11.731  13.743  1.00   17.73 ? 37  G   A OP1   1 
ATOM   449  O  OP2   . G   A 1 23 ? -6.810  13.170  11.617  1.00   16.44 ? 37  G   A OP2   1 
ATOM   450  O  "O5'" . G   A 1 23 ? -8.612  11.539  11.932  1.00   18.62 ? 37  G   A "O5'" 1 
ATOM   451  C  "C5'" . G   A 1 23 ? -9.456  10.637  12.532  1.00   16.57 ? 37  G   A "C5'" 1 
ATOM   452  C  "C4'" . G   A 1 23 ? -10.214 9.868   11.432  1.00   16.25 ? 37  G   A "C4'" 1 
ATOM   453  O  "O4'" . G   A 1 23 ? -11.069 10.764  10.732  1.00   18.80 ? 37  G   A "O4'" 1 
ATOM   454  C  "C3'" . G   A 1 23 ? -9.350  9.292   10.356  1.00   14.14 ? 37  G   A "C3'" 1 
ATOM   455  O  "O3'" . G   A 1 23 ? -8.708  8.100   10.742  1.00   15.48 ? 37  G   A "O3'" 1 
ATOM   456  C  "C2'" . G   A 1 23 ? -10.272 9.184   9.147   1.00   16.12 ? 37  G   A "C2'" 1 
ATOM   457  O  "O2'" . G   A 1 23 ? -11.084 8.041   9.304   1.00   16.16 ? 37  G   A "O2'" 1 
ATOM   458  C  "C1'" . G   A 1 23 ? -11.092 10.462  9.339   1.00   18.22 ? 37  G   A "C1'" 1 
ATOM   459  N  N9    . G   A 1 23 ? -10.560 11.636  8.650   1.00   18.88 ? 37  G   A N9    1 
ATOM   460  C  C8    . G   A 1 23 ? -9.600  12.517  9.146   1.00   17.01 ? 37  G   A C8    1 
ATOM   461  N  N7    . G   A 1 23 ? -9.271  13.457  8.304   1.00   17.26 ? 37  G   A N7    1 
ATOM   462  C  C5    . G   A 1 23 ? -10.099 13.221  7.198   1.00   17.45 ? 37  G   A C5    1 
ATOM   463  C  C6    . G   A 1 23 ? -10.242 13.938  5.979   1.00   17.57 ? 37  G   A C6    1 
ATOM   464  O  O6    . G   A 1 23 ? -9.622  14.938  5.619   1.00   14.76 ? 37  G   A O6    1 
ATOM   465  N  N1    . G   A 1 23 ? -11.196 13.325  5.118   1.00   13.92 ? 37  G   A N1    1 
ATOM   466  C  C2    . G   A 1 23 ? -11.906 12.205  5.398   1.00   14.69 ? 37  G   A C2    1 
ATOM   467  N  N2    . G   A 1 23 ? -12.810 11.788  4.443   1.00   13.66 ? 37  G   A N2    1 
ATOM   468  N  N3    . G   A 1 23 ? -11.811 11.540  6.565   1.00   15.01 ? 37  G   A N3    1 
ATOM   469  C  C4    . G   A 1 23 ? -10.886 12.104  7.397   1.00   17.73 ? 37  G   A C4    1 
ATOM   470  P  P     . G   A 1 24 ? -7.328  7.589   10.178  1.00   16.29 ? 38  G   A P     1 
ATOM   471  O  OP1   . G   A 1 24 ? -6.979  6.347   10.847  1.00   18.47 ? 38  G   A OP1   1 
ATOM   472  O  OP2   . G   A 1 24 ? -6.291  8.707   10.091  1.00   16.34 ? 38  G   A OP2   1 
ATOM   473  O  "O5'" . G   A 1 24 ? -7.709  7.325   8.607   1.00   15.01 ? 38  G   A "O5'" 1 
ATOM   474  C  "C5'" . G   A 1 24 ? -8.426  6.143   8.266   1.00   13.68 ? 38  G   A "C5'" 1 
ATOM   475  C  "C4'" . G   A 1 24 ? -8.698  6.250   6.743   1.00   12.01 ? 38  G   A "C4'" 1 
ATOM   476  O  "O4'" . G   A 1 24 ? -9.484  7.407   6.521   1.00   13.33 ? 38  G   A "O4'" 1 
ATOM   477  C  "C3'" . G   A 1 24 ? -7.490  6.436   5.903   1.00   12.99 ? 38  G   A "C3'" 1 
ATOM   478  O  "O3'" . G   A 1 24 ? -6.857  5.192   5.668   1.00   16.39 ? 38  G   A "O3'" 1 
ATOM   479  C  "C2'" . G   A 1 24 ? -8.068  7.111   4.667   1.00   11.34 ? 38  G   A "C2'" 1 
ATOM   480  O  "O2'" . G   A 1 24 ? -8.642  6.155   3.736   1.00   17.40 ? 38  G   A "O2'" 1 
ATOM   481  C  "C1'" . G   A 1 24 ? -9.168  8.022   5.295   1.00   14.51 ? 38  G   A "C1'" 1 
ATOM   482  N  N9    . G   A 1 24 ? -8.551  9.318   5.507   1.00   16.27 ? 38  G   A N9    1 
ATOM   483  C  C8    . G   A 1 24 ? -7.621  9.662   6.483   1.00   19.24 ? 38  G   A C8    1 
ATOM   484  N  N7    . G   A 1 24 ? -7.137  10.874  6.308   1.00   17.57 ? 38  G   A N7    1 
ATOM   485  C  C5    . G   A 1 24 ? -7.800  11.349  5.158   1.00   16.48 ? 38  G   A C5    1 
ATOM   486  C  C6    . G   A 1 24 ? -7.697  12.577  4.459   1.00   17.60 ? 38  G   A C6    1 
ATOM   487  O  O6    . G   A 1 24 ? -6.974  13.554  4.746   1.00   16.11 ? 38  G   A O6    1 
ATOM   488  N  N1    . G   A 1 24 ? -8.502  12.648  3.306   1.00   13.04 ? 38  G   A N1    1 
ATOM   489  C  C2    . G   A 1 24 ? -9.342  11.612  2.876   1.00   16.51 ? 38  G   A C2    1 
ATOM   490  N  N2    . G   A 1 24 ? -10.053 11.800  1.737   1.00   14.40 ? 38  G   A N2    1 
ATOM   491  N  N3    . G   A 1 24 ? -9.421  10.466  3.511   1.00   15.62 ? 38  G   A N3    1 
ATOM   492  C  C4    . G   A 1 24 ? -8.655  10.394  4.649   1.00   18.18 ? 38  G   A C4    1 
ATOM   493  P  P     . C   A 1 25 ? -5.315  4.939   5.669   1.00   19.45 ? 39  C   A P     1 
ATOM   494  O  OP1   . C   A 1 25 ? -4.655  6.247   5.934   1.00   19.33 ? 39  C   A OP1   1 
ATOM   495  O  OP2   . C   A 1 25 ? -5.043  4.170   4.449   1.00   20.27 ? 39  C   A OP2   1 
ATOM   496  O  "O5'" . C   A 1 25 ? -5.093  4.041   7.009   1.00   20.56 ? 39  C   A "O5'" 1 
ATOM   497  C  "C5'" . C   A 1 25 ? -5.146  2.607   6.904   1.00   20.33 ? 39  C   A "C5'" 1 
ATOM   498  C  "C4'" . C   A 1 25 ? -6.044  2.128   8.041   1.00   18.17 ? 39  C   A "C4'" 1 
ATOM   499  O  "O4'" . C   A 1 25 ? -7.364  2.710   7.898   1.00   19.57 ? 39  C   A "O4'" 1 
ATOM   500  C  "C3'" . C   A 1 25 ? -6.260  0.645   8.104   1.00   20.08 ? 39  C   A "C3'" 1 
ATOM   501  O  "O3'" . C   A 1 25 ? -5.211  0.101   8.868   1.00   18.29 ? 39  C   A "O3'" 1 
ATOM   502  C  "C2'" . C   A 1 25 ? -7.605  0.583   8.818   1.00   19.81 ? 39  C   A "C2'" 1 
ATOM   503  O  "O2'" . C   A 1 25 ? -7.502  0.838   10.206  1.00   22.29 ? 39  C   A "O2'" 1 
ATOM   504  C  "C1'" . C   A 1 25 ? -8.349  1.722   8.169   1.00   16.73 ? 39  C   A "C1'" 1 
ATOM   505  N  N1    . C   A 1 25 ? -9.056  1.323   6.893   1.00   15.28 ? 39  C   A N1    1 
ATOM   506  C  C2    . C   A 1 25 ? -10.091 0.370   6.985   1.00   16.23 ? 39  C   A C2    1 
ATOM   507  O  O2    . C   A 1 25 ? -10.353 -0.140  8.112   1.00   16.20 ? 39  C   A O2    1 
ATOM   508  N  N3    . C   A 1 25 ? -10.743 0.001   5.843   1.00   14.42 ? 39  C   A N3    1 
ATOM   509  C  C4    . C   A 1 25 ? -10.403 0.565   4.665   1.00   15.19 ? 39  C   A C4    1 
ATOM   510  N  N4    . C   A 1 25 ? -11.045 0.169   3.558   1.00   16.74 ? 39  C   A N4    1 
ATOM   511  C  C5    . C   A 1 25 ? -9.349  1.514   4.547   1.00   14.67 ? 39  C   A C5    1 
ATOM   512  C  C6    . C   A 1 25 ? -8.712  1.900   5.674   1.00   15.36 ? 39  C   A C6    1 
ATOM   513  P  P     . A   A 1 26 ? -4.754  -1.378  8.638   1.00   20.96 ? 40  A   A P     1 
ATOM   514  O  OP1   . A   A 1 26 ? -3.587  -1.605  9.581   1.00   22.29 ? 40  A   A OP1   1 
ATOM   515  O  OP2   . A   A 1 26 ? -4.693  -1.655  7.203   1.00   18.79 ? 40  A   A OP2   1 
ATOM   516  O  "O5'" . A   A 1 26 ? -6.011  -2.205  9.223   1.00   16.63 ? 40  A   A "O5'" 1 
ATOM   517  C  "C5'" . A   A 1 26 ? -6.268  -2.296  10.618  1.00   16.70 ? 40  A   A "C5'" 1 
ATOM   518  C  "C4'" . A   A 1 26 ? -7.278  -3.430  10.839  1.00   14.61 ? 40  A   A "C4'" 1 
ATOM   519  O  "O4'" . A   A 1 26 ? -8.536  -3.012  10.313  1.00   15.06 ? 40  A   A "O4'" 1 
ATOM   520  C  "C3'" . A   A 1 26 ? -7.018  -4.715  10.134  1.00   15.98 ? 40  A   A "C3'" 1 
ATOM   521  O  "O3'" . A   A 1 26 ? -6.041  -5.571  10.762  1.00   14.73 ? 40  A   A "O3'" 1 
ATOM   522  C  "C2'" . A   A 1 26 ? -8.406  -5.358  10.091  1.00   15.23 ? 40  A   A "C2'" 1 
ATOM   523  O  "O2'" . A   A 1 26 ? -8.795  -5.895  11.368  1.00   16.70 ? 40  A   A "O2'" 1 
ATOM   524  C  "C1'" . A   A 1 26 ? -9.211  -4.132  9.730   1.00   16.01 ? 40  A   A "C1'" 1 
ATOM   525  N  N9    . A   A 1 26 ? -9.345  -3.864  8.292   1.00   14.50 ? 40  A   A N9    1 
ATOM   526  C  C8    . A   A 1 26 ? -8.593  -2.997  7.499   1.00   16.30 ? 40  A   A C8    1 
ATOM   527  N  N7    . A   A 1 26 ? -8.992  -2.967  6.231   1.00   14.26 ? 40  A   A N7    1 
ATOM   528  C  C5    . A   A 1 26 ? -10.066 -3.813  6.195   1.00   13.34 ? 40  A   A C5    1 
ATOM   529  C  C6    . A   A 1 26 ? -10.928 -4.187  5.128   1.00   15.20 ? 40  A   A C6    1 
ATOM   530  N  N6    . A   A 1 26 ? -10.810 -3.705  3.858   1.00   15.26 ? 40  A   A N6    1 
ATOM   531  N  N1    . A   A 1 26 ? -11.902 -5.055  5.437   1.00   16.09 ? 40  A   A N1    1 
ATOM   532  C  C2    . A   A 1 26 ? -12.013 -5.530  6.696   1.00   15.61 ? 40  A   A C2    1 
ATOM   533  N  N3    . A   A 1 26 ? -11.261 -5.248  7.789   1.00   16.43 ? 40  A   A N3    1 
ATOM   534  C  C4    . A   A 1 26 ? -10.293 -4.388  7.451   1.00   13.77 ? 40  A   A C4    1 
ATOM   535  P  P     . C   A 1 27 ? -5.176  -6.633  10.000  1.00   20.44 ? 41  C   A P     1 
ATOM   536  O  OP1   . C   A 1 27 ? -4.194  -7.177  10.955  1.00   23.62 ? 41  C   A OP1   1 
ATOM   537  O  OP2   . C   A 1 27 ? -4.665  -5.981  8.763   1.00   23.01 ? 41  C   A OP2   1 
ATOM   538  O  "O5'" . C   A 1 27 ? -6.159  -7.782  9.449   1.00   18.82 ? 41  C   A "O5'" 1 
ATOM   539  C  "C5'" . C   A 1 27 ? -6.903  -8.531  10.417  1.00   17.91 ? 41  C   A "C5'" 1 
ATOM   540  C  "C4'" . C   A 1 27 ? -7.902  -9.408  9.703   1.00   16.42 ? 41  C   A "C4'" 1 
ATOM   541  O  "O4'" . C   A 1 27 ? -8.959  -8.572  9.221   1.00   16.53 ? 41  C   A "O4'" 1 
ATOM   542  C  "C3'" . C   A 1 27 ? -7.464  -10.142 8.464   1.00   16.94 ? 41  C   A "C3'" 1 
ATOM   543  O  "O3'" . C   A 1 27 ? -6.689  -11.299 8.747   1.00   18.66 ? 41  C   A "O3'" 1 
ATOM   544  C  "C2'" . C   A 1 27 ? -8.831  -10.430 7.860   1.00   16.71 ? 41  C   A "C2'" 1 
ATOM   545  O  "O2'" . C   A 1 27 ? -9.577  -11.364 8.655   1.00   19.28 ? 41  C   A "O2'" 1 
ATOM   546  C  "C1'" . C   A 1 27 ? -9.478  -9.071  8.012   1.00   15.30 ? 41  C   A "C1'" 1 
ATOM   547  N  N1    . C   A 1 27 ? -9.173  -8.165  6.840   1.00   17.58 ? 41  C   A N1    1 
ATOM   548  C  C2    . C   A 1 27 ? -9.972  -8.311  5.713   1.00   15.87 ? 41  C   A C2    1 
ATOM   549  O  O2    . C   A 1 27 ? -10.890 -9.183  5.733   1.00   15.74 ? 41  C   A O2    1 
ATOM   550  N  N3    . C   A 1 27 ? -9.708  -7.544  4.624   1.00   13.30 ? 41  C   A N3    1 
ATOM   551  C  C4    . C   A 1 27 ? -8.723  -6.635  4.665   1.00   13.11 ? 41  C   A C4    1 
ATOM   552  N  N4    . C   A 1 27 ? -8.475  -5.924  3.571   1.00   15.63 ? 41  C   A N4    1 
ATOM   553  C  C5    . C   A 1 27 ? -7.879  -6.490  5.813   1.00   13.57 ? 41  C   A C5    1 
ATOM   554  C  C6    . C   A 1 27 ? -8.137  -7.263  6.884   1.00   17.06 ? 41  C   A C6    1 
ATOM   555  P  P     . G   A 1 28 ? -5.642  -11.807 7.688   1.00   20.90 ? 42  G   A P     1 
ATOM   556  O  OP1   . G   A 1 28 ? -4.903  -12.956 8.248   1.00   19.85 ? 42  G   A OP1   1 
ATOM   557  O  OP2   . G   A 1 28 ? -4.860  -10.631 7.203   1.00   20.17 ? 42  G   A OP2   1 
ATOM   558  O  "O5'" . G   A 1 28 ? -6.515  -12.322 6.440   1.00   18.80 ? 42  G   A "O5'" 1 
ATOM   559  C  "C5'" . G   A 1 28 ? -7.354  -13.447 6.634   1.00   19.51 ? 42  G   A "C5'" 1 
ATOM   560  C  "C4'" . G   A 1 28 ? -8.291  -13.592 5.454   1.00   19.13 ? 42  G   A "C4'" 1 
ATOM   561  O  "O4'" . G   A 1 28 ? -9.075  -12.390 5.252   1.00   20.85 ? 42  G   A "O4'" 1 
ATOM   562  C  "C3'" . G   A 1 28 ? -7.620  -13.859 4.122   1.00   18.89 ? 42  G   A "C3'" 1 
ATOM   563  O  "O3'" . G   A 1 28 ? -7.126  -15.202 4.011   1.00   20.75 ? 42  G   A "O3'" 1 
ATOM   564  C  "C2'" . G   A 1 28 ? -8.805  -13.547 3.213   1.00   18.17 ? 42  G   A "C2'" 1 
ATOM   565  O  "O2'" . G   A 1 28 ? -9.772  -14.570 3.217   1.00   19.79 ? 42  G   A "O2'" 1 
ATOM   566  C  "C1'" . G   A 1 28 ? -9.380  -12.295 3.859   1.00   17.76 ? 42  G   A "C1'" 1 
ATOM   567  N  N9    . G   A 1 28 ? -8.740  -11.052 3.370   1.00   18.55 ? 42  G   A N9    1 
ATOM   568  C  C8    . G   A 1 28 ? -7.766  -10.282 3.987   1.00   18.79 ? 42  G   A C8    1 
ATOM   569  N  N7    . G   A 1 28 ? -7.374  -9.243  3.262   1.00   17.40 ? 42  G   A N7    1 
ATOM   570  C  C5    . G   A 1 28 ? -8.128  -9.351  2.096   1.00   15.90 ? 42  G   A C5    1 
ATOM   571  C  C6    . G   A 1 28 ? -8.160  -8.549  0.935   1.00   13.80 ? 42  G   A C6    1 
ATOM   572  O  O6    . G   A 1 28 ? -7.507  -7.514  0.704   1.00   13.34 ? 42  G   A O6    1 
ATOM   573  N  N1    . G   A 1 28 ? -9.062  -9.031  -0.030  1.00   12.89 ? 42  G   A N1    1 
ATOM   574  C  C2    . G   A 1 28 ? -9.835  -10.169 0.112   1.00   14.39 ? 42  G   A C2    1 
ATOM   575  N  N2    . G   A 1 28 ? -10.628 -10.498 -0.913  1.00   14.81 ? 42  G   A N2    1 
ATOM   576  N  N3    . G   A 1 28 ? -9.814  -10.948 1.198   1.00   16.86 ? 42  G   A N3    1 
ATOM   577  C  C4    . G   A 1 28 ? -8.958  -10.468 2.145   1.00   17.01 ? 42  G   A C4    1 
ATOM   578  P  P     . C   A 1 29 ? -6.040  -15.637 2.936   1.00   23.61 ? 43  C   A P     1 
ATOM   579  O  OP1   . C   A 1 29 ? -5.694  -17.049 3.153   1.00   26.58 ? 43  C   A OP1   1 
ATOM   580  O  OP2   . C   A 1 29 ? -4.980  -14.607 2.938   1.00   24.12 ? 43  C   A OP2   1 
ATOM   581  O  "O5'" . C   A 1 29 ? -6.770  -15.509 1.512   1.00   25.08 ? 43  C   A "O5'" 1 
ATOM   582  C  "C5'" . C   A 1 29 ? -7.859  -16.388 1.223   1.00   23.98 ? 43  C   A "C5'" 1 
ATOM   583  C  "C4'" . C   A 1 29 ? -8.481  -16.046 -0.121  1.00   26.28 ? 43  C   A "C4'" 1 
ATOM   584  O  "O4'" . C   A 1 29 ? -9.106  -14.735 -0.139  1.00   23.86 ? 43  C   A "O4'" 1 
ATOM   585  C  "C3'" . C   A 1 29 ? -7.470  -16.004 -1.236  1.00   27.40 ? 43  C   A "C3'" 1 
ATOM   586  O  "O3'" . C   A 1 29 ? -7.158  -17.347 -1.631  1.00   30.04 ? 43  C   A "O3'" 1 
ATOM   587  C  "C2'" . C   A 1 29 ? -8.221  -15.205 -2.293  1.00   28.11 ? 43  C   A "C2'" 1 
ATOM   588  O  "O2'" . C   A 1 29 ? -9.247  -15.927 -2.931  1.00   30.06 ? 43  C   A "O2'" 1 
ATOM   589  C  "C1'" . C   A 1 29 ? -8.879  -14.139 -1.419  1.00   24.87 ? 43  C   A "C1'" 1 
ATOM   590  N  N1    . C   A 1 29 ? -8.036  -12.876 -1.357  1.00   24.74 ? 43  C   A N1    1 
ATOM   591  C  C2    . C   A 1 29 ? -8.077  -11.952 -2.441  1.00   24.18 ? 43  C   A C2    1 
ATOM   592  O  O2    . C   A 1 29 ? -8.810  -12.143 -3.442  1.00   20.39 ? 43  C   A O2    1 
ATOM   593  N  N3    . C   A 1 29 ? -7.311  -10.832 -2.360  1.00   22.84 ? 43  C   A N3    1 
ATOM   594  C  C4    . C   A 1 29 ? -6.517  -10.619 -1.300  1.00   24.69 ? 43  C   A C4    1 
ATOM   595  N  N4    . C   A 1 29 ? -5.792  -9.508  -1.302  1.00   20.68 ? 43  C   A N4    1 
ATOM   596  C  C5    . C   A 1 29 ? -6.428  -11.540 -0.202  1.00   24.07 ? 43  C   A C5    1 
ATOM   597  C  C6    . C   A 1 29 ? -7.204  -12.636 -0.280  1.00   24.59 ? 43  C   A C6    1 
ATOM   598  P  P     . A   A 1 30 ? -5.744  -17.748 -2.278  1.00   31.72 ? 44  A   A P     1 
ATOM   599  O  OP1   . A   A 1 30 ? -5.674  -19.215 -2.461  1.00   35.15 ? 44  A   A OP1   1 
ATOM   600  O  OP2   . A   A 1 30 ? -4.632  -17.084 -1.577  1.00   31.41 ? 44  A   A OP2   1 
ATOM   601  O  "O5'" . A   A 1 30 ? -5.954  -17.108 -3.718  1.00   31.72 ? 44  A   A "O5'" 1 
ATOM   602  C  "C5'" . A   A 1 30 ? -4.845  -16.707 -4.477  1.00   35.95 ? 44  A   A "C5'" 1 
ATOM   603  C  "C4'" . A   A 1 30 ? -5.403  -15.913 -5.633  1.00   34.82 ? 44  A   A "C4'" 1 
ATOM   604  O  "O4'" . A   A 1 30 ? -6.139  -14.775 -5.124  1.00   35.20 ? 44  A   A "O4'" 1 
ATOM   605  C  "C3'" . A   A 1 30 ? -4.368  -15.285 -6.540  1.00   37.75 ? 44  A   A "C3'" 1 
ATOM   606  O  "O3'" . A   A 1 30 ? -3.770  -16.269 -7.400  1.00   40.06 ? 44  A   A "O3'" 1 
ATOM   607  C  "C2'" . A   A 1 30 ? -5.280  -14.272 -7.242  1.00   35.52 ? 44  A   A "C2'" 1 
ATOM   608  O  "O2'" . A   A 1 30 ? -6.157  -14.861 -8.182  1.00   37.01 ? 44  A   A "O2'" 1 
ATOM   609  C  "C1'" . A   A 1 30 ? -6.058  -13.719 -6.041  1.00   33.34 ? 44  A   A "C1'" 1 
ATOM   610  N  N9    . A   A 1 30 ? -5.350  -12.626 -5.389  1.00   31.01 ? 44  A   A N9    1 
ATOM   611  C  C8    . A   A 1 30 ? -4.789  -12.584 -4.136  1.00   31.15 ? 44  A   A C8    1 
ATOM   612  N  N7    . A   A 1 30 ? -4.224  -11.430 -3.872  1.00   29.73 ? 44  A   A N7    1 
ATOM   613  C  C5    . A   A 1 30 ? -4.406  -10.675 -5.026  1.00   31.09 ? 44  A   A C5    1 
ATOM   614  C  C6    . A   A 1 30 ? -4.031  -9.371  -5.409  1.00   30.97 ? 44  A   A C6    1 
ATOM   615  N  N6    . A   A 1 30 ? -3.353  -8.544  -4.607  1.00   32.44 ? 44  A   A N6    1 
ATOM   616  N  N1    . A   A 1 30 ? -4.384  -8.926  -6.638  1.00   32.68 ? 44  A   A N1    1 
ATOM   617  C  C2    . A   A 1 30 ? -5.061  -9.749  -7.462  1.00   31.59 ? 44  A   A C2    1 
ATOM   618  N  N3    . A   A 1 30 ? -5.460  -10.995 -7.211  1.00   30.52 ? 44  A   A N3    1 
ATOM   619  C  C4    . A   A 1 30 ? -5.105  -11.401 -5.971  1.00   30.96 ? 44  A   A C4    1 
ATOM   620  P  P     . A   A 1 31 ? -2.202  -16.162 -7.721  1.00   41.50 ? 45  A   A P     1 
ATOM   621  O  OP1   . A   A 1 31 ? -1.888  -17.254 -8.666  1.00   44.37 ? 45  A   A OP1   1 
ATOM   622  O  OP2   . A   A 1 31 ? -1.442  -15.998 -6.457  1.00   43.41 ? 45  A   A OP2   1 
ATOM   623  O  "O5'" . A   A 1 31 ? -2.118  -14.790 -8.518  1.00   39.07 ? 45  A   A "O5'" 1 
ATOM   624  C  "C5'" . A   A 1 31 ? -2.727  -14.753 -9.804  1.00   36.88 ? 45  A   A "C5'" 1 
ATOM   625  C  "C4'" . A   A 1 31 ? -2.500  -13.404 -10.389 1.00   36.66 ? 45  A   A "C4'" 1 
ATOM   626  O  "O4'" . A   A 1 31 ? -2.998  -12.475 -9.409  1.00   36.66 ? 45  A   A "O4'" 1 
ATOM   627  C  "C3'" . A   A 1 31 ? -1.043  -13.028 -10.485 1.00   35.99 ? 45  A   A "C3'" 1 
ATOM   628  O  "O3'" . A   A 1 31 ? -0.511  -13.537 -11.685 1.00   36.82 ? 45  A   A "O3'" 1 
ATOM   629  C  "C2'" . A   A 1 31 ? -1.134  -11.511 -10.512 1.00   36.43 ? 45  A   A "C2'" 1 
ATOM   630  O  "O2'" . A   A 1 31 ? -1.609  -10.969 -11.726 1.00   35.45 ? 45  A   A "O2'" 1 
ATOM   631  C  "C1'" . A   A 1 31 ? -2.215  -11.300 -9.477  1.00   35.88 ? 45  A   A "C1'" 1 
ATOM   632  N  N9    . A   A 1 31 ? -1.717  -11.033 -8.144  1.00   33.56 ? 45  A   A N9    1 
ATOM   633  C  C8    . A   A 1 31 ? -1.747  -11.868 -7.063  1.00   31.51 ? 45  A   A C8    1 
ATOM   634  N  N7    . A   A 1 31 ? -1.230  -11.309 -5.992  1.00   29.42 ? 45  A   A N7    1 
ATOM   635  C  C5    . A   A 1 31 ? -0.855  -10.051 -6.417  1.00   29.67 ? 45  A   A C5    1 
ATOM   636  C  C6    . A   A 1 31 ? -0.259  -8.982  -5.744  1.00   29.56 ? 45  A   A C6    1 
ATOM   637  N  N6    . A   A 1 31 ? 0.047   -9.064  -4.450  1.00   27.70 ? 45  A   A N6    1 
ATOM   638  N  N1    . A   A 1 31 ? -0.004  -7.859  -6.447  1.00   28.95 ? 45  A   A N1    1 
ATOM   639  C  C2    . A   A 1 31 ? -0.335  -7.789  -7.747  1.00   32.02 ? 45  A   A C2    1 
ATOM   640  N  N3    . A   A 1 31 ? -0.915  -8.736  -8.495  1.00   30.84 ? 45  A   A N3    1 
ATOM   641  C  C4    . A   A 1 31 ? -1.141  -9.847  -7.747  1.00   31.83 ? 45  A   A C4    1 
ATOM   642  P  P     . G   A 1 32 ? 1.015   -13.995 -11.799 1.00   37.38 ? 46  G   A P     1 
ATOM   643  O  OP1   . G   A 1 32 ? 1.200   -14.261 -13.257 1.00   36.40 ? 46  G   A OP1   1 
ATOM   644  O  OP2   . G   A 1 32 ? 1.287   -15.065 -10.811 1.00   35.89 ? 46  G   A OP2   1 
ATOM   645  O  "O5'" . G   A 1 32 ? 1.863   -12.687 -11.442 1.00   36.00 ? 46  G   A "O5'" 1 
ATOM   646  C  "C5'" . G   A 1 32 ? 1.797   -11.612 -12.380 1.00   34.16 ? 46  G   A "C5'" 1 
ATOM   647  C  "C4'" . G   A 1 32 ? 2.495   -10.382 -11.868 1.00   32.03 ? 46  G   A "C4'" 1 
ATOM   648  O  "O4'" . G   A 1 32 ? 1.828   -9.872  -10.700 1.00   28.84 ? 46  G   A "O4'" 1 
ATOM   649  C  "C3'" . G   A 1 32 ? 3.912   -10.645 -11.402 1.00   31.97 ? 46  G   A "C3'" 1 
ATOM   650  O  "O3'" . G   A 1 32 ? 4.730   -10.618 -12.547 1.00   32.30 ? 46  G   A "O3'" 1 
ATOM   651  C  "C2'" . G   A 1 32 ? 4.146   -9.467  -10.466 1.00   30.78 ? 46  G   A "C2'" 1 
ATOM   652  O  "O2'" . G   A 1 32 ? 4.416   -8.251  -11.137 1.00   31.19 ? 46  G   A "O2'" 1 
ATOM   653  C  "C1'" . G   A 1 32 ? 2.790   -9.374  -9.777  1.00   29.03 ? 46  G   A "C1'" 1 
ATOM   654  N  N9    . G   A 1 32 ? 2.670   -10.128 -8.519  1.00   25.97 ? 46  G   A N9    1 
ATOM   655  C  C8    . G   A 1 32 ? 2.257   -11.428 -8.406  1.00   24.25 ? 46  G   A C8    1 
ATOM   656  N  N7    . G   A 1 32 ? 2.240   -11.851 -7.173  1.00   25.27 ? 46  G   A N7    1 
ATOM   657  C  C5    . G   A 1 32 ? 2.667   -10.771 -6.418  1.00   25.19 ? 46  G   A C5    1 
ATOM   658  C  C6    . G   A 1 32 ? 2.839   -10.631 -5.003  1.00   26.44 ? 46  G   A C6    1 
ATOM   659  O  O6    . G   A 1 32 ? 2.642   -11.498 -4.129  1.00   27.40 ? 46  G   A O6    1 
ATOM   660  N  N1    . G   A 1 32 ? 3.296   -9.341  -4.634  1.00   25.05 ? 46  G   A N1    1 
ATOM   661  C  C2    . G   A 1 32 ? 3.550   -8.311  -5.524  1.00   23.51 ? 46  G   A C2    1 
ATOM   662  N  N2    . G   A 1 32 ? 3.983   -7.139  -5.023  1.00   24.12 ? 46  G   A N2    1 
ATOM   663  N  N3    . G   A 1 32 ? 3.390   -8.448  -6.847  1.00   27.13 ? 46  G   A N3    1 
ATOM   664  C  C4    . G   A 1 32 ? 2.944   -9.689  -7.229  1.00   24.49 ? 46  G   A C4    1 
ATOM   665  P  P     . U   A 1 33 ? 5.597   -11.919 -12.938 1.00   33.66 ? 47  U   A P     1 
ATOM   666  O  OP1   . U   A 1 33 ? 6.029   -11.614 -14.338 1.00   35.04 ? 47  U   A OP1   1 
ATOM   667  O  OP2   . U   A 1 33 ? 4.898   -13.178 -12.629 1.00   33.44 ? 47  U   A OP2   1 
ATOM   668  O  "O5'" . U   A 1 33 ? 6.798   -11.801 -11.913 1.00   33.84 ? 47  U   A "O5'" 1 
ATOM   669  C  "C5'" . U   A 1 33 ? 7.778   -10.791 -12.043 1.00   35.53 ? 47  U   A "C5'" 1 
ATOM   670  C  "C4'" . U   A 1 33 ? 8.921   -11.143 -11.117 1.00   38.99 ? 47  U   A "C4'" 1 
ATOM   671  O  "O4'" . U   A 1 33 ? 8.504   -11.000 -9.735  1.00   39.63 ? 47  U   A "O4'" 1 
ATOM   672  C  "C3'" . U   A 1 33 ? 9.387   -12.594 -11.261 1.00   40.49 ? 47  U   A "C3'" 1 
ATOM   673  O  "O3'" . U   A 1 33 ? 10.808  -12.660 -11.202 1.00   43.46 ? 47  U   A "O3'" 1 
ATOM   674  C  "C2'" . U   A 1 33 ? 8.761   -13.315 -10.076 1.00   39.57 ? 47  U   A "C2'" 1 
ATOM   675  O  "O2'" . U   A 1 33 ? 9.533   -14.410 -9.619  1.00   41.02 ? 47  U   A "O2'" 1 
ATOM   676  C  "C1'" . U   A 1 33 ? 8.766   -12.205 -9.032  1.00   39.77 ? 47  U   A "C1'" 1 
ATOM   677  N  N1    . U   A 1 33 ? 7.854   -12.495 -7.882  1.00   39.34 ? 47  U   A N1    1 
ATOM   678  C  C2    . U   A 1 33 ? 8.310   -12.280 -6.588  1.00   39.33 ? 47  U   A C2    1 
ATOM   679  O  O2    . U   A 1 33 ? 9.410   -11.812 -6.322  1.00   37.66 ? 47  U   A O2    1 
ATOM   680  N  N3    . U   A 1 33 ? 7.406   -12.609 -5.599  1.00   38.92 ? 47  U   A N3    1 
ATOM   681  C  C4    . U   A 1 33 ? 6.137   -13.120 -5.761  1.00   38.63 ? 47  U   A C4    1 
ATOM   682  O  O4    . U   A 1 33 ? 5.466   -13.361 -4.768  1.00   39.15 ? 47  U   A O4    1 
ATOM   683  C  C5    . U   A 1 33 ? 5.734   -13.343 -7.132  1.00   39.59 ? 47  U   A C5    1 
ATOM   684  C  C6    . U   A 1 33 ? 6.588   -13.030 -8.116  1.00   40.37 ? 47  U   A C6    1 
ATOM   685  P  P     . U   A 1 34 ? 11.675  -12.699 -12.549 1.00   46.56 ? 48  U   A P     1 
ATOM   686  O  OP1   . U   A 1 34 ? 12.966  -12.061 -12.211 1.00   43.46 ? 48  U   A OP1   1 
ATOM   687  O  OP2   . U   A 1 34 ? 10.892  -12.159 -13.693 1.00   45.06 ? 48  U   A OP2   1 
ATOM   688  O  "O5'" . U   A 1 34 ? 11.877  -14.268 -12.740 1.00   44.65 ? 48  U   A "O5'" 1 
ATOM   689  C  "C5'" . U   A 1 34 ? 10.879  -15.026 -13.401 1.00   49.18 ? 48  U   A "C5'" 1 
ATOM   690  C  "C4'" . U   A 1 34 ? 11.100  -16.512 -13.172 1.00   51.60 ? 48  U   A "C4'" 1 
ATOM   691  O  "O4'" . U   A 1 34 ? 12.230  -16.965 -13.960 1.00   52.71 ? 48  U   A "O4'" 1 
ATOM   692  C  "C3'" . U   A 1 34 ? 11.415  -16.935 -11.739 1.00   52.01 ? 48  U   A "C3'" 1 
ATOM   693  O  "O3'" . U   A 1 34 ? 10.601  -18.057 -11.387 1.00   51.89 ? 48  U   A "O3'" 1 
ATOM   694  C  "C2'" . U   A 1 34 ? 12.895  -17.309 -11.779 1.00   52.34 ? 48  U   A "C2'" 1 
ATOM   695  O  "O2'" . U   A 1 34 ? 13.224  -18.272 -10.797 1.00   51.71 ? 48  U   A "O2'" 1 
ATOM   696  C  "C1'" . U   A 1 34 ? 12.971  -17.884 -13.187 1.00   53.29 ? 48  U   A "C1'" 1 
ATOM   697  N  N1    . U   A 1 34 ? 14.306  -17.953 -13.836 1.00   55.12 ? 48  U   A N1    1 
ATOM   698  C  C2    . U   A 1 34 ? 14.480  -18.843 -14.890 1.00   57.03 ? 48  U   A C2    1 
ATOM   699  O  O2    . U   A 1 34 ? 13.604  -19.594 -15.315 1.00   57.36 ? 48  U   A O2    1 
ATOM   700  N  N3    . U   A 1 34 ? 15.743  -18.824 -15.444 1.00   57.94 ? 48  U   A N3    1 
ATOM   701  C  C4    . U   A 1 34 ? 16.815  -18.030 -15.056 1.00   57.63 ? 48  U   A C4    1 
ATOM   702  O  O4    . U   A 1 34 ? 17.888  -18.130 -15.644 1.00   57.65 ? 48  U   A O4    1 
ATOM   703  C  C5    . U   A 1 34 ? 16.547  -17.126 -13.964 1.00   57.06 ? 48  U   A C5    1 
ATOM   704  C  C6    . U   A 1 34 ? 15.327  -17.124 -13.410 1.00   56.39 ? 48  U   A C6    1 
ATOM   705  P  P     . U   A 1 35 ? 9.395   -17.871 -10.354 1.00   51.81 ? 49  U   A P     1 
ATOM   706  O  OP1   . U   A 1 35 ? 8.761   -19.189 -10.093 1.00   50.09 ? 49  U   A OP1   1 
ATOM   707  O  OP2   . U   A 1 35 ? 8.571   -16.726 -10.811 1.00   51.26 ? 49  U   A OP2   1 
ATOM   708  O  "O5'" . U   A 1 35 ? 10.182  -17.395 -9.041  1.00   49.40 ? 49  U   A "O5'" 1 
ATOM   709  C  "C5'" . U   A 1 35 ? 11.002  -18.294 -8.282  1.00   47.86 ? 49  U   A "C5'" 1 
ATOM   710  C  "C4'" . U   A 1 35 ? 11.303  -17.668 -6.932  1.00   45.33 ? 49  U   A "C4'" 1 
ATOM   711  O  "O4'" . U   A 1 35 ? 12.371  -16.695 -7.065  1.00   44.88 ? 49  U   A "O4'" 1 
ATOM   712  C  "C3'" . U   A 1 35 ? 10.126  -16.919 -6.312  1.00   45.24 ? 49  U   A "C3'" 1 
ATOM   713  O  "O3'" . U   A 1 35 ? 9.991   -17.382 -4.991  1.00   46.67 ? 49  U   A "O3'" 1 
ATOM   714  C  "C2'" . U   A 1 35 ? 10.527  -15.440 -6.374  1.00   43.20 ? 49  U   A "C2'" 1 
ATOM   715  O  "O2'" . U   A 1 35 ? 10.004  -14.671 -5.294  1.00   41.07 ? 49  U   A "O2'" 1 
ATOM   716  C  "C1'" . U   A 1 35 ? 12.050  -15.547 -6.299  1.00   41.93 ? 49  U   A "C1'" 1 
ATOM   717  N  N1    . U   A 1 35 ? 12.851  -14.394 -6.835  1.00   39.05 ? 49  U   A N1    1 
ATOM   718  C  C2    . U   A 1 35 ? 13.873  -13.922 -6.047  1.00   36.96 ? 49  U   A C2    1 
ATOM   719  O  O2    . U   A 1 35 ? 14.126  -14.396 -4.958  1.00   38.99 ? 49  U   A O2    1 
ATOM   720  N  N3    . U   A 1 35 ? 14.576  -12.867 -6.561  1.00   37.62 ? 49  U   A N3    1 
ATOM   721  C  C4    . U   A 1 35 ? 14.378  -12.259 -7.790  1.00   36.46 ? 49  U   A C4    1 
ATOM   722  O  O4    . U   A 1 35 ? 15.110  -11.321 -8.118  1.00   35.50 ? 49  U   A O4    1 
ATOM   723  C  C5    . U   A 1 35 ? 13.282  -12.809 -8.567  1.00   37.02 ? 49  U   A C5    1 
ATOM   724  C  C6    . U   A 1 35 ? 12.575  -13.834 -8.073  1.00   37.60 ? 49  U   A C6    1 
ATOM   725  P  P     . C   A 1 36 ? 8.545   -17.427 -4.339  1.00   48.64 ? 50  C   A P     1 
ATOM   726  O  OP1   . C   A 1 36 ? 7.846   -18.598 -4.894  1.00   49.15 ? 50  C   A OP1   1 
ATOM   727  O  OP2   . C   A 1 36 ? 7.936   -16.067 -4.405  1.00   49.18 ? 50  C   A OP2   1 
ATOM   728  O  "O5'" . C   A 1 36 ? 8.868   -17.676 -2.803  1.00   49.42 ? 50  C   A "O5'" 1 
ATOM   729  C  "C5'" . C   A 1 36 ? 9.176   -18.967 -2.307  1.00   49.27 ? 50  C   A "C5'" 1 
ATOM   730  C  "C4'" . C   A 1 36 ? 9.919   -18.752 -1.013  1.00   48.82 ? 50  C   A "C4'" 1 
ATOM   731  O  "O4'" . C   A 1 36 ? 11.176  -18.084 -1.296  1.00   48.81 ? 50  C   A "O4'" 1 
ATOM   732  C  "C3'" . C   A 1 36 ? 9.219   -17.795 -0.066  1.00   48.33 ? 50  C   A "C3'" 1 
ATOM   733  O  "O3'" . C   A 1 36 ? 8.233   -18.490 0.655   1.00   47.70 ? 50  C   A "O3'" 1 
ATOM   734  C  "C2'" . C   A 1 36 ? 10.389  -17.376 0.809   1.00   48.58 ? 50  C   A "C2'" 1 
ATOM   735  O  "O2'" . C   A 1 36 ? 10.770  -18.391 1.717   1.00   49.34 ? 50  C   A "O2'" 1 
ATOM   736  C  "C1'" . C   A 1 36 ? 11.492  -17.200 -0.234  1.00   47.98 ? 50  C   A "C1'" 1 
ATOM   737  N  N1    . C   A 1 36 ? 11.688  -15.795 -0.771  1.00   45.98 ? 50  C   A N1    1 
ATOM   738  C  C2    . C   A 1 36 ? 12.096  -14.756 0.091   1.00   46.05 ? 50  C   A C2    1 
ATOM   739  O  O2    . C   A 1 36 ? 12.277  -14.979 1.300   1.00   44.90 ? 50  C   A O2    1 
ATOM   740  N  N3    . C   A 1 36 ? 12.277  -13.508 -0.432  1.00   45.67 ? 50  C   A N3    1 
ATOM   741  C  C4    . C   A 1 36 ? 12.079  -13.277 -1.738  1.00   45.17 ? 50  C   A C4    1 
ATOM   742  N  N4    . C   A 1 36 ? 12.275  -12.035 -2.189  1.00   44.63 ? 50  C   A N4    1 
ATOM   743  C  C5    . C   A 1 36 ? 11.682  -14.321 -2.631  1.00   45.45 ? 50  C   A C5    1 
ATOM   744  C  C6    . C   A 1 36 ? 11.506  -15.544 -2.108  1.00   45.15 ? 50  C   A C6    1 
ATOM   745  P  P     . U   A 1 37 ? 6.728   -17.965 0.727   1.00   48.91 ? 51  U   A P     1 
ATOM   746  O  OP1   . U   A 1 37 ? 5.945   -18.890 1.577   1.00   47.75 ? 51  U   A OP1   1 
ATOM   747  O  OP2   . U   A 1 37 ? 6.268   -17.670 -0.649  1.00   48.81 ? 51  U   A OP2   1 
ATOM   748  O  "O5'" . U   A 1 37 ? 6.878   -16.585 1.507   1.00   47.43 ? 51  U   A "O5'" 1 
ATOM   749  C  "C5'" . U   A 1 37 ? 6.988   -16.556 2.926   1.00   45.87 ? 51  U   A "C5'" 1 
ATOM   750  C  "C4'" . U   A 1 37 ? 7.656   -15.270 3.364   1.00   43.65 ? 51  U   A "C4'" 1 
ATOM   751  O  "O4'" . U   A 1 37 ? 8.827   -15.033 2.542   1.00   43.28 ? 51  U   A "O4'" 1 
ATOM   752  C  "C3'" . U   A 1 37 ? 6.842   -13.997 3.176   1.00   43.53 ? 51  U   A "C3'" 1 
ATOM   753  O  "O3'" . U   A 1 37 ? 5.888   -13.773 4.221   1.00   42.33 ? 51  U   A "O3'" 1 
ATOM   754  C  "C2'" . U   A 1 37 ? 7.970   -12.975 3.221   1.00   42.78 ? 51  U   A "C2'" 1 
ATOM   755  O  "O2'" . U   A 1 37 ? 8.444   -12.763 4.528   1.00   43.59 ? 51  U   A "O2'" 1 
ATOM   756  C  "C1'" . U   A 1 37 ? 9.049   -13.641 2.372   1.00   42.41 ? 51  U   A "C1'" 1 
ATOM   757  N  N1    . U   A 1 37 ? 8.962   -13.245 0.919   1.00   40.46 ? 51  U   A N1    1 
ATOM   758  C  C2    . U   A 1 37 ? 9.352   -11.974 0.515   1.00   39.38 ? 51  U   A C2    1 
ATOM   759  O  O2    . U   A 1 37 ? 9.774   -11.109 1.268   1.00   38.94 ? 51  U   A O2    1 
ATOM   760  N  N3    . U   A 1 37 ? 9.221   -11.739 -0.826  1.00   38.63 ? 51  U   A N3    1 
ATOM   761  C  C4    . U   A 1 37 ? 8.749   -12.623 -1.786  1.00   39.58 ? 51  U   A C4    1 
ATOM   762  O  O4    . U   A 1 37 ? 8.695   -12.279 -2.957  1.00   40.74 ? 51  U   A O4    1 
ATOM   763  C  C5    . U   A 1 37 ? 8.373   -13.929 -1.303  1.00   41.05 ? 51  U   A C5    1 
ATOM   764  C  C6    . U   A 1 37 ? 8.490   -14.173 0.004   1.00   41.12 ? 51  U   A C6    1 
ATOM   765  P  P     . A   A 1 38 ? 4.494   -13.016 3.958   1.00   42.36 ? 52  A   A P     1 
ATOM   766  O  OP1   . A   A 1 38 ? 3.713   -13.130 5.207   1.00   41.33 ? 52  A   A OP1   1 
ATOM   767  O  OP2   . A   A 1 38 ? 3.885   -13.457 2.676   1.00   41.34 ? 52  A   A OP2   1 
ATOM   768  O  "O5'" . A   A 1 38 ? 4.951   -11.484 3.801   1.00   39.86 ? 52  A   A "O5'" 1 
ATOM   769  C  "C5'" . A   A 1 38 ? 5.636   -10.801 4.863   1.00   36.13 ? 52  A   A "C5'" 1 
ATOM   770  C  "C4'" . A   A 1 38 ? 6.170   -9.462  4.373   1.00   34.10 ? 52  A   A "C4'" 1 
ATOM   771  O  "O4'" . A   A 1 38 ? 7.097   -9.671  3.287   1.00   33.16 ? 52  A   A "O4'" 1 
ATOM   772  C  "C3'" . A   A 1 38 ? 5.100   -8.554  3.788   1.00   31.98 ? 52  A   A "C3'" 1 
ATOM   773  O  "O3'" . A   A 1 38 ? 4.565   -7.780  4.827   1.00   31.88 ? 52  A   A "O3'" 1 
ATOM   774  C  "C2'" . A   A 1 38 ? 5.871   -7.696  2.800   1.00   32.32 ? 52  A   A "C2'" 1 
ATOM   775  O  "O2'" . A   A 1 38 ? 6.569   -6.657  3.461   1.00   32.09 ? 52  A   A "O2'" 1 
ATOM   776  C  "C1'" . A   A 1 38 ? 6.860   -8.720  2.257   1.00   32.21 ? 52  A   A "C1'" 1 
ATOM   777  N  N9    . A   A 1 38 ? 6.508   -9.423  1.008   1.00   33.15 ? 52  A   A N9    1 
ATOM   778  C  C8    . A   A 1 38 ? 6.042   -10.705 0.862   1.00   32.09 ? 52  A   A C8    1 
ATOM   779  N  N7    . A   A 1 38 ? 5.861   -11.080 -0.384  1.00   32.15 ? 52  A   A N7    1 
ATOM   780  C  C5    . A   A 1 38 ? 6.215   -9.964  -1.122  1.00   30.88 ? 52  A   A C5    1 
ATOM   781  C  C6    . A   A 1 38 ? 6.242   -9.712  -2.518  1.00   31.48 ? 52  A   A C6    1 
ATOM   782  N  N6    . A   A 1 38 ? 5.880   -10.594 -3.470  1.00   28.02 ? 52  A   A N6    1 
ATOM   783  N  N1    . A   A 1 38 ? 6.660   -8.487  -2.900  1.00   30.31 ? 52  A   A N1    1 
ATOM   784  C  C2    . A   A 1 38 ? 7.010   -7.572  -1.978  1.00   30.38 ? 52  A   A C2    1 
ATOM   785  N  N3    . A   A 1 38 ? 7.042   -7.690  -0.651  1.00   29.09 ? 52  A   A N3    1 
ATOM   786  C  C4    . A   A 1 38 ? 6.628   -8.928  -0.285  1.00   31.69 ? 52  A   A C4    1 
ATOM   787  P  P     . C   A 1 39 ? 2.994   -7.584  4.906   1.00   32.14 ? 53  C   A P     1 
ATOM   788  O  OP1   . C   A 1 39 ? 2.820   -6.887  6.205   1.00   33.10 ? 53  C   A OP1   1 
ATOM   789  O  OP2   . C   A 1 39 ? 2.260   -8.825  4.570   1.00   30.98 ? 53  C   A OP2   1 
ATOM   790  O  "O5'" . C   A 1 39 ? 2.610   -6.564  3.728   1.00   28.88 ? 53  C   A "O5'" 1 
ATOM   791  C  "C5'" . C   A 1 39 ? 3.079   -5.223  3.734   1.00   26.09 ? 53  C   A "C5'" 1 
ATOM   792  C  "C4'" . C   A 1 39 ? 2.947   -4.666  2.330   1.00   24.32 ? 53  C   A "C4'" 1 
ATOM   793  O  "O4'" . C   A 1 39 ? 3.850   -5.482  1.553   1.00   23.25 ? 53  C   A "O4'" 1 
ATOM   794  C  "C3'" . C   A 1 39 ? 1.600   -4.827  1.642   1.00   25.48 ? 53  C   A "C3'" 1 
ATOM   795  O  "O3'" . C   A 1 39 ? 0.668   -3.778  2.028   1.00   26.68 ? 53  C   A "O3'" 1 
ATOM   796  C  "C2'" . C   A 1 39 ? 2.062   -4.740  0.180   1.00   26.26 ? 53  C   A "C2'" 1 
ATOM   797  O  "O2'" . C   A 1 39 ? 2.262   -3.383  -0.236  1.00   26.04 ? 53  C   A "O2'" 1 
ATOM   798  C  "C1'" . C   A 1 39 ? 3.358   -5.551  0.236   1.00   26.68 ? 53  C   A "C1'" 1 
ATOM   799  N  N1    . C   A 1 39 ? 3.142   -6.996  -0.150  1.00   27.19 ? 53  C   A N1    1 
ATOM   800  C  C2    . C   A 1 39 ? 3.396   -7.395  -1.479  1.00   30.18 ? 53  C   A C2    1 
ATOM   801  O  O2    . C   A 1 39 ? 3.827   -6.569  -2.299  1.00   29.01 ? 53  C   A O2    1 
ATOM   802  N  N3    . C   A 1 39 ? 3.171   -8.686  -1.827  1.00   29.84 ? 53  C   A N3    1 
ATOM   803  C  C4    . C   A 1 39 ? 2.732   -9.562  -0.916  1.00   30.27 ? 53  C   A C4    1 
ATOM   804  N  N4    . C   A 1 39 ? 2.522   -10.828 -1.291  1.00   27.00 ? 53  C   A N4    1 
ATOM   805  C  C5    . C   A 1 39 ? 2.456   -9.187  0.433   1.00   30.36 ? 53  C   A C5    1 
ATOM   806  C  C6    . C   A 1 39 ? 2.680   -7.907  0.764   1.00   30.27 ? 53  C   A C6    1 
ATOM   807  P  P     . C   A 1 40 ? -0.567  -3.945  3.065   1.00   29.32 ? 54  C   A P     1 
ATOM   808  O  OP1   . C   A 1 40 ? -0.637  -5.377  3.498   1.00   36.54 ? 54  C   A OP1   1 
ATOM   809  O  OP2   . C   A 1 40 ? -1.774  -3.374  2.478   1.00   34.61 ? 54  C   A OP2   1 
ATOM   810  O  "O5'" . C   A 1 40 ? -0.160  -2.831  4.168   1.00   35.28 ? 54  C   A "O5'" 1 
ATOM   811  C  "C5'" . C   A 1 40 ? 0.411   -3.019  5.441   1.00   32.65 ? 54  C   A "C5'" 1 
ATOM   812  C  "C4'" . C   A 1 40 ? 1.565   -2.056  5.741   1.00   29.58 ? 54  C   A "C4'" 1 
ATOM   813  O  "O4'" . C   A 1 40 ? 2.496   -2.124  4.647   1.00   26.36 ? 54  C   A "O4'" 1 
ATOM   814  C  "C3'" . C   A 1 40 ? 1.404   -0.535  5.904   1.00   30.03 ? 54  C   A "C3'" 1 
ATOM   815  O  "O3'" . C   A 1 40 ? 0.802   -0.165  7.145   1.00   30.29 ? 54  C   A "O3'" 1 
ATOM   816  C  "C2'" . C   A 1 40 ? 2.890   -0.223  5.961   1.00   26.58 ? 54  C   A "C2'" 1 
ATOM   817  O  "O2'" . C   A 1 40 ? 3.531   -0.607  7.158   1.00   25.62 ? 54  C   A "O2'" 1 
ATOM   818  C  "C1'" . C   A 1 40 ? 3.428   -1.078  4.818   1.00   26.03 ? 54  C   A "C1'" 1 
ATOM   819  N  N1    . C   A 1 40 ? 3.554   -0.246  3.561   1.00   23.23 ? 54  C   A N1    1 
ATOM   820  C  C2    . C   A 1 40 ? 4.591   0.707   3.511   1.00   22.24 ? 54  C   A C2    1 
ATOM   821  O  O2    . C   A 1 40 ? 5.348   0.819   4.480   1.00   22.97 ? 54  C   A O2    1 
ATOM   822  N  N3    . C   A 1 40 ? 4.717   1.468   2.388   1.00   23.18 ? 54  C   A N3    1 
ATOM   823  C  C4    . C   A 1 40 ? 3.863   1.307   1.368   1.00   24.54 ? 54  C   A C4    1 
ATOM   824  N  N4    . C   A 1 40 ? 4.034   2.075   0.287   1.00   24.63 ? 54  C   A N4    1 
ATOM   825  C  C5    . C   A 1 40 ? 2.790   0.342   1.398   1.00   23.11 ? 54  C   A C5    1 
ATOM   826  C  C6    . C   A 1 40 ? 2.690   -0.402  2.505   1.00   23.30 ? 54  C   A C6    1 
ATOM   827  P  P     . G   A 1 41 ? 0.195   1.281   7.486   1.00   30.08 ? 55  G   A P     1 
ATOM   828  O  OP1   . G   A 1 41 ? -0.518  1.029   8.776   1.00   29.53 ? 55  G   A OP1   1 
ATOM   829  O  OP2   . G   A 1 41 ? -0.574  1.837   6.367   1.00   26.05 ? 55  G   A OP2   1 
ATOM   830  O  "O5'" . G   A 1 41 ? 1.435   2.185   7.835   1.00   26.45 ? 55  G   A "O5'" 1 
ATOM   831  C  "C5'" . G   A 1 41 ? 2.146   2.068   9.064   1.00   27.70 ? 55  G   A "C5'" 1 
ATOM   832  C  "C4'" . G   A 1 41 ? 3.273   3.078   9.134   1.00   26.17 ? 55  G   A "C4'" 1 
ATOM   833  O  "O4'" . G   A 1 41 ? 4.175   2.931   8.001   1.00   24.52 ? 55  G   A "O4'" 1 
ATOM   834  C  "C3'" . G   A 1 41 ? 2.785   4.507   8.982   1.00   27.09 ? 55  G   A "C3'" 1 
ATOM   835  O  "O3'" . G   A 1 41 ? 2.267   5.036   10.215  1.00   25.03 ? 55  G   A "O3'" 1 
ATOM   836  C  "C2'" . G   A 1 41 ? 4.055   5.231   8.583   1.00   22.35 ? 55  G   A "C2'" 1 
ATOM   837  O  "O2'" . G   A 1 41 ? 5.000   5.342   9.616   1.00   26.40 ? 55  G   A "O2'" 1 
ATOM   838  C  "C1'" . G   A 1 41 ? 4.612   4.231   7.606   1.00   23.23 ? 55  G   A "C1'" 1 
ATOM   839  N  N9    . G   A 1 41 ? 4.254   4.388   6.203   1.00   18.61 ? 55  G   A N9    1 
ATOM   840  C  C8    . G   A 1 41 ? 3.277   3.691   5.521   1.00   18.90 ? 55  G   A C8    1 
ATOM   841  N  N7    . G   A 1 41 ? 3.191   3.996   4.250   1.00   21.97 ? 55  G   A N7    1 
ATOM   842  C  C5    . G   A 1 41 ? 4.179   4.984   4.060   1.00   19.08 ? 55  G   A C5    1 
ATOM   843  C  C6    . G   A 1 41 ? 4.571   5.678   2.874   1.00   18.10 ? 55  G   A C6    1 
ATOM   844  O  O6    . G   A 1 41 ? 4.104   5.543   1.726   1.00   19.31 ? 55  G   A O6    1 
ATOM   845  N  N1    . G   A 1 41 ? 5.623   6.563   3.104   1.00   16.26 ? 55  G   A N1    1 
ATOM   846  C  C2    . G   A 1 41 ? 6.203   6.771   4.341   1.00   19.33 ? 55  G   A C2    1 
ATOM   847  N  N2    . G   A 1 41 ? 7.181   7.676   4.444   1.00   20.13 ? 55  G   A N2    1 
ATOM   848  N  N3    . G   A 1 41 ? 5.833   6.127   5.465   1.00   21.78 ? 55  G   A N3    1 
ATOM   849  C  C4    . G   A 1 41 ? 4.843   5.229   5.242   1.00   20.40 ? 55  G   A C4    1 
ATOM   850  P  P     . G   A 1 42 ? 1.038   6.020   10.165  1.00   26.82 ? 56  G   A P     1 
ATOM   851  O  OP1   . G   A 1 42 ? 0.583   6.029   11.579  1.00   28.47 ? 56  G   A OP1   1 
ATOM   852  O  OP2   . G   A 1 42 ? 0.140   5.831   9.013   1.00   25.83 ? 56  G   A OP2   1 
ATOM   853  O  "O5'" . G   A 1 42 ? 1.660   7.447   9.816   1.00   27.15 ? 56  G   A "O5'" 1 
ATOM   854  C  "C5'" . G   A 1 42 ? 2.465   8.157   10.773  1.00   27.01 ? 56  G   A "C5'" 1 
ATOM   855  C  "C4'" . G   A 1 42 ? 3.268   9.202   10.021  1.00   25.68 ? 56  G   A "C4'" 1 
ATOM   856  O  "O4'" . G   A 1 42 ? 4.097   8.512   9.035   1.00   24.59 ? 56  G   A "O4'" 1 
ATOM   857  C  "C3'" . G   A 1 42 ? 2.513   10.240  9.195   1.00   24.00 ? 56  G   A "C3'" 1 
ATOM   858  O  "O3'" . G   A 1 42 ? 1.973   11.274  10.030  1.00   23.91 ? 56  G   A "O3'" 1 
ATOM   859  C  "C2'" . G   A 1 42 ? 3.680   10.707  8.338   1.00   24.05 ? 56  G   A "C2'" 1 
ATOM   860  O  "O2'" . G   A 1 42 ? 4.610   11.461  9.112   1.00   23.57 ? 56  G   A "O2'" 1 
ATOM   861  C  "C1'" . G   A 1 42 ? 4.286   9.366   7.928   1.00   23.54 ? 56  G   A "C1'" 1 
ATOM   862  N  N9    . G   A 1 42 ? 3.621   8.804   6.738   1.00   25.69 ? 56  G   A N9    1 
ATOM   863  C  C8    . G   A 1 42 ? 2.637   7.818   6.694   1.00   25.42 ? 56  G   A C8    1 
ATOM   864  N  N7    . G   A 1 42 ? 2.209   7.558   5.480   1.00   22.91 ? 56  G   A N7    1 
ATOM   865  C  C5    . G   A 1 42 ? 2.958   8.406   4.670   1.00   22.81 ? 56  G   A C5    1 
ATOM   866  C  C6    . G   A 1 42 ? 2.944   8.571   3.259   1.00   21.67 ? 56  G   A C6    1 
ATOM   867  O  O6    . G   A 1 42 ? 2.247   7.989   2.402   1.00   21.82 ? 56  G   A O6    1 
ATOM   868  N  N1    . G   A 1 42 ? 3.858   9.545   2.839   1.00   21.62 ? 56  G   A N1    1 
ATOM   869  C  C2    . G   A 1 42 ? 4.679   10.273  3.686   1.00   17.97 ? 56  G   A C2    1 
ATOM   870  N  N2    . G   A 1 42 ? 5.453   11.202  3.095   1.00   19.77 ? 56  G   A N2    1 
ATOM   871  N  N3    . G   A 1 42 ? 4.680   10.126  5.000   1.00   22.91 ? 56  G   A N3    1 
ATOM   872  C  C4    . G   A 1 42 ? 3.815   9.174   5.429   1.00   21.49 ? 56  G   A C4    1 
ATOM   873  P  P     . G   A 1 43 ? 0.913   12.273  9.446   1.00   23.64 ? 57  G   A P     1 
ATOM   874  O  OP1   . G   A 1 43 ? 0.499   13.204  10.518  1.00   26.63 ? 57  G   A OP1   1 
ATOM   875  O  OP2   . G   A 1 43 ? -0.113  11.487  8.661   1.00   26.73 ? 57  G   A OP2   1 
ATOM   876  O  "O5'" . G   A 1 43 ? 1.628   13.143  8.311   1.00   22.78 ? 57  G   A "O5'" 1 
ATOM   877  C  "C5'" . G   A 1 43 ? 2.528   14.207  8.712   1.00   21.19 ? 57  G   A "C5'" 1 
ATOM   878  C  "C4'" . G   A 1 43 ? 3.185   14.806  7.484   1.00   20.11 ? 57  G   A "C4'" 1 
ATOM   879  O  "O4'" . G   A 1 43 ? 3.813   13.815  6.625   1.00   20.47 ? 57  G   A "O4'" 1 
ATOM   880  C  "C3'" . G   A 1 43 ? 2.226   15.487  6.550   1.00   21.04 ? 57  G   A "C3'" 1 
ATOM   881  O  "O3'" . G   A 1 43 ? 1.985   16.764  7.061   1.00   23.22 ? 57  G   A "O3'" 1 
ATOM   882  C  "C2'" . G   A 1 43 ? 3.064   15.596  5.299   1.00   19.88 ? 57  G   A "C2'" 1 
ATOM   883  O  "O2'" . G   A 1 43 ? 4.082   16.615  5.399   1.00   20.52 ? 57  G   A "O2'" 1 
ATOM   884  C  "C1'" . G   A 1 43 ? 3.635   14.180  5.260   1.00   18.34 ? 57  G   A "C1'" 1 
ATOM   885  N  N9    . G   A 1 43 ? 2.750   13.166  4.583   1.00   17.38 ? 57  G   A N9    1 
ATOM   886  C  C8    . G   A 1 43 ? 1.987   12.167  5.157   1.00   18.40 ? 57  G   A C8    1 
ATOM   887  N  N7    . G   A 1 43 ? 1.297   11.430  4.256   1.00   14.66 ? 57  G   A N7    1 
ATOM   888  C  C5    . G   A 1 43 ? 1.666   12.004  3.029   1.00   14.01 ? 57  G   A C5    1 
ATOM   889  C  C6    . G   A 1 43 ? 1.270   11.694  1.699   1.00   18.16 ? 57  G   A C6    1 
ATOM   890  O  O6    . G   A 1 43 ? 0.512   10.795  1.328   1.00   19.39 ? 57  G   A O6    1 
ATOM   891  N  N1    . G   A 1 43 ? 1.841   12.531  0.734   1.00   19.23 ? 57  G   A N1    1 
ATOM   892  C  C2    . G   A 1 43 ? 2.701   13.590  1.036   1.00   19.77 ? 57  G   A C2    1 
ATOM   893  N  N2    . G   A 1 43 ? 3.167   14.299  -0.011  1.00   18.23 ? 57  G   A N2    1 
ATOM   894  N  N3    . G   A 1 43 ? 3.086   13.887  2.279   1.00   15.60 ? 57  G   A N3    1 
ATOM   895  C  C4    . G   A 1 43 ? 2.532   13.076  3.223   1.00   17.49 ? 57  G   A C4    1 
ATOM   896  P  P     . C   A 1 44 ? 0.584   17.426  6.894   1.00   25.10 ? 58  C   A P     1 
ATOM   897  O  OP1   . C   A 1 44 ? 0.660   18.774  7.533   1.00   28.85 ? 58  C   A OP1   1 
ATOM   898  O  OP2   . C   A 1 44 ? -0.432  16.447  7.371   1.00   22.50 ? 58  C   A OP2   1 
ATOM   899  O  "O5'" . C   A 1 44 ? 0.378   17.670  5.323   1.00   23.87 ? 58  C   A "O5'" 1 
ATOM   900  C  "C5'" . C   A 1 44 ? 1.129   18.617  4.560   1.00   24.88 ? 58  C   A "C5'" 1 
ATOM   901  C  "C4'" . C   A 1 44 ? 0.926   18.398  3.062   1.00   22.39 ? 58  C   A "C4'" 1 
ATOM   902  O  "O4'" . C   A 1 44 ? 1.454   17.120  2.673   1.00   21.40 ? 58  C   A "O4'" 1 
ATOM   903  C  "C3'" . C   A 1 44 ? -0.503  18.362  2.565   1.00   22.23 ? 58  C   A "C3'" 1 
ATOM   904  O  "O3'" . C   A 1 44 ? -1.026  19.648  2.430   1.00   24.45 ? 58  C   A "O3'" 1 
ATOM   905  C  "C2'" . C   A 1 44 ? -0.250  17.735  1.199   1.00   20.06 ? 58  C   A "C2'" 1 
ATOM   906  O  "O2'" . C   A 1 44 ? 0.430   18.566  0.269   1.00   23.94 ? 58  C   A "O2'" 1 
ATOM   907  C  "C1'" . C   A 1 44 ? 0.667   16.586  1.598   1.00   19.67 ? 58  C   A "C1'" 1 
ATOM   908  N  N1    . C   A 1 44 ? -0.100  15.372  2.066   1.00   16.59 ? 58  C   A N1    1 
ATOM   909  C  C2    . C   A 1 44 ? -0.657  14.562  1.088   1.00   14.46 ? 58  C   A C2    1 
ATOM   910  O  O2    . C   A 1 44 ? -0.529  14.938  -0.081  1.00   16.71 ? 58  C   A O2    1 
ATOM   911  N  N3    . C   A 1 44 ? -1.370  13.480  1.471   1.00   13.53 ? 58  C   A N3    1 
ATOM   912  C  C4    . C   A 1 44 ? -1.528  13.168  2.758   1.00   14.93 ? 58  C   A C4    1 
ATOM   913  N  N4    . C   A 1 44 ? -2.240  12.043  3.038   1.00   15.99 ? 58  C   A N4    1 
ATOM   914  C  C5    . C   A 1 44 ? -0.969  13.994  3.815   1.00   18.62 ? 58  C   A C5    1 
ATOM   915  C  C6    . C   A 1 44 ? -0.253  15.064  3.400   1.00   19.76 ? 58  C   A C6    1 
ATOM   916  P  P     . A   A 1 45 ? -2.562  20.007  2.549   1.00   26.73 ? 59  A   A P     1 
ATOM   917  O  OP1   . A   A 1 45 ? -2.644  21.487  2.592   1.00   31.57 ? 59  A   A OP1   1 
ATOM   918  O  OP2   . A   A 1 45 ? -3.249  19.277  3.621   1.00   24.41 ? 59  A   A OP2   1 
ATOM   919  O  "O5'" . A   A 1 45 ? -3.111  19.457  1.147   1.00   25.87 ? 59  A   A "O5'" 1 
ATOM   920  C  "C5'" . A   A 1 45 ? -2.764  20.031  -0.099  1.00   27.08 ? 59  A   A "C5'" 1 
ATOM   921  C  "C4'" . A   A 1 45 ? -3.234  19.143  -1.248  1.00   23.67 ? 59  A   A "C4'" 1 
ATOM   922  O  "O4'" . A   A 1 45 ? -2.640  17.816  -1.149  1.00   23.58 ? 59  A   A "O4'" 1 
ATOM   923  C  "C3'" . A   A 1 45 ? -4.733  18.938  -1.355  1.00   25.42 ? 59  A   A "C3'" 1 
ATOM   924  O  "O3'" . A   A 1 45 ? -5.319  19.986  -2.165  1.00   25.73 ? 59  A   A "O3'" 1 
ATOM   925  C  "C2'" . A   A 1 45 ? -4.769  17.662  -2.171  1.00   22.28 ? 59  A   A "C2'" 1 
ATOM   926  O  "O2'" . A   A 1 45 ? -4.382  17.807  -3.531  1.00   27.08 ? 59  A   A "O2'" 1 
ATOM   927  C  "C1'" . A   A 1 45 ? -3.657  16.880  -1.509  1.00   23.20 ? 59  A   A "C1'" 1 
ATOM   928  N  N9    . A   A 1 45 ? -4.037  16.070  -0.372  1.00   16.85 ? 59  A   A N9    1 
ATOM   929  C  C8    . A   A 1 45 ? -3.766  16.299  0.957   1.00   13.75 ? 59  A   A C8    1 
ATOM   930  N  N7    . A   A 1 45 ? -4.200  15.368  1.762   1.00   14.91 ? 59  A   A N7    1 
ATOM   931  C  C5    . A   A 1 45 ? -4.823  14.466  0.866   1.00   14.35 ? 59  A   A C5    1 
ATOM   932  C  C6    . A   A 1 45 ? -5.469  13.255  1.051   1.00   14.57 ? 59  A   A C6    1 
ATOM   933  N  N6    . A   A 1 45 ? -5.598  12.675  2.249   1.00   13.40 ? 59  A   A N6    1 
ATOM   934  N  N1    . A   A 1 45 ? -5.974  12.643  -0.032  1.00   14.07 ? 59  A   A N1    1 
ATOM   935  C  C2    . A   A 1 45 ? -5.822  13.151  -1.251  1.00   17.82 ? 59  A   A C2    1 
ATOM   936  N  N3    . A   A 1 45 ? -5.205  14.286  -1.561  1.00   20.52 ? 59  A   A N3    1 
ATOM   937  C  C4    . A   A 1 45 ? -4.729  14.885  -0.444  1.00   17.76 ? 59  A   A C4    1 
ATOM   938  P  P     . C   A 1 46 ? -6.787  20.530  -1.965  1.00   27.86 ? 60  C   A P     1 
ATOM   939  O  OP1   . C   A 1 46 ? -6.923  21.570  -3.014  1.00   27.93 ? 60  C   A OP1   1 
ATOM   940  O  OP2   . C   A 1 46 ? -7.103  20.752  -0.552  1.00   25.48 ? 60  C   A OP2   1 
ATOM   941  O  "O5'" . C   A 1 46 ? -7.841  19.365  -2.431  1.00   26.65 ? 60  C   A "O5'" 1 
ATOM   942  C  "C5'" . C   A 1 46 ? -7.640  18.612  -3.657  1.00   25.29 ? 60  C   A "C5'" 1 
ATOM   943  C  "C4'" . C   A 1 46 ? -8.434  17.300  -3.646  1.00   23.81 ? 60  C   A "C4'" 1 
ATOM   944  O  "O4'" . C   A 1 46 ? -7.688  16.279  -2.937  1.00   23.57 ? 60  C   A "O4'" 1 
ATOM   945  C  "C3'" . C   A 1 46 ? -9.754  17.337  -2.890  1.00   24.33 ? 60  C   A "C3'" 1 
ATOM   946  O  "O3'" . C   A 1 46 ? -10.789 17.800  -3.718  1.00   25.23 ? 60  C   A "O3'" 1 
ATOM   947  C  "C2'" . C   A 1 46 ? -9.978  15.871  -2.492  1.00   21.14 ? 60  C   A "C2'" 1 
ATOM   948  O  "O2'" . C   A 1 46 ? -10.274 15.024  -3.581  1.00   22.71 ? 60  C   A "O2'" 1 
ATOM   949  C  "C1'" . C   A 1 46 ? -8.567  15.542  -2.083  1.00   21.91 ? 60  C   A "C1'" 1 
ATOM   950  N  N1    . C   A 1 46 ? -8.255  15.759  -0.666  1.00   20.43 ? 60  C   A N1    1 
ATOM   951  C  C2    . C   A 1 46 ? -8.634  14.777  0.278   1.00   17.58 ? 60  C   A C2    1 
ATOM   952  O  O2    . C   A 1 46 ? -9.254  13.762  -0.096  1.00   17.78 ? 60  C   A O2    1 
ATOM   953  N  N3    . C   A 1 46 ? -8.311  14.944  1.591   1.00   18.23 ? 60  C   A N3    1 
ATOM   954  C  C4    . C   A 1 46 ? -7.628  16.032  1.980   1.00   20.04 ? 60  C   A C4    1 
ATOM   955  N  N4    . C   A 1 46 ? -7.311  16.141  3.285   1.00   18.89 ? 60  C   A N4    1 
ATOM   956  C  C5    . C   A 1 46 ? -7.258  17.026  1.046   1.00   19.41 ? 60  C   A C5    1 
ATOM   957  C  C6    . C   A 1 46 ? -7.556  16.879  -0.242  1.00   21.08 ? 60  C   A C6    1 
ATOM   958  P  P     . C   A 1 47 ? -12.003 18.582  -3.109  1.00   24.30 ? 61  C   A P     1 
ATOM   959  O  OP1   . C   A 1 47 ? -12.686 19.226  -4.274  1.00   29.09 ? 61  C   A OP1   1 
ATOM   960  O  OP2   . C   A 1 47 ? -11.635 19.397  -1.915  1.00   27.65 ? 61  C   A OP2   1 
ATOM   961  O  "O5'" . C   A 1 47 ? -13.010 17.492  -2.490  1.00   22.94 ? 61  C   A "O5'" 1 
ATOM   962  C  "C5'" . C   A 1 47 ? -13.638 16.485  -3.318  1.00   22.60 ? 61  C   A "C5'" 1 
ATOM   963  C  "C4'" . C   A 1 47 ? -14.058 15.282  -2.466  1.00   21.11 ? 61  C   A "C4'" 1 
ATOM   964  O  "O4'" . C   A 1 47 ? -12.975 14.702  -1.692  1.00   17.96 ? 61  C   A "O4'" 1 
ATOM   965  C  "C3'" . C   A 1 47 ? -15.079 15.598  -1.414  1.00   19.91 ? 61  C   A "C3'" 1 
ATOM   966  O  "O3'" . C   A 1 47 ? -16.296 15.616  -2.113  1.00   25.12 ? 61  C   A "O3'" 1 
ATOM   967  C  "C2'" . C   A 1 47 ? -15.007 14.384  -0.494  1.00   20.34 ? 61  C   A "C2'" 1 
ATOM   968  O  "O2'" . C   A 1 47 ? -15.527 13.235  -1.154  1.00   20.92 ? 61  C   A "O2'" 1 
ATOM   969  C  "C1'" . C   A 1 47 ? -13.515 14.261  -0.457  1.00   15.16 ? 61  C   A "C1'" 1 
ATOM   970  N  N1    . C   A 1 47 ? -12.737 14.977  0.627   1.00   17.47 ? 61  C   A N1    1 
ATOM   971  C  C2    . C   A 1 47 ? -12.551 14.305  1.817   1.00   14.04 ? 61  C   A C2    1 
ATOM   972  O  O2    . C   A 1 47 ? -13.069 13.185  2.004   1.00   20.27 ? 61  C   A O2    1 
ATOM   973  N  N3    . C   A 1 47 ? -11.801 14.914  2.799   1.00   16.90 ? 61  C   A N3    1 
ATOM   974  C  C4    . C   A 1 47 ? -11.249 16.114  2.570   1.00   17.08 ? 61  C   A C4    1 
ATOM   975  N  N4    . C   A 1 47 ? -10.514 16.647  3.546   1.00   17.57 ? 61  C   A N4    1 
ATOM   976  C  C5    . C   A 1 47 ? -11.396 16.821  1.347   1.00   16.46 ? 61  C   A C5    1 
ATOM   977  C  C6    . C   A 1 47 ? -12.158 16.213  0.397   1.00   18.93 ? 61  C   A C6    1 
ATOM   978  P  P     . G   A 1 48 ? -17.162 16.942  -2.079  1.00   27.71 ? 62  G   A P     1 
ATOM   979  O  OP1   . G   A 1 48 ? -18.173 16.748  -3.164  1.00   29.46 ? 62  G   A OP1   1 
ATOM   980  O  OP2   . G   A 1 48 ? -16.283 18.127  -2.043  1.00   26.55 ? 62  G   A OP2   1 
ATOM   981  O  "O5'" . G   A 1 48 ? -17.869 16.766  -0.705  1.00   29.50 ? 62  G   A "O5'" 1 
ATOM   982  C  "C5'" . G   A 1 48 ? -19.023 17.551  -0.478  1.00   35.07 ? 62  G   A "C5'" 1 
ATOM   983  C  "C4'" . G   A 1 48 ? -19.203 17.666  1.009   1.00   37.08 ? 62  G   A "C4'" 1 
ATOM   984  O  "O4'" . G   A 1 48 ? -18.144 18.487  1.560   1.00   35.91 ? 62  G   A "O4'" 1 
ATOM   985  C  "C3'" . G   A 1 48 ? -20.511 18.307  1.432   1.00   38.96 ? 62  G   A "C3'" 1 
ATOM   986  O  "O3'" . G   A 1 48 ? -20.905 17.569  2.565   1.00   42.86 ? 62  G   A "O3'" 1 
ATOM   987  C  "C2'" . G   A 1 48 ? -20.102 19.733  1.778   1.00   38.69 ? 62  G   A "C2'" 1 
ATOM   988  O  "O2'" . G   A 1 48 ? -21.007 20.299  2.706   1.00   39.87 ? 62  G   A "O2'" 1 
ATOM   989  C  "C1'" . G   A 1 48 ? -18.717 19.476  2.396   1.00   37.65 ? 62  G   A "C1'" 1 
ATOM   990  N  N9    . G   A 1 48 ? -17.717 20.546  2.423   1.00   36.71 ? 62  G   A N9    1 
ATOM   991  C  C8    . G   A 1 48 ? -17.432 21.484  1.453   1.00   38.40 ? 62  G   A C8    1 
ATOM   992  N  N7    . G   A 1 48 ? -16.448 22.289  1.771   1.00   39.04 ? 62  G   A N7    1 
ATOM   993  C  C5    . G   A 1 48 ? -16.035 21.851  3.029   1.00   36.78 ? 62  G   A C5    1 
ATOM   994  C  C6    . G   A 1 48 ? -15.005 22.336  3.889   1.00   36.47 ? 62  G   A C6    1 
ATOM   995  O  O6    . G   A 1 48 ? -14.219 23.284  3.697   1.00   36.02 ? 62  G   A O6    1 
ATOM   996  N  N1    . G   A 1 48 ? -14.928 21.603  5.081   1.00   34.43 ? 62  G   A N1    1 
ATOM   997  C  C2    . G   A 1 48 ? -15.739 20.533  5.391   1.00   34.59 ? 62  G   A C2    1 
ATOM   998  N  N2    . G   A 1 48 ? -15.517 19.944  6.566   1.00   32.80 ? 62  G   A N2    1 
ATOM   999  N  N3    . G   A 1 48 ? -16.702 20.072  4.593   1.00   35.58 ? 62  G   A N3    1 
ATOM   1000 C  C4    . G   A 1 48 ? -16.799 20.775  3.434   1.00   37.06 ? 62  G   A C4    1 
ATOM   1001 P  P     . U   A 1 49 ? -22.434 17.484  2.944   1.00   45.18 ? 63  U   A P     1 
ATOM   1002 O  OP1   . U   A 1 49 ? -23.102 17.550  1.625   1.00   45.06 ? 63  U   A OP1   1 
ATOM   1003 O  OP2   . U   A 1 49 ? -22.723 18.448  4.041   1.00   46.61 ? 63  U   A OP2   1 
ATOM   1004 O  "O5'" . U   A 1 49 ? -22.639 16.023  3.564   1.00   43.65 ? 63  U   A "O5'" 1 
ATOM   1005 C  "C5'" . U   A 1 49 ? -22.416 14.849  2.790   1.00   41.51 ? 63  U   A "C5'" 1 
ATOM   1006 C  "C4'" . U   A 1 49 ? -21.920 13.777  3.733   1.00   38.51 ? 63  U   A "C4'" 1 
ATOM   1007 O  "O4'" . U   A 1 49 ? -20.546 14.091  4.050   1.00   36.29 ? 63  U   A "O4'" 1 
ATOM   1008 C  "C3'" . U   A 1 49 ? -22.654 13.730  5.071   1.00   38.90 ? 63  U   A "C3'" 1 
ATOM   1009 O  "O3'" . U   A 1 49 ? -22.838 12.386  5.461   1.00   40.10 ? 63  U   A "O3'" 1 
ATOM   1010 C  "C2'" . U   A 1 49 ? -21.727 14.459  6.039   1.00   37.42 ? 63  U   A "C2'" 1 
ATOM   1011 O  "O2'" . U   A 1 49 ? -21.837 14.001  7.372   1.00   36.51 ? 63  U   A "O2'" 1 
ATOM   1012 C  "C1'" . U   A 1 49 ? -20.375 14.056  5.450   1.00   34.94 ? 63  U   A "C1'" 1 
ATOM   1013 N  N1    . U   A 1 49 ? -19.295 14.994  5.861   1.00   32.31 ? 63  U   A N1    1 
ATOM   1014 C  C2    . U   A 1 49 ? -18.603 14.709  7.025   1.00   30.99 ? 63  U   A C2    1 
ATOM   1015 O  O2    . U   A 1 49 ? -18.808 13.727  7.711   1.00   28.22 ? 63  U   A O2    1 
ATOM   1016 N  N3    . U   A 1 49 ? -17.633 15.617  7.356   1.00   30.50 ? 63  U   A N3    1 
ATOM   1017 C  C4    . U   A 1 49 ? -17.311 16.754  6.655   1.00   29.87 ? 63  U   A C4    1 
ATOM   1018 O  O4    . U   A 1 49 ? -16.420 17.467  7.074   1.00   29.87 ? 63  U   A O4    1 
ATOM   1019 C  C5    . U   A 1 49 ? -18.076 16.996  5.444   1.00   31.51 ? 63  U   A C5    1 
ATOM   1020 C  C6    . U   A 1 49 ? -19.022 16.115  5.106   1.00   30.71 ? 63  U   A C6    1 
ATOM   1021 P  P     . A   A 1 50 ? -24.143 11.632  4.948   1.00   41.91 ? 64  A   A P     1 
ATOM   1022 O  OP1   . A   A 1 50 ? -25.204 12.642  4.748   1.00   41.28 ? 64  A   A OP1   1 
ATOM   1023 O  OP2   . A   A 1 50 ? -24.308 10.447  5.821   1.00   40.80 ? 64  A   A OP2   1 
ATOM   1024 O  "O5'" . A   A 1 50 ? -23.757 11.176  3.470   1.00   40.19 ? 64  A   A "O5'" 1 
ATOM   1025 C  "C5'" . A   A 1 50 ? -23.220 9.901   3.305   1.00   35.36 ? 64  A   A "C5'" 1 
ATOM   1026 C  "C4'" . A   A 1 50 ? -22.710 9.719   1.909   1.00   33.93 ? 64  A   A "C4'" 1 
ATOM   1027 O  "O4'" . A   A 1 50 ? -21.848 10.818  1.529   1.00   33.83 ? 64  A   A "O4'" 1 
ATOM   1028 C  "C3'" . A   A 1 50 ? -21.877 8.449   1.810   1.00   33.86 ? 64  A   A "C3'" 1 
ATOM   1029 O  "O3'" . A   A 1 50 ? -22.730 7.428   1.308   1.00   34.02 ? 64  A   A "O3'" 1 
ATOM   1030 C  "C2'" . A   A 1 50 ? -20.768 8.848   0.839   1.00   31.81 ? 64  A   A "C2'" 1 
ATOM   1031 O  "O2'" . A   A 1 50 ? -21.182 8.675   -0.505  1.00   30.98 ? 64  A   A "O2'" 1 
ATOM   1032 C  "C1'" . A   A 1 50 ? -20.567 10.339  1.139   1.00   31.01 ? 64  A   A "C1'" 1 
ATOM   1033 N  N9    . A   A 1 50 ? -19.609 10.770  2.189   1.00   27.91 ? 64  A   A N9    1 
ATOM   1034 C  C8    . A   A 1 50 ? -19.337 10.223  3.409   1.00   25.53 ? 64  A   A C8    1 
ATOM   1035 N  N7    . A   A 1 50 ? -18.422 10.897  4.110   1.00   23.74 ? 64  A   A N7    1 
ATOM   1036 C  C5    . A   A 1 50 ? -18.097 11.967  3.310   1.00   23.19 ? 64  A   A C5    1 
ATOM   1037 C  C6    . A   A 1 50 ? -17.203 13.064  3.449   1.00   24.94 ? 64  A   A C6    1 
ATOM   1038 N  N6    . A   A 1 50 ? -16.427 13.287  4.535   1.00   23.91 ? 64  A   A N6    1 
ATOM   1039 N  N1    . A   A 1 50 ? -17.135 13.950  2.430   1.00   26.05 ? 64  A   A N1    1 
ATOM   1040 C  C2    . A   A 1 50 ? -17.898 13.771  1.345   1.00   26.99 ? 64  A   A C2    1 
ATOM   1041 N  N3    . A   A 1 50 ? -18.766 12.783  1.107   1.00   26.41 ? 64  A   A N3    1 
ATOM   1042 C  C4    . A   A 1 50 ? -18.818 11.896  2.115   1.00   24.41 ? 64  A   A C4    1 
ATOM   1043 P  P     . A   A 1 51 ? -22.399 5.896   1.563   1.00   35.57 ? 65  A   A P     1 
ATOM   1044 O  OP1   . A   A 1 51 ? -23.509 5.086   0.987   1.00   37.91 ? 65  A   A OP1   1 
ATOM   1045 O  OP2   . A   A 1 51 ? -21.942 5.688   2.948   1.00   37.58 ? 65  A   A OP2   1 
ATOM   1046 O  "O5'" . A   A 1 51 ? -21.122 5.643   0.640   1.00   32.65 ? 65  A   A "O5'" 1 
ATOM   1047 C  "C5'" . A   A 1 51 ? -21.212 5.507   -0.770  1.00   28.78 ? 65  A   A "C5'" 1 
ATOM   1048 C  "C4'" . A   A 1 51 ? -19.819 5.449   -1.382  1.00   24.81 ? 65  A   A "C4'" 1 
ATOM   1049 O  "O4'" . A   A 1 51 ? -19.096 6.684   -1.053  1.00   25.29 ? 65  A   A "O4'" 1 
ATOM   1050 C  "C3'" . A   A 1 51 ? -18.946 4.286   -0.929  1.00   23.47 ? 65  A   A "C3'" 1 
ATOM   1051 O  "O3'" . A   A 1 51 ? -18.128 3.998   -2.022  1.00   21.93 ? 65  A   A "O3'" 1 
ATOM   1052 C  "C2'" . A   A 1 51 ? -18.136 4.916   0.210   1.00   19.81 ? 65  A   A "C2'" 1 
ATOM   1053 O  "O2'" . A   A 1 51 ? -16.918 4.216   0.432   1.00   18.18 ? 65  A   A "O2'" 1 
ATOM   1054 C  "C1'" . A   A 1 51 ? -17.894 6.281   -0.425  1.00   22.21 ? 65  A   A "C1'" 1 
ATOM   1055 N  N9    . A   A 1 51 ? -17.350 7.311   0.473   1.00   18.67 ? 65  A   A N9    1 
ATOM   1056 C  C8    . A   A 1 51 ? -17.318 7.274   1.852   1.00   18.46 ? 65  A   A C8    1 
ATOM   1057 N  N7    . A   A 1 51 ? -16.715 8.349   2.373   1.00   17.71 ? 65  A   A N7    1 
ATOM   1058 C  C5    . A   A 1 51 ? -16.359 9.090   1.248   1.00   17.37 ? 65  A   A C5    1 
ATOM   1059 C  C6    . A   A 1 51 ? -15.662 10.303  1.119   1.00   18.65 ? 65  A   A C6    1 
ATOM   1060 N  N6    . A   A 1 51 ? -15.263 10.977  2.201   1.00   18.10 ? 65  A   A N6    1 
ATOM   1061 N  N1    . A   A 1 51 ? -15.418 10.785  -0.107  1.00   17.65 ? 65  A   A N1    1 
ATOM   1062 C  C2    . A   A 1 51 ? -15.832 10.092  -1.192  1.00   20.30 ? 65  A   A C2    1 
ATOM   1063 N  N3    . A   A 1 51 ? -16.494 8.922   -1.197  1.00   17.01 ? 65  A   A N3    1 
ATOM   1064 C  C4    . A   A 1 51 ? -16.717 8.478   0.070   1.00   18.05 ? 65  A   A C4    1 
ATOM   1065 P  P     . A   A 1 52 ? -17.822 2.567   -2.620  1.00   23.16 ? 66  A   A P     1 
ATOM   1066 O  OP1   . A   A 1 52 ? -18.790 2.451   -3.757  1.00   24.67 ? 66  A   A OP1   1 
ATOM   1067 O  OP2   . A   A 1 52 ? -17.881 1.542   -1.551  1.00   20.65 ? 66  A   A OP2   1 
ATOM   1068 O  "O5'" . A   A 1 52 ? -16.346 2.693   -3.221  1.00   22.10 ? 66  A   A "O5'" 1 
ATOM   1069 C  "C5'" . A   A 1 52 ? -15.186 2.991   -2.399  1.00   20.51 ? 66  A   A "C5'" 1 
ATOM   1070 C  "C4'" . A   A 1 52 ? -14.496 4.209   -3.014  1.00   17.78 ? 66  A   A "C4'" 1 
ATOM   1071 O  "O4'" . A   A 1 52 ? -15.164 5.423   -2.564  1.00   17.85 ? 66  A   A "O4'" 1 
ATOM   1072 C  "C3'" . A   A 1 52 ? -13.082 4.411   -2.545  1.00   15.31 ? 66  A   A "C3'" 1 
ATOM   1073 O  "O3'" . A   A 1 52 ? -12.133 3.501   -3.129  1.00   15.32 ? 66  A   A "O3'" 1 
ATOM   1074 C  "C2'" . A   A 1 52 ? -12.868 5.853   -2.981  1.00   17.44 ? 66  A   A "C2'" 1 
ATOM   1075 O  "O2'" . A   A 1 52 ? -12.761 5.940   -4.397  1.00   19.29 ? 66  A   A "O2'" 1 
ATOM   1076 C  "C1'" . A   A 1 52 ? -14.179 6.455   -2.449  1.00   18.91 ? 66  A   A "C1'" 1 
ATOM   1077 N  N9    . A   A 1 52 ? -13.946 6.844   -1.052  1.00   15.36 ? 66  A   A N9    1 
ATOM   1078 C  C8    . A   A 1 52 ? -14.328 6.213   0.106   1.00   13.83 ? 66  A   A C8    1 
ATOM   1079 N  N7    . A   A 1 52 ? -13.874 6.780   1.228   1.00   15.91 ? 66  A   A N7    1 
ATOM   1080 C  C5    . A   A 1 52 ? -13.138 7.857   0.756   1.00   11.12 ? 66  A   A C5    1 
ATOM   1081 C  C6    . A   A 1 52 ? -12.402 8.887   1.422   1.00   15.15 ? 66  A   A C6    1 
ATOM   1082 N  N6    . A   A 1 52 ? -12.290 8.973   2.768   1.00   18.00 ? 66  A   A N6    1 
ATOM   1083 N  N1    . A   A 1 52 ? -11.785 9.808   0.655   1.00   17.30 ? 66  A   A N1    1 
ATOM   1084 C  C2    . A   A 1 52 ? -11.898 9.713   -0.673  1.00   17.99 ? 66  A   A C2    1 
ATOM   1085 N  N3    . A   A 1 52 ? -12.541 8.801   -1.411  1.00   15.97 ? 66  A   A N3    1 
ATOM   1086 C  C4    . A   A 1 52 ? -13.166 7.902   -0.634  1.00   14.03 ? 66  A   A C4    1 
ATOM   1087 P  P     . U   A 1 53 ? -11.089 2.690   -2.272  1.00   15.06 ? 67  U   A P     1 
ATOM   1088 O  OP1   . U   A 1 53 ? -10.147 1.911   -3.043  1.00   13.65 ? 67  U   A OP1   1 
ATOM   1089 O  OP2   . U   A 1 53 ? -11.805 1.931   -1.207  1.00   16.29 ? 67  U   A OP2   1 
ATOM   1090 O  "O5'" . U   A 1 53 ? -10.294 3.869   -1.507  1.00   17.33 ? 67  U   A "O5'" 1 
ATOM   1091 C  "C5'" . U   A 1 53 ? -9.073  4.365   -2.021  1.00   16.92 ? 67  U   A "C5'" 1 
ATOM   1092 C  "C4'" . U   A 1 53 ? -9.255  5.634   -2.837  1.00   16.20 ? 67  U   A "C4'" 1 
ATOM   1093 O  "O4'" . U   A 1 53 ? -9.793  6.724   -2.017  1.00   18.02 ? 67  U   A "O4'" 1 
ATOM   1094 C  "C3'" . U   A 1 53 ? -7.924  6.197   -3.333  1.00   17.90 ? 67  U   A "C3'" 1 
ATOM   1095 O  "O3'" . U   A 1 53 ? -7.471  5.512   -4.525  1.00   18.51 ? 67  U   A "O3'" 1 
ATOM   1096 C  "C2'" . U   A 1 53 ? -8.288  7.629   -3.604  1.00   16.40 ? 67  U   A "C2'" 1 
ATOM   1097 O  "O2'" . U   A 1 53 ? -8.986  7.752   -4.834  1.00   17.24 ? 67  U   A "O2'" 1 
ATOM   1098 C  "C1'" . U   A 1 53 ? -9.193  7.952   -2.430  1.00   12.58 ? 67  U   A "C1'" 1 
ATOM   1099 N  N1    . U   A 1 53 ? -8.447  8.458   -1.227  1.00   15.23 ? 67  U   A N1    1 
ATOM   1100 C  C2    . U   A 1 53 ? -7.845  9.689   -1.278  1.00   17.26 ? 67  U   A C2    1 
ATOM   1101 O  O2    . U   A 1 53 ? -7.775  10.402  -2.265  1.00   19.14 ? 67  U   A O2    1 
ATOM   1102 N  N3    . U   A 1 53 ? -7.235  10.071  -0.093  1.00   17.72 ? 67  U   A N3    1 
ATOM   1103 C  C4    . U   A 1 53 ? -7.182  9.345   1.067   1.00   18.21 ? 67  U   A C4    1 
ATOM   1104 O  O4    . U   A 1 53 ? -6.583  9.808   2.028   1.00   16.26 ? 67  U   A O4    1 
ATOM   1105 C  C5    . U   A 1 53 ? -7.843  8.083   1.049   1.00   16.83 ? 67  U   A C5    1 
ATOM   1106 C  C6    . U   A 1 53 ? -8.478  7.696   -0.074  1.00   14.87 ? 67  U   A C6    1 
ATOM   1107 P  P     . G   A 1 54 ? -5.968  5.184   -4.753  1.00   17.90 ? 68  G   A P     1 
ATOM   1108 O  OP1   . G   A 1 54 ? -5.748  4.260   -5.912  1.00   20.17 ? 68  G   A OP1   1 
ATOM   1109 O  OP2   . G   A 1 54 ? -5.299  4.710   -3.550  1.00   19.08 ? 68  G   A OP2   1 
ATOM   1110 O  "O5'" . G   A 1 54 ? -5.271  6.573   -5.124  1.00   19.31 ? 68  G   A "O5'" 1 
ATOM   1111 C  "C5'" . G   A 1 54 ? -5.705  7.262   -6.316  1.00   19.47 ? 68  G   A "C5'" 1 
ATOM   1112 C  "C4'" . G   A 1 54 ? -5.155  8.670   -6.393  1.00   19.60 ? 68  G   A "C4'" 1 
ATOM   1113 O  "O4'" . G   A 1 54 ? -5.732  9.396   -5.283  1.00   21.33 ? 68  G   A "O4'" 1 
ATOM   1114 C  "C3'" . G   A 1 54 ? -3.657  8.789   -6.184  1.00   18.92 ? 68  G   A "C3'" 1 
ATOM   1115 O  "O3'" . G   A 1 54 ? -2.881  8.556   -7.385  1.00   17.09 ? 68  G   A "O3'" 1 
ATOM   1116 C  "C2'" . G   A 1 54 ? -3.577  10.234  -5.720  1.00   19.93 ? 68  G   A "C2'" 1 
ATOM   1117 O  "O2'" . G   A 1 54 ? -3.768  11.190  -6.787  1.00   20.14 ? 68  G   A "O2'" 1 
ATOM   1118 C  "C1'" . G   A 1 54 ? -4.750  10.296  -4.780  1.00   19.67 ? 68  G   A "C1'" 1 
ATOM   1119 N  N9    . G   A 1 54 ? -4.469  9.958   -3.376  1.00   17.49 ? 68  G   A N9    1 
ATOM   1120 C  C8    . G   A 1 54 ? -4.848  8.879   -2.632  1.00   18.61 ? 68  G   A C8    1 
ATOM   1121 N  N7    . G   A 1 54 ? -4.412  8.923   -1.396  1.00   19.72 ? 68  G   A N7    1 
ATOM   1122 C  C5    . G   A 1 54 ? -3.752  10.125  -1.325  1.00   16.41 ? 68  G   A C5    1 
ATOM   1123 C  C6    . G   A 1 54 ? -3.091  10.713  -0.234  1.00   16.13 ? 68  G   A C6    1 
ATOM   1124 O  O6    . G   A 1 54 ? -3.003  10.254  0.894   1.00   17.44 ? 68  G   A O6    1 
ATOM   1125 N  N1    . G   A 1 54 ? -2.526  11.934  -0.592  1.00   16.91 ? 68  G   A N1    1 
ATOM   1126 C  C2    . G   A 1 54 ? -2.607  12.521  -1.839  1.00   17.75 ? 68  G   A C2    1 
ATOM   1127 N  N2    . G   A 1 54 ? -2.025  13.735  -2.029  1.00   18.85 ? 68  G   A N2    1 
ATOM   1128 N  N3    . G   A 1 54 ? -3.253  11.970  -2.871  1.00   16.85 ? 68  G   A N3    1 
ATOM   1129 C  C4    . G   A 1 54 ? -3.786  10.780  -2.520  1.00   18.14 ? 68  G   A C4    1 
ATOM   1130 P  P     . U   A 1 55 ? -1.475  7.898   -7.430  1.00   21.48 ? 69  U   A P     1 
ATOM   1131 O  OP1   . U   A 1 55 ? -1.129  7.559   -8.844  1.00   24.13 ? 69  U   A OP1   1 
ATOM   1132 O  OP2   . U   A 1 55 ? -1.320  6.850   -6.379  1.00   23.79 ? 69  U   A OP2   1 
ATOM   1133 O  "O5'" . U   A 1 55 ? -0.510  9.098   -6.925  1.00   21.88 ? 69  U   A "O5'" 1 
ATOM   1134 C  "C5'" . U   A 1 55 ? -0.488  10.389  -7.551  1.00   21.81 ? 69  U   A "C5'" 1 
ATOM   1135 C  "C4'" . U   A 1 55 ? 0.237   11.393  -6.640  1.00   20.90 ? 69  U   A "C4'" 1 
ATOM   1136 O  "O4'" . U   A 1 55 ? -0.546  11.633  -5.473  1.00   21.30 ? 69  U   A "O4'" 1 
ATOM   1137 C  "C3'" . U   A 1 55 ? 1.538   10.906  -6.063  1.00   22.15 ? 69  U   A "C3'" 1 
ATOM   1138 O  "O3'" . U   A 1 55 ? 2.570   11.078  -6.986  1.00   23.12 ? 69  U   A "O3'" 1 
ATOM   1139 C  "C2'" . U   A 1 55 ? 1.724   11.765  -4.819  1.00   22.40 ? 69  U   A "C2'" 1 
ATOM   1140 O  "O2'" . U   A 1 55 ? 2.035   13.132  -5.041  1.00   22.56 ? 69  U   A "O2'" 1 
ATOM   1141 C  "C1'" . U   A 1 55 ? 0.302   11.742  -4.325  1.00   19.97 ? 69  U   A "C1'" 1 
ATOM   1142 N  N1    . U   A 1 55 ? -0.013  10.706  -3.307  1.00   21.22 ? 69  U   A N1    1 
ATOM   1143 C  C2    . U   A 1 55 ? 0.349   11.005  -2.016  1.00   18.87 ? 69  U   A C2    1 
ATOM   1144 O  O2    . U   A 1 55 ? 0.945   12.059  -1.754  1.00   18.19 ? 69  U   A O2    1 
ATOM   1145 N  N3    . U   A 1 55 ? -0.002  10.040  -1.098  1.00   17.47 ? 69  U   A N3    1 
ATOM   1146 C  C4    . U   A 1 55 ? -0.621  8.823   -1.337  1.00   17.54 ? 69  U   A C4    1 
ATOM   1147 O  O4    . U   A 1 55 ? -0.863  8.062   -0.374  1.00   19.11 ? 69  U   A O4    1 
ATOM   1148 C  C5    . U   A 1 55 ? -0.964  8.580   -2.728  1.00   17.04 ? 69  U   A C5    1 
ATOM   1149 C  C6    . U   A 1 55 ? -0.654  9.500   -3.646  1.00   16.86 ? 69  U   A C6    1 
ATOM   1150 P  P     . C   A 1 56 ? 3.889   10.236  -6.931  1.00   21.86 ? 70  C   A P     1 
ATOM   1151 O  OP1   . C   A 1 56 ? 4.532   10.356  -8.241  1.00   23.16 ? 70  C   A OP1   1 
ATOM   1152 O  OP2   . C   A 1 56 ? 3.562   8.839   -6.459  1.00   24.92 ? 70  C   A OP2   1 
ATOM   1153 O  "O5'" . C   A 1 56 ? 4.781   10.883  -5.749  1.00   22.33 ? 70  C   A "O5'" 1 
ATOM   1154 C  "C5'" . C   A 1 56 ? 5.371   12.159  -5.910  1.00   21.50 ? 70  C   A "C5'" 1 
ATOM   1155 C  "C4'" . C   A 1 56 ? 5.918   12.629  -4.575  1.00   20.29 ? 70  C   A "C4'" 1 
ATOM   1156 O  "O4'" . C   A 1 56 ? 4.865   12.695  -3.589  1.00   19.96 ? 70  C   A "O4'" 1 
ATOM   1157 C  "C3'" . C   A 1 56 ? 6.959   11.711  -3.948  1.00   20.39 ? 70  C   A "C3'" 1 
ATOM   1158 O  "O3'" . C   A 1 56 ? 8.231   11.954  -4.527  1.00   18.81 ? 70  C   A "O3'" 1 
ATOM   1159 C  "C2'" . C   A 1 56 ? 6.921   12.160  -2.510  1.00   21.56 ? 70  C   A "C2'" 1 
ATOM   1160 O  "O2'" . C   A 1 56 ? 7.405   13.480  -2.312  1.00   22.10 ? 70  C   A "O2'" 1 
ATOM   1161 C  "C1'" . C   A 1 56 ? 5.421   12.262  -2.343  1.00   21.36 ? 70  C   A "C1'" 1 
ATOM   1162 N  N1    . C   A 1 56 ? 4.667   11.053  -1.831  1.00   17.48 ? 70  C   A N1    1 
ATOM   1163 C  C2    . C   A 1 56 ? 4.619   10.868  -0.464  1.00   19.21 ? 70  C   A C2    1 
ATOM   1164 O  O2    . C   A 1 56 ? 5.235   11.671  0.259   1.00   21.32 ? 70  C   A O2    1 
ATOM   1165 N  N3    . C   A 1 56 ? 3.907   9.837   0.032   1.00   19.32 ? 70  C   A N3    1 
ATOM   1166 C  C4    . C   A 1 56 ? 3.277   8.987   -0.777  1.00   18.31 ? 70  C   A C4    1 
ATOM   1167 N  N4    . C   A 1 56 ? 2.571   7.982   -0.220  1.00   18.24 ? 70  C   A N4    1 
ATOM   1168 C  C5    . C   A 1 56 ? 3.327   9.159   -2.198  1.00   18.58 ? 70  C   A C5    1 
ATOM   1169 C  C6    . C   A 1 56 ? 4.015   10.195  -2.691  1.00   20.51 ? 70  C   A C6    1 
ATOM   1170 P  P     . C   A 1 57 ? 9.261   10.827  -4.871  1.00   18.44 ? 71  C   A P     1 
ATOM   1171 O  OP1   . C   A 1 57 ? 10.218  11.444  -5.814  1.00   23.69 ? 71  C   A OP1   1 
ATOM   1172 O  OP2   . C   A 1 57 ? 8.532   9.590   -5.277  1.00   20.79 ? 71  C   A OP2   1 
ATOM   1173 O  "O5'" . C   A 1 57 ? 9.982   10.419  -3.501  1.00   17.18 ? 71  C   A "O5'" 1 
ATOM   1174 C  "C5'" . C   A 1 57 ? 10.896  11.350  -2.918  1.00   16.44 ? 71  C   A "C5'" 1 
ATOM   1175 C  "C4'" . C   A 1 57 ? 10.926  11.194  -1.401  1.00   16.73 ? 71  C   A "C4'" 1 
ATOM   1176 O  "O4'" . C   A 1 57 ? 9.578   11.340  -0.924  1.00   16.06 ? 71  C   A "O4'" 1 
ATOM   1177 C  "C3'" . C   A 1 57 ? 11.323  9.835   -0.881  1.00   16.53 ? 71  C   A "C3'" 1 
ATOM   1178 O  "O3'" . C   A 1 57 ? 12.711  9.725   -0.817  1.00   15.23 ? 71  C   A "O3'" 1 
ATOM   1179 C  "C2'" . C   A 1 57 ? 10.722  9.948   0.531   1.00   16.57 ? 71  C   A "C2'" 1 
ATOM   1180 O  "O2'" . C   A 1 57 ? 11.516  10.802  1.372   1.00   17.34 ? 71  C   A "O2'" 1 
ATOM   1181 C  "C1'" . C   A 1 57 ? 9.378   10.556  0.234   1.00   15.64 ? 71  C   A "C1'" 1 
ATOM   1182 N  N1    . C   A 1 57 ? 8.329   9.492   -0.046  1.00   14.30 ? 71  C   A N1    1 
ATOM   1183 C  C2    . C   A 1 57 ? 7.757   8.828   1.062   1.00   17.24 ? 71  C   A C2    1 
ATOM   1184 O  O2    . C   A 1 57 ? 8.114   9.158   2.219   1.00   18.08 ? 71  C   A O2    1 
ATOM   1185 N  N3    . C   A 1 57 ? 6.828   7.856   0.838   1.00   17.02 ? 71  C   A N3    1 
ATOM   1186 C  C4    . C   A 1 57 ? 6.452   7.521   -0.398  1.00   17.63 ? 71  C   A C4    1 
ATOM   1187 N  N4    . C   A 1 57 ? 5.556   6.545   -0.548  1.00   18.79 ? 71  C   A N4    1 
ATOM   1188 C  C5    . C   A 1 57 ? 7.047   8.150   -1.550  1.00   15.32 ? 71  C   A C5    1 
ATOM   1189 C  C6    . C   A 1 57 ? 7.975   9.129   -1.307  1.00   16.42 ? 71  C   A C6    1 
ATOM   1190 P  P     . G   A 1 58 ? 13.393  8.303   -0.874  1.00   17.27 ? 72  G   A P     1 
ATOM   1191 O  OP1   . G   A 1 58 ? 14.856  8.445   -0.786  1.00   18.08 ? 72  G   A OP1   1 
ATOM   1192 O  OP2   . G   A 1 58 ? 12.740  7.469   -1.912  1.00   18.38 ? 72  G   A OP2   1 
ATOM   1193 O  "O5'" . G   A 1 58 ? 12.864  7.621   0.509   1.00   18.29 ? 72  G   A "O5'" 1 
ATOM   1194 C  "C5'" . G   A 1 58 ? 13.437  8.018   1.756   1.00   19.94 ? 72  G   A "C5'" 1 
ATOM   1195 C  "C4'" . G   A 1 58 ? 12.750  7.315   2.916   1.00   20.00 ? 72  G   A "C4'" 1 
ATOM   1196 O  "O4'" . G   A 1 58 ? 11.331  7.588   2.892   1.00   18.17 ? 72  G   A "O4'" 1 
ATOM   1197 C  "C3'" . G   A 1 58 ? 12.833  5.808   2.851   1.00   21.86 ? 72  G   A "C3'" 1 
ATOM   1198 O  "O3'" . G   A 1 58 ? 14.112  5.493   3.374   1.00   23.44 ? 72  G   A "O3'" 1 
ATOM   1199 C  "C2'" . G   A 1 58 ? 11.634  5.369   3.708   1.00   22.73 ? 72  G   A "C2'" 1 
ATOM   1200 O  "O2'" . G   A 1 58 ? 11.764  5.500   5.113   1.00   23.34 ? 72  G   A "O2'" 1 
ATOM   1201 C  "C1'" . G   A 1 58 ? 10.613  6.432   3.315   1.00   19.32 ? 72  G   A "C1'" 1 
ATOM   1202 N  N9    . G   A 1 58 ? 9.776   5.917   2.266   1.00   16.95 ? 72  G   A N9    1 
ATOM   1203 C  C8    . G   A 1 58 ? 9.821   6.198   0.907   1.00   17.59 ? 72  G   A C8    1 
ATOM   1204 N  N7    . G   A 1 58 ? 8.892   5.545   0.232   1.00   18.72 ? 72  G   A N7    1 
ATOM   1205 C  C5    . G   A 1 58 ? 8.223   4.783   1.214   1.00   18.00 ? 72  G   A C5    1 
ATOM   1206 C  C6    . G   A 1 58 ? 7.129   3.887   1.103   1.00   18.62 ? 72  G   A C6    1 
ATOM   1207 O  O6    . G   A 1 58 ? 6.530   3.513   0.089   1.00   19.09 ? 72  G   A O6    1 
ATOM   1208 N  N1    . G   A 1 58 ? 6.772   3.346   2.363   1.00   20.35 ? 72  G   A N1    1 
ATOM   1209 C  C2    . G   A 1 58 ? 7.379   3.668   3.562   1.00   19.56 ? 72  G   A C2    1 
ATOM   1210 N  N2    . G   A 1 58 ? 6.960   3.061   4.674   1.00   19.81 ? 72  G   A N2    1 
ATOM   1211 N  N3    . G   A 1 58 ? 8.384   4.526   3.681   1.00   19.60 ? 72  G   A N3    1 
ATOM   1212 C  C4    . G   A 1 58 ? 8.762   5.015   2.452   1.00   17.83 ? 72  G   A C4    1 
ATOM   1213 P  P     . A   A 1 59 ? 14.908  4.159   2.946   1.00   30.81 ? 73  A   A P     1 
ATOM   1214 O  OP1   . A   A 1 59 ? 16.205  4.267   3.646   1.00   32.97 ? 73  A   A OP1   1 
ATOM   1215 O  OP2   . A   A 1 59 ? 14.783  3.844   1.509   1.00   30.19 ? 73  A   A OP2   1 
ATOM   1216 O  "O5'" . A   A 1 59 ? 14.129  2.959   3.628   1.00   29.83 ? 73  A   A "O5'" 1 
ATOM   1217 C  "C5'" . A   A 1 59 ? 14.707  1.647   3.571   1.00   33.32 ? 73  A   A "C5'" 1 
ATOM   1218 C  "C4'" . A   A 1 59 ? 13.944  0.791   4.566   1.00   33.85 ? 73  A   A "C4'" 1 
ATOM   1219 O  "O4'" . A   A 1 59 ? 12.530  0.819   4.230   1.00   34.29 ? 73  A   A "O4'" 1 
ATOM   1220 C  "C3'" . A   A 1 59 ? 14.318  -0.667  4.515   1.00   36.49 ? 73  A   A "C3'" 1 
ATOM   1221 O  "O3'" . A   A 1 59 ? 15.322  -0.904  5.451   1.00   37.39 ? 73  A   A "O3'" 1 
ATOM   1222 C  "C2'" . A   A 1 59 ? 13.014  -1.349  4.908   1.00   35.75 ? 73  A   A "C2'" 1 
ATOM   1223 O  "O2'" . A   A 1 59 ? 12.796  -1.264  6.298   1.00   36.92 ? 73  A   A "O2'" 1 
ATOM   1224 C  "C1'" . A   A 1 59 ? 12.002  -0.482  4.175   1.00   34.02 ? 73  A   A "C1'" 1 
ATOM   1225 N  N9    . A   A 1 59 ? 11.773  -0.850  2.786   1.00   31.48 ? 73  A   A N9    1 
ATOM   1226 C  C8    . A   A 1 59 ? 12.338  -0.333  1.648   1.00   29.75 ? 73  A   A C8    1 
ATOM   1227 N  N7    . A   A 1 59 ? 11.885  -0.877  0.550   1.00   28.40 ? 73  A   A N7    1 
ATOM   1228 C  C5    . A   A 1 59 ? 10.983  -1.825  1.010   1.00   29.02 ? 73  A   A C5    1 
ATOM   1229 C  C6    . A   A 1 59 ? 10.144  -2.756  0.364   1.00   29.10 ? 73  A   A C6    1 
ATOM   1230 N  N6    . A   A 1 59 ? 10.098  -2.903  -0.950  1.00   29.84 ? 73  A   A N6    1 
ATOM   1231 N  N1    . A   A 1 59 ? 9.353   -3.554  1.120   1.00   31.92 ? 73  A   A N1    1 
ATOM   1232 C  C2    . A   A 1 59 ? 9.385   -3.425  2.453   1.00   31.10 ? 73  A   A C2    1 
ATOM   1233 N  N3    . A   A 1 59 ? 10.120  -2.586  3.177   1.00   30.99 ? 73  A   A N3    1 
ATOM   1234 C  C4    . A   A 1 59 ? 10.895  -1.812  2.383   1.00   31.01 ? 73  A   A C4    1 
ATOM   1235 P  P     . U   A 1 60 ? 16.364  -2.078  5.107   1.00   41.10 ? 74  U   A P     1 
ATOM   1236 O  OP1   . U   A 1 60 ? 17.423  -1.917  6.129   1.00   42.57 ? 74  U   A OP1   1 
ATOM   1237 O  OP2   . U   A 1 60 ? 16.704  -2.014  3.663   1.00   40.95 ? 74  U   A OP2   1 
ATOM   1238 O  "O5'" . U   A 1 60 ? 15.582  -3.473  5.276   1.00   39.29 ? 74  U   A "O5'" 1 
ATOM   1239 C  "C5'" . U   A 1 60 ? 14.996  -3.885  6.513   1.00   39.06 ? 74  U   A "C5'" 1 
ATOM   1240 C  "C4'" . U   A 1 60 ? 13.916  -4.893  6.193   1.00   38.53 ? 74  U   A "C4'" 1 
ATOM   1241 O  "O4'" . U   A 1 60 ? 12.927  -4.326  5.299   1.00   39.70 ? 74  U   A "O4'" 1 
ATOM   1242 C  "C3'" . U   A 1 60 ? 14.414  -6.070  5.371   1.00   38.36 ? 74  U   A "C3'" 1 
ATOM   1243 O  "O3'" . U   A 1 60 ? 15.176  -6.947  6.173   1.00   38.14 ? 74  U   A "O3'" 1 
ATOM   1244 C  "C2'" . U   A 1 60 ? 13.097  -6.647  4.864   1.00   37.19 ? 74  U   A "C2'" 1 
ATOM   1245 O  "O2'" . U   A 1 60 ? 12.281  -7.297  5.826   1.00   35.89 ? 74  U   A "O2'" 1 
ATOM   1246 C  "C1'" . U   A 1 60 ? 12.449  -5.338  4.414   1.00   37.34 ? 74  U   A "C1'" 1 
ATOM   1247 N  N1    . U   A 1 60 ? 12.705  -5.021  2.943   1.00   34.02 ? 74  U   A N1    1 
ATOM   1248 C  C2    . U   A 1 60 ? 11.953  -5.689  1.986   1.00   33.05 ? 74  U   A C2    1 
ATOM   1249 O  O2    . U   A 1 60 ? 11.099  -6.493  2.266   1.00   32.38 ? 74  U   A O2    1 
ATOM   1250 N  N3    . U   A 1 60 ? 12.203  -5.366  0.665   1.00   32.88 ? 74  U   A N3    1 
ATOM   1251 C  C4    . U   A 1 60 ? 13.131  -4.453  0.210   1.00   32.49 ? 74  U   A C4    1 
ATOM   1252 O  O4    . U   A 1 60 ? 13.256  -4.279  -1.001  1.00   31.46 ? 74  U   A O4    1 
ATOM   1253 C  C5    . U   A 1 60 ? 13.891  -3.795  1.258   1.00   32.64 ? 74  U   A C5    1 
ATOM   1254 C  C6    . U   A 1 60 ? 13.657  -4.100  2.553   1.00   33.08 ? 74  U   A C6    1 
ATOM   1255 P  P     . U   A 1 61 ? 16.369  -7.805  5.545   1.00   38.98 ? 75  U   A P     1 
ATOM   1256 O  OP1   . U   A 1 61 ? 16.858  -8.603  6.696   1.00   40.00 ? 75  U   A OP1   1 
ATOM   1257 O  OP2   . U   A 1 61 ? 17.335  -6.954  4.819   1.00   37.99 ? 75  U   A OP2   1 
ATOM   1258 O  "O5'" . U   A 1 61 ? 15.646  -8.770  4.508   1.00   38.04 ? 75  U   A "O5'" 1 
ATOM   1259 C  "C5'" . U   A 1 61 ? 14.766  -9.760  4.999   1.00   37.40 ? 75  U   A "C5'" 1 
ATOM   1260 C  "C4'" . U   A 1 61 ? 14.024  -10.431 3.866   1.00   37.18 ? 75  U   A "C4'" 1 
ATOM   1261 O  "O4'" . U   A 1 61 ? 13.261  -9.466  3.089   1.00   36.39 ? 75  U   A "O4'" 1 
ATOM   1262 C  "C3'" . U   A 1 61 ? 14.915  -11.084 2.836   1.00   36.62 ? 75  U   A "C3'" 1 
ATOM   1263 O  "O3'" . U   A 1 61 ? 15.377  -12.324 3.350   1.00   40.37 ? 75  U   A "O3'" 1 
ATOM   1264 C  "C2'" . U   A 1 61 ? 13.965  -11.192 1.651   1.00   34.88 ? 75  U   A "C2'" 1 
ATOM   1265 O  "O2'" . U   A 1 61 ? 12.963  -12.178 1.793   1.00   35.17 ? 75  U   A "O2'" 1 
ATOM   1266 C  "C1'" . U   A 1 61 ? 13.297  -9.821  1.713   1.00   33.44 ? 75  U   A "C1'" 1 
ATOM   1267 N  N1    . U   A 1 61 ? 14.004  -8.767  0.901   1.00   32.66 ? 75  U   A N1    1 
ATOM   1268 C  C2    . U   A 1 61 ? 13.813  -8.720  -0.474  1.00   31.36 ? 75  U   A C2    1 
ATOM   1269 O  O2    . U   A 1 61 ? 13.109  -9.499  -1.077  1.00   33.16 ? 75  U   A O2    1 
ATOM   1270 N  N3    . U   A 1 61 ? 14.487  -7.727  -1.136  1.00   30.96 ? 75  U   A N3    1 
ATOM   1271 C  C4    . U   A 1 61 ? 15.329  -6.804  -0.575  1.00   30.77 ? 75  U   A C4    1 
ATOM   1272 O  O4    . U   A 1 61 ? 15.863  -5.966  -1.285  1.00   31.93 ? 75  U   A O4    1 
ATOM   1273 C  C5    . U   A 1 61 ? 15.474  -6.906  0.852   1.00   32.48 ? 75  U   A C5    1 
ATOM   1274 C  C6    . U   A 1 61 ? 14.826  -7.856  1.524   1.00   30.52 ? 75  U   A C6    1 
ATOM   1275 P  P     . A   A 1 62 ? 16.823  -12.848 2.917   1.00   40.57 ? 76  A   A P     1 
ATOM   1276 O  OP1   . A   A 1 62 ? 17.065  -14.015 3.801   1.00   42.26 ? 76  A   A OP1   1 
ATOM   1277 O  OP2   . A   A 1 62 ? 17.766  -11.718 2.861   1.00   38.60 ? 76  A   A OP2   1 
ATOM   1278 O  "O5'" . A   A 1 62 ? 16.624  -13.333 1.409   1.00   39.55 ? 76  A   A "O5'" 1 
ATOM   1279 C  "C5'" . A   A 1 62 ? 15.825  -14.448 1.069   1.00   40.49 ? 76  A   A "C5'" 1 
ATOM   1280 C  "C4'" . A   A 1 62 ? 15.762  -14.611 -0.446  1.00   41.07 ? 76  A   A "C4'" 1 
ATOM   1281 O  "O4'" . A   A 1 62 ? 15.085  -13.477 -1.060  1.00   40.23 ? 76  A   A "O4'" 1 
ATOM   1282 C  "C3'" . A   A 1 62 ? 17.098  -14.617 -1.179  1.00   41.80 ? 76  A   A "C3'" 1 
ATOM   1283 O  "O3'" . A   A 1 62 ? 17.722  -15.882 -1.096  1.00   44.72 ? 76  A   A "O3'" 1 
ATOM   1284 C  "C2'" . A   A 1 62 ? 16.679  -14.294 -2.605  1.00   39.55 ? 76  A   A "C2'" 1 
ATOM   1285 O  "O2'" . A   A 1 62 ? 16.011  -15.380 -3.192  1.00   40.61 ? 76  A   A "O2'" 1 
ATOM   1286 C  "C1'" . A   A 1 62 ? 15.660  -13.197 -2.328  1.00   38.37 ? 76  A   A "C1'" 1 
ATOM   1287 N  N9    . A   A 1 62 ? 16.206  -11.843 -2.323  1.00   35.13 ? 76  A   A N9    1 
ATOM   1288 C  C8    . A   A 1 62 ? 16.581  -11.120 -1.223  1.00   34.57 ? 76  A   A C8    1 
ATOM   1289 N  N7    . A   A 1 62 ? 17.023  -9.919  -1.512  1.00   34.27 ? 76  A   A N7    1 
ATOM   1290 C  C5    . A   A 1 62 ? 16.935  -9.851  -2.888  1.00   33.83 ? 76  A   A C5    1 
ATOM   1291 C  C6    . A   A 1 62 ? 17.261  -8.826  -3.796  1.00   33.88 ? 76  A   A C6    1 
ATOM   1292 N  N6    . A   A 1 62 ? 17.754  -7.649  -3.402  1.00   32.04 ? 76  A   A N6    1 
ATOM   1293 N  N1    . A   A 1 62 ? 17.061  -9.070  -5.107  1.00   33.84 ? 76  A   A N1    1 
ATOM   1294 C  C2    . A   A 1 62 ? 16.556  -10.258 -5.491  1.00   33.19 ? 76  A   A C2    1 
ATOM   1295 N  N3    . A   A 1 62 ? 16.220  -11.294 -4.731  1.00   34.72 ? 76  A   A N3    1 
ATOM   1296 C  C4    . A   A 1 62 ? 16.436  -11.028 -3.418  1.00   34.71 ? 76  A   A C4    1 
ATOM   1297 P  P     . U   A 1 63 ? 19.301  -15.918 -0.856  1.00   45.56 ? 77  U   A P     1 
ATOM   1298 O  OP1   . U   A 1 63 ? 19.565  -17.322 -0.451  1.00   47.47 ? 77  U   A OP1   1 
ATOM   1299 O  OP2   . U   A 1 63 ? 19.715  -14.797 0.023   1.00   44.83 ? 77  U   A OP2   1 
ATOM   1300 O  "O5'" . U   A 1 63 ? 19.904  -15.620 -2.296  1.00   44.12 ? 77  U   A "O5'" 1 
ATOM   1301 C  "C5'" . U   A 1 63 ? 19.688  -16.535 -3.351  1.00   45.19 ? 77  U   A "C5'" 1 
ATOM   1302 C  "C4'" . U   A 1 63 ? 20.137  -15.916 -4.654  1.00   46.62 ? 77  U   A "C4'" 1 
ATOM   1303 O  "O4'" . U   A 1 63 ? 19.279  -14.777 -4.923  1.00   46.24 ? 77  U   A "O4'" 1 
ATOM   1304 C  "C3'" . U   A 1 63 ? 21.523  -15.285 -4.677  1.00   47.98 ? 77  U   A "C3'" 1 
ATOM   1305 O  "O3'" . U   A 1 63 ? 22.616  -16.196 -4.787  1.00   51.79 ? 77  U   A "O3'" 1 
ATOM   1306 C  "C2'" . U   A 1 63 ? 21.400  -14.395 -5.910  1.00   47.39 ? 77  U   A "C2'" 1 
ATOM   1307 O  "O2'" . U   A 1 63 ? 21.444  -15.080 -7.149  1.00   48.36 ? 77  U   A "O2'" 1 
ATOM   1308 C  "C1'" . U   A 1 63 ? 20.017  -13.804 -5.642  1.00   45.65 ? 77  U   A "C1'" 1 
ATOM   1309 N  N1    . U   A 1 63 ? 20.085  -12.526 -4.861  1.00   43.65 ? 77  U   A N1    1 
ATOM   1310 C  C2    . U   A 1 63 ? 20.372  -11.376 -5.557  1.00   42.61 ? 77  U   A C2    1 
ATOM   1311 O  O2    . U   A 1 63 ? 20.572  -11.371 -6.755  1.00   41.23 ? 77  U   A O2    1 
ATOM   1312 N  N3    . U   A 1 63 ? 20.421  -10.228 -4.801  1.00   42.31 ? 77  U   A N3    1 
ATOM   1313 C  C4    . U   A 1 63 ? 20.223  -10.131 -3.438  1.00   43.00 ? 77  U   A C4    1 
ATOM   1314 O  O4    . U   A 1 63 ? 20.299  -9.030  -2.897  1.00   44.15 ? 77  U   A O4    1 
ATOM   1315 C  C5    . U   A 1 63 ? 19.930  -11.379 -2.770  1.00   43.15 ? 77  U   A C5    1 
ATOM   1316 C  C6    . U   A 1 63 ? 19.873  -12.507 -3.492  1.00   43.47 ? 77  U   A C6    1 
ATOM   1317 P  P     . G   A 1 64 ? 24.035  -15.807 -4.136  1.00   53.29 ? 78  G   A P     1 
ATOM   1318 O  OP1   . G   A 1 64 ? 24.811  -17.068 -4.111  1.00   55.93 ? 78  G   A OP1   1 
ATOM   1319 O  OP2   . G   A 1 64 ? 23.838  -15.041 -2.884  1.00   53.68 ? 78  G   A OP2   1 
ATOM   1320 O  "O5'" . G   A 1 64 ? 24.707  -14.807 -5.180  1.00   53.66 ? 78  G   A "O5'" 1 
ATOM   1321 C  "C5'" . G   A 1 64 ? 24.903  -15.174 -6.531  1.00   53.27 ? 78  G   A "C5'" 1 
ATOM   1322 C  "C4'" . G   A 1 64 ? 25.168  -13.918 -7.331  1.00   53.53 ? 78  G   A "C4'" 1 
ATOM   1323 O  "O4'" . G   A 1 64 ? 24.053  -13.003 -7.187  1.00   52.03 ? 78  G   A "O4'" 1 
ATOM   1324 C  "C3'" . G   A 1 64 ? 26.317  -13.048 -6.844  1.00   54.63 ? 78  G   A "C3'" 1 
ATOM   1325 O  "O3'" . G   A 1 64 ? 27.598  -13.577 -7.181  1.00   57.69 ? 78  G   A "O3'" 1 
ATOM   1326 C  "C2'" . G   A 1 64 ? 26.006  -11.766 -7.601  1.00   52.67 ? 78  G   A "C2'" 1 
ATOM   1327 O  "O2'" . G   A 1 64 ? 26.234  -11.889 -8.992  1.00   53.57 ? 78  G   A "O2'" 1 
ATOM   1328 C  "C1'" . G   A 1 64 ? 24.518  -11.666 -7.318  1.00   50.55 ? 78  G   A "C1'" 1 
ATOM   1329 N  N9    . G   A 1 64 ? 24.179  -10.893 -6.123  1.00   46.98 ? 78  G   A N9    1 
ATOM   1330 C  C8    . G   A 1 64 ? 23.726  -11.370 -4.916  1.00   46.00 ? 78  G   A C8    1 
ATOM   1331 N  N7    . G   A 1 64 ? 23.497  -10.434 -4.036  1.00   44.27 ? 78  G   A N7    1 
ATOM   1332 C  C5    . G   A 1 64 ? 23.821  -9.256  -4.695  1.00   44.73 ? 78  G   A C5    1 
ATOM   1333 C  C6    . G   A 1 64 ? 23.765  -7.900  -4.256  1.00   43.95 ? 78  G   A C6    1 
ATOM   1334 O  O6    . G   A 1 64 ? 23.416  -7.463  -3.155  1.00   44.51 ? 78  G   A O6    1 
ATOM   1335 N  N1    . G   A 1 64 ? 24.175  -6.996  -5.231  1.00   43.84 ? 78  G   A N1    1 
ATOM   1336 C  C2    . G   A 1 64 ? 24.583  -7.358  -6.491  1.00   44.55 ? 78  G   A C2    1 
ATOM   1337 N  N2    . G   A 1 64 ? 24.935  -6.353  -7.302  1.00   44.59 ? 78  G   A N2    1 
ATOM   1338 N  N3    . G   A 1 64 ? 24.634  -8.621  -6.926  1.00   45.61 ? 78  G   A N3    1 
ATOM   1339 C  C4    . G   A 1 64 ? 24.239  -9.520  -5.981  1.00   45.57 ? 78  G   A C4    1 
ATOM   1340 P  P     . U   A 1 65 ? 28.882  -13.197 -6.289  1.00   58.82 ? 79  U   A P     1 
ATOM   1341 O  OP1   . U   A 1 65 ? 29.981  -14.063 -6.778  1.00   60.23 ? 79  U   A OP1   1 
ATOM   1342 O  OP2   . U   A 1 65 ? 28.505  -13.198 -4.854  1.00   57.54 ? 79  U   A OP2   1 
ATOM   1343 O  "O5'" . U   A 1 65 ? 29.220  -11.702 -6.729  1.00   59.59 ? 79  U   A "O5'" 1 
ATOM   1344 C  "C5'" . U   A 1 65 ? 29.541  -11.419 -8.083  1.00   61.42 ? 79  U   A "C5'" 1 
ATOM   1345 C  "C4'" . U   A 1 65 ? 29.595  -9.916  -8.277  1.00   62.92 ? 79  U   A "C4'" 1 
ATOM   1346 O  "O4'" . U   A 1 65 ? 28.360  -9.296  -7.835  1.00   62.86 ? 79  U   A "O4'" 1 
ATOM   1347 C  "C3'" . U   A 1 65 ? 30.656  -9.236  -7.434  1.00   63.81 ? 79  U   A "C3'" 1 
ATOM   1348 O  "O3'" . U   A 1 65 ? 31.883  -9.330  -8.106  1.00   65.42 ? 79  U   A "O3'" 1 
ATOM   1349 C  "C2'" . U   A 1 65 ? 30.143  -7.803  -7.337  1.00   63.45 ? 79  U   A "C2'" 1 
ATOM   1350 O  "O2'" . U   A 1 65 ? 30.450  -7.009  -8.470  1.00   64.57 ? 79  U   A "O2'" 1 
ATOM   1351 C  "C1'" . U   A 1 65 ? 28.633  -8.033  -7.251  1.00   62.41 ? 79  U   A "C1'" 1 
ATOM   1352 N  N1    . U   A 1 65 ? 28.119  -8.021  -5.851  1.00   60.72 ? 79  U   A N1    1 
ATOM   1353 C  C2    . U   A 1 65 ? 27.937  -6.805  -5.211  1.00   60.13 ? 79  U   A C2    1 
ATOM   1354 O  O2    . U   A 1 65 ? 28.172  -5.724  -5.728  1.00   60.04 ? 79  U   A O2    1 
ATOM   1355 N  N3    . U   A 1 65 ? 27.463  -6.902  -3.922  1.00   59.97 ? 79  U   A N3    1 
ATOM   1356 C  C4    . U   A 1 65 ? 27.161  -8.067  -3.229  1.00   59.90 ? 79  U   A C4    1 
ATOM   1357 O  O4    . U   A 1 65 ? 26.743  -7.993  -2.081  1.00   59.88 ? 79  U   A O4    1 
ATOM   1358 C  C5    . U   A 1 65 ? 27.378  -9.295  -3.957  1.00   59.65 ? 79  U   A C5    1 
ATOM   1359 C  C6    . U   A 1 65 ? 27.839  -9.222  -5.212  1.00   60.13 ? 79  U   A C6    1 
ATOM   1360 P  P     . C   A 1 66 ? 33.206  -9.546  -7.241  1.00   66.60 ? 80  C   A P     1 
ATOM   1361 O  OP1   . C   A 1 66 ? 34.201  -10.112 -8.184  1.00   65.79 ? 80  C   A OP1   1 
ATOM   1362 O  OP2   . C   A 1 66 ? 32.872  -10.242 -5.969  1.00   65.92 ? 80  C   A OP2   1 
ATOM   1363 O  "O5'" . C   A 1 66 ? 33.589  -8.042  -6.839  1.00   66.41 ? 80  C   A "O5'" 1 
HETATM 1364 C  C     . ACT B 2 .  ? -16.378 -12.534 -4.163  1.00   38.08 ? 101 ACT A C     1 
HETATM 1365 O  O     . ACT B 2 .  ? -16.096 -13.397 -3.300  1.00   38.41 ? 101 ACT A O     1 
HETATM 1366 O  OXT   . ACT B 2 .  ? -17.522 -12.031 -4.078  1.00   37.94 ? 101 ACT A OXT   1 
HETATM 1367 C  CH3   . ACT B 2 .  ? -15.400 -12.131 -5.228  1.00   37.94 ? 101 ACT A CH3   1 
HETATM 1368 C  C     . ACT C 2 .  ? -11.273 4.462   3.078   1.00   17.64 ? 102 ACT A C     1 
HETATM 1369 O  O     . ACT C 2 .  ? -12.255 3.667   3.069   1.00   17.36 ? 102 ACT A O     1 
HETATM 1370 O  OXT   . ACT C 2 .  ? -10.764 4.800   4.196   1.00   17.35 ? 102 ACT A OXT   1 
HETATM 1371 C  CH3   . ACT C 2 .  ? -10.736 5.027   1.806   1.00   17.89 ? 102 ACT A CH3   1 
HETATM 1372 CO CO    . NCO D 3 .  ? -11.064 2.157   -7.048  1.00   18.25 ? 103 NCO A CO    1 
HETATM 1373 N  N1    . NCO D 3 .  ? -12.423 1.275   -8.275  1.00   17.55 ? 103 NCO A N1    1 
HETATM 1374 N  N2    . NCO D 3 .  ? -9.722  3.037   -5.855  1.00   15.41 ? 103 NCO A N2    1 
HETATM 1375 N  N3    . NCO D 3 .  ? -9.665  1.018   -7.624  1.00   15.65 ? 103 NCO A N3    1 
HETATM 1376 N  N4    . NCO D 3 .  ? -10.559 3.464   -8.449  1.00   17.83 ? 103 NCO A N4    1 
HETATM 1377 N  N5    . NCO D 3 .  ? -12.463 3.321   -6.437  1.00   14.60 ? 103 NCO A N5    1 
HETATM 1378 N  N6    . NCO D 3 .  ? -11.597 0.856   -5.641  1.00   20.36 ? 103 NCO A N6    1 
HETATM 1379 CO CO    . NCO E 3 .  ? -1.418  6.322   3.040   1.00   22.55 ? 104 NCO A CO    1 
HETATM 1380 N  N1    . NCO E 3 .  ? -1.111  5.776   1.160   1.00   22.70 ? 104 NCO A N1    1 
HETATM 1381 N  N2    . NCO E 3 .  ? -1.733  6.897   4.936   1.00   19.86 ? 104 NCO A N2    1 
HETATM 1382 N  N3    . NCO E 3 .  ? -1.958  4.486   3.549   1.00   23.38 ? 104 NCO A N3    1 
HETATM 1383 N  N4    . NCO E 3 .  ? 0.436   5.856   3.458   1.00   23.09 ? 104 NCO A N4    1 
HETATM 1384 N  N5    . NCO E 3 .  ? -0.896  8.162   2.518   1.00   22.01 ? 104 NCO A N5    1 
HETATM 1385 N  N6    . NCO E 3 .  ? -3.288  6.776   2.616   1.00   24.52 ? 104 NCO A N6    1 
HETATM 1386 CO CO    . NCO F 3 .  ? -16.255 -0.773  1.050   1.00   18.46 ? 105 NCO A CO    1 
HETATM 1387 N  N1    . NCO F 3 .  ? -18.189 -1.048  0.683   1.00   22.73 ? 105 NCO A N1    1 
HETATM 1388 N  N2    . NCO F 3 .  ? -14.318 -0.508  1.413   1.00   21.18 ? 105 NCO A N2    1 
HETATM 1389 N  N3    . NCO F 3 .  ? -15.909 -0.961  -0.933  1.00   19.34 ? 105 NCO A N3    1 
HETATM 1390 N  N4    . NCO F 3 .  ? -15.981 -2.728  1.243   1.00   21.98 ? 105 NCO A N4    1 
HETATM 1391 N  N5    . NCO F 3 .  ? -16.594 -0.606  3.014   1.00   17.74 ? 105 NCO A N5    1 
HETATM 1392 N  N6    . NCO F 3 .  ? -16.528 1.180   0.885   1.00   23.21 ? 105 NCO A N6    1 
HETATM 1393 CO CO    . NCO G 3 .  ? -4.872  14.017  8.356   1.00   44.52 ? 106 NCO A CO    1 
HETATM 1394 N  N1    . NCO G 3 .  ? -5.362  14.964  10.027  0.0000 44.99 ? 106 NCO A N1    1 
HETATM 1395 N  N2    . NCO G 3 .  ? -4.592  13.091  6.584   0.0000 45.51 ? 106 NCO A N2    1 
HETATM 1396 N  N3    . NCO G 3 .  ? -3.875  15.581  7.764   0.0000 46.88 ? 106 NCO A N3    1 
HETATM 1397 N  N4    . NCO G 3 .  ? -3.212  13.314  9.173   1.00   43.67 ? 106 NCO A N4    1 
HETATM 1398 N  N5    . NCO G 3 .  ? -5.811  12.328  8.850   0.0000 41.70 ? 106 NCO A N5    1 
HETATM 1399 N  N6    . NCO G 3 .  ? -6.546  14.683  7.516   1.00   44.57 ? 106 NCO A N6    1 
HETATM 1400 CO CO    . NCO H 3 .  ? 9.274   5.817   -6.200  1.00   40.91 ? 107 NCO A CO    1 
HETATM 1401 N  N1    . NCO H 3 .  ? 9.446   7.030   -4.672  0.0000 41.49 ? 107 NCO A N1    1 
HETATM 1402 N  N2    . NCO H 3 .  ? 9.064   4.545   -7.773  0.0000 41.83 ? 107 NCO A N2    1 
HETATM 1403 N  N3    . NCO H 3 .  ? 11.096  6.465   -6.842  0.0000 47.78 ? 107 NCO A N3    1 
HETATM 1404 N  N4    . NCO H 3 .  ? 10.216  4.198   -5.516  1.00   39.64 ? 107 NCO A N4    1 
HETATM 1405 N  N5    . NCO H 3 .  ? 7.570   5.057   -5.628  0.0000 47.45 ? 107 NCO A N5    1 
HETATM 1406 N  N6    . NCO H 3 .  ? 8.339   7.231   -7.220  0.0000 41.96 ? 107 NCO A N6    1 
HETATM 1407 K  K     . K   I 4 .  ? -2.157  -6.835  6.314   1.00   39.45 ? 108 K   A K     1 
HETATM 1408 K  K     . K   J 4 .  ? 10.479  -10.122 5.391   1.00   66.18 ? 109 K   A K     1 
HETATM 1409 N  NAA   A ZZS K 5 .  ? 9.912   -8.750  0.339   0.30   18.26 ? 110 ZZS A NAA   1 
HETATM 1410 N  NAA   B ZZS K 5 .  ? 10.332  -8.335  0.661   0.70   32.56 ? 110 ZZS A NAA   1 
HETATM 1411 C  CAG   A ZZS K 5 .  ? 10.095  -8.532  -0.969  0.30   19.89 ? 110 ZZS A CAG   1 
HETATM 1412 C  CAG   B ZZS K 5 .  ? 10.447  -7.997  -0.631  0.70   33.55 ? 110 ZZS A CAG   1 
HETATM 1413 N  NAF   A ZZS K 5 .  ? 10.698  -7.410  -1.409  0.30   20.51 ? 110 ZZS A NAF   1 
HETATM 1414 N  NAF   B ZZS K 5 .  ? 10.055  -8.880  -1.570  0.70   32.49 ? 110 ZZS A NAF   1 
HETATM 1415 N  NAD   A ZZS K 5 .  ? 9.664   -9.446  -1.850  0.30   18.82 ? 110 ZZS A NAD   1 
HETATM 1416 N  NAD   B ZZS K 5 .  ? 10.939  -6.794  -1.006  0.70   32.30 ? 110 ZZS A NAD   1 
HETATM 1417 C  CAC   A ZZS K 5 .  ? 9.837   -9.250  -3.140  0.30   19.17 ? 110 ZZS A CAC   1 
HETATM 1418 C  CAC   B ZZS K 5 .  ? 11.043  -6.492  -2.299  0.70   33.67 ? 110 ZZS A CAC   1 
HETATM 1419 N  NAE   A ZZS K 5 .  ? 10.423  -8.152  -3.585  0.30   19.45 ? 110 ZZS A NAE   1 
HETATM 1420 N  NAE   B ZZS K 5 .  ? 10.656  -7.366  -3.235  0.70   33.77 ? 110 ZZS A NAE   1 
HETATM 1421 C  CAH   A ZZS K 5 .  ? 10.868  -7.222  -2.730  0.30   20.82 ? 110 ZZS A CAH   1 
HETATM 1422 C  CAH   B ZZS K 5 .  ? 10.162  -8.568  -2.866  0.70   32.59 ? 110 ZZS A CAH   1 
HETATM 1423 N  NAB   A ZZS K 5 .  ? 11.458  -6.116  -3.202  0.30   18.64 ? 110 ZZS A NAB   1 
HETATM 1424 N  NAB   B ZZS K 5 .  ? 9.765   -9.461  -3.768  0.70   33.84 ? 110 ZZS A NAB   1 
HETATM 1425 CO CO    . NCO L 3 .  ? -17.513 -4.802  16.585  1.00   39.05 ? 111 NCO A CO    1 
HETATM 1426 N  N1    . NCO L 3 .  ? -17.475 -4.450  14.615  1.00   39.00 ? 111 NCO A N1    1 
HETATM 1427 N  N2    . NCO L 3 .  ? -17.543 -5.054  18.544  0.0000 43.09 ? 111 NCO A N2    1 
HETATM 1428 N  N3    . NCO L 3 .  ? -19.445 -5.125  16.417  0.0000 44.31 ? 111 NCO A N3    1 
HETATM 1429 N  N4    . NCO L 3 .  ? -17.099 -6.698  16.227  0.0000 44.01 ? 111 NCO A N4    1 
HETATM 1430 N  N5    . NCO L 3 .  ? -15.567 -4.379  16.759  1.00   37.93 ? 111 NCO A N5    1 
HETATM 1431 N  N6    . NCO L 3 .  ? -18.162 -2.990  17.057  1.00   38.32 ? 111 NCO A N6    1 
HETATM 1432 K  K     . K   M 4 .  ? 12.848  -16.802 4.831   1.00   65.78 ? 112 K   A K     1 
HETATM 1433 K  K     . K   N 4 .  ? 16.901  -12.751 -11.550 1.00   42.35 ? 113 K   A K     1 
HETATM 1434 K  K     . K   O 4 .  ? -14.774 19.716  21.421  1.00   39.42 ? 114 K   A K     1 
HETATM 1435 O  O     . HOH P 6 .  ? -11.545 -4.281  -10.066 1.00   26.40 ? 201 HOH A O     1 
HETATM 1436 O  O     . HOH P 6 .  ? -19.705 2.031   14.173  1.00   38.14 ? 202 HOH A O     1 
HETATM 1437 O  O     . HOH P 6 .  ? -7.968  0.887   -3.047  1.00   27.67 ? 203 HOH A O     1 
HETATM 1438 O  O     . HOH P 6 .  ? -10.062 -7.982  -10.509 1.00   30.14 ? 204 HOH A O     1 
HETATM 1439 O  O     . HOH P 6 .  ? -14.453 -1.218  -6.379  1.00   25.39 ? 205 HOH A O     1 
HETATM 1440 O  O     . HOH P 6 .  ? -21.354 11.699  8.188   1.00   38.98 ? 206 HOH A O     1 
HETATM 1441 O  O     . HOH P 6 .  ? 6.836   6.642   8.540   1.00   31.75 ? 207 HOH A O     1 
HETATM 1442 O  O     . HOH P 6 .  ? 1.971   4.672   0.767   1.00   20.34 ? 208 HOH A O     1 
HETATM 1443 O  O     . HOH P 6 .  ? -13.142 12.724  13.131  1.00   31.27 ? 209 HOH A O     1 
HETATM 1444 O  O     . HOH P 6 .  ? 6.395   -7.557  -12.626 1.00   32.15 ? 210 HOH A O     1 
HETATM 1445 O  O     . HOH P 6 .  ? 12.695  -0.384  -1.784  1.00   36.67 ? 211 HOH A O     1 
HETATM 1446 O  O     . HOH P 6 .  ? -3.735  -1.016  4.961   1.00   27.63 ? 212 HOH A O     1 
HETATM 1447 O  O     . HOH P 6 .  ? 12.065  -11.683 -4.685  1.00   43.56 ? 213 HOH A O     1 
HETATM 1448 O  O     . HOH P 6 .  ? -19.249 -5.377  -3.647  1.00   23.59 ? 214 HOH A O     1 
HETATM 1449 O  O     . HOH P 6 .  ? 10.348  2.983   -1.837  1.00   36.69 ? 215 HOH A O     1 
HETATM 1450 O  O     . HOH P 6 .  ? -3.017  5.165   -2.516  1.00   32.42 ? 216 HOH A O     1 
HETATM 1451 O  O     . HOH P 6 .  ? -14.887 -3.970  11.334  1.00   34.98 ? 217 HOH A O     1 
HETATM 1452 O  O     . HOH P 6 .  ? -8.253  -2.009  -4.603  1.00   28.43 ? 218 HOH A O     1 
HETATM 1453 O  O     . HOH P 6 .  ? 11.971  3.291   0.565   1.00   31.41 ? 219 HOH A O     1 
HETATM 1454 O  O     . HOH P 6 .  ? -7.367  -1.447  4.960   1.00   29.07 ? 220 HOH A O     1 
HETATM 1455 O  O     . HOH P 6 .  ? -4.377  6.470   -0.654  1.00   30.12 ? 221 HOH A O     1 
HETATM 1456 O  O     . HOH P 6 .  ? -8.640  4.511   11.510  1.00   29.01 ? 222 HOH A O     1 
HETATM 1457 O  O     . HOH P 6 .  ? -4.016  -18.696 -8.192  1.00   42.63 ? 223 HOH A O     1 
HETATM 1458 O  O     . HOH P 6 .  ? -11.276 21.127  13.319  1.00   31.54 ? 224 HOH A O     1 
HETATM 1459 O  O     . HOH P 6 .  ? 8.379   -4.461  -2.855  1.00   29.08 ? 225 HOH A O     1 
HETATM 1460 O  O     . HOH P 6 .  ? -21.888 -5.674  -1.697  1.00   30.13 ? 226 HOH A O     1 
HETATM 1461 O  O     . HOH P 6 .  ? -4.519  9.148   3.433   1.00   36.63 ? 227 HOH A O     1 
HETATM 1462 O  O     . HOH P 6 .  ? -16.533 3.822   2.957   1.00   20.12 ? 228 HOH A O     1 
HETATM 1463 O  O     . HOH P 6 .  ? 6.258   3.407   -2.481  1.00   32.10 ? 229 HOH A O     1 
HETATM 1464 O  O     . HOH P 6 .  ? -3.090  6.107   -9.733  1.00   33.39 ? 230 HOH A O     1 
HETATM 1465 O  O     . HOH P 6 .  ? 0.291   3.475   -4.707  1.00   32.25 ? 231 HOH A O     1 
HETATM 1466 O  O     . HOH P 6 .  ? -17.115 -8.771  8.241   1.00   19.53 ? 232 HOH A O     1 
HETATM 1467 O  O     . HOH P 6 .  ? -13.216 -9.433  -8.347  1.00   29.24 ? 233 HOH A O     1 
HETATM 1468 O  O     . HOH P 6 .  ? -5.189  13.126  15.192  1.00   23.66 ? 234 HOH A O     1 
HETATM 1469 O  O     . HOH P 6 .  ? -13.112 -0.217  -1.907  1.00   25.54 ? 235 HOH A O     1 
HETATM 1470 O  O     . HOH P 6 .  ? -6.927  3.023   11.516  1.00   32.27 ? 236 HOH A O     1 
HETATM 1471 O  O     . HOH P 6 .  ? -13.154 -3.017  0.098   1.00   20.90 ? 237 HOH A O     1 
HETATM 1472 O  O     . HOH P 6 .  ? 0.094   -9.120  3.134   1.00   32.31 ? 238 HOH A O     1 
HETATM 1473 O  O     . HOH P 6 .  ? -9.807  -3.879  0.520   1.00   30.06 ? 239 HOH A O     1 
HETATM 1474 O  O     . HOH P 6 .  ? 12.829  7.589   -4.535  1.00   25.20 ? 240 HOH A O     1 
HETATM 1475 O  O     . HOH P 6 .  ? -3.963  -15.099 7.039   1.00   31.52 ? 241 HOH A O     1 
HETATM 1476 O  O     . HOH P 6 .  ? -4.410  9.994   8.765   1.00   34.07 ? 242 HOH A O     1 
HETATM 1477 O  O     . HOH P 6 .  ? 10.455  -8.472  -6.204  1.00   38.77 ? 243 HOH A O     1 
HETATM 1478 O  O     . HOH P 6 .  ? -19.334 -3.321  19.425  1.00   30.35 ? 244 HOH A O     1 
HETATM 1479 O  O     . HOH P 6 .  ? 17.114  6.748   3.501   1.00   40.56 ? 245 HOH A O     1 
HETATM 1480 O  O     . HOH P 6 .  ? -8.555  9.956   -6.237  1.00   35.59 ? 246 HOH A O     1 
HETATM 1481 O  O     . HOH P 6 .  ? -9.604  20.045  -0.036  1.00   31.65 ? 247 HOH A O     1 
HETATM 1482 O  O     . HOH P 6 .  ? 0.716   3.449   -9.451  1.00   28.84 ? 248 HOH A O     1 
HETATM 1483 O  O     . HOH P 6 .  ? -17.526 8.202   -3.538  1.00   30.41 ? 249 HOH A O     1 
HETATM 1484 O  O     . HOH P 6 .  ? -3.113  3.949   -7.129  1.00   32.08 ? 250 HOH A O     1 
HETATM 1485 O  O     . HOH P 6 .  ? -3.059  -9.517  11.542  1.00   33.48 ? 251 HOH A O     1 
HETATM 1486 O  O     . HOH P 6 .  ? -17.278 12.830  -3.123  1.00   27.64 ? 252 HOH A O     1 
HETATM 1487 O  O     . HOH P 6 .  ? -15.031 19.385  -0.053  1.00   37.95 ? 253 HOH A O     1 
HETATM 1488 O  O     . HOH P 6 .  ? -8.438  16.936  6.929   1.00   27.73 ? 254 HOH A O     1 
HETATM 1489 O  O     . HOH P 6 .  ? -9.837  5.924   -6.582  1.00   26.03 ? 255 HOH A O     1 
HETATM 1490 O  O     . HOH P 6 .  ? 5.668   -4.645  -2.488  1.00   30.46 ? 256 HOH A O     1 
HETATM 1491 O  O     . HOH P 6 .  ? -12.358 8.999   -4.068  1.00   25.49 ? 257 HOH A O     1 
HETATM 1492 O  O     . HOH P 6 .  ? -9.847  -0.131  11.039  1.00   25.31 ? 258 HOH A O     1 
HETATM 1493 O  O     . HOH P 6 .  ? -5.769  3.036   -1.521  1.00   37.80 ? 259 HOH A O     1 
HETATM 1494 O  O     . HOH P 6 .  ? -10.362 12.587  -2.230  1.00   18.44 ? 260 HOH A O     1 
HETATM 1495 O  O     . HOH P 6 .  ? 11.105  1.328   -4.088  1.00   33.86 ? 261 HOH A O     1 
HETATM 1496 O  O     . HOH P 6 .  ? -18.854 1.846   7.890   1.00   32.98 ? 262 HOH A O     1 
HETATM 1497 O  O     . HOH P 6 .  ? -18.679 -4.340  0.984   1.00   22.98 ? 263 HOH A O     1 
HETATM 1498 O  O     . HOH P 6 .  ? -5.832  18.539  3.747   1.00   27.51 ? 264 HOH A O     1 
HETATM 1499 O  O     . HOH P 6 .  ? -11.164 20.428  5.182   1.00   38.01 ? 265 HOH A O     1 
HETATM 1500 O  O     . HOH P 6 .  ? -7.017  4.372   2.537   1.00   26.01 ? 266 HOH A O     1 
HETATM 1501 O  O     . HOH P 6 .  ? -12.301 -11.234 -4.411  1.00   33.06 ? 267 HOH A O     1 
HETATM 1502 O  O     . HOH P 6 .  ? 0.068   -1.811  -0.716  1.00   27.14 ? 268 HOH A O     1 
HETATM 1503 O  O     . HOH P 6 .  ? -15.365 19.507  -4.447  1.00   34.96 ? 269 HOH A O     1 
HETATM 1504 O  O     . HOH P 6 .  ? -20.730 -9.742  6.159   1.00   16.72 ? 270 HOH A O     1 
HETATM 1505 O  O     . HOH P 6 .  ? 6.613   12.845  7.934   1.00   28.50 ? 271 HOH A O     1 
HETATM 1506 O  O     . HOH P 6 .  ? -10.278 1.144   0.883   1.00   17.14 ? 272 HOH A O     1 
HETATM 1507 O  O     . HOH P 6 .  ? 1.779   7.209   -5.222  1.00   31.54 ? 273 HOH A O     1 
HETATM 1508 O  O     . HOH P 6 .  ? -3.751  -10.900 4.737   1.00   35.59 ? 274 HOH A O     1 
HETATM 1509 O  O     . HOH P 6 .  ? 7.269   13.214  1.194   1.00   28.45 ? 275 HOH A O     1 
HETATM 1510 O  O     . HOH P 6 .  ? 0.487   16.609  -1.974  1.00   28.92 ? 276 HOH A O     1 
HETATM 1511 O  O     . HOH P 6 .  ? 1.903   -12.521 1.055   1.00   34.57 ? 277 HOH A O     1 
HETATM 1512 O  O     . HOH P 6 .  ? -1.151  15.596  9.867   1.00   28.27 ? 278 HOH A O     1 
HETATM 1513 O  O     . HOH P 6 .  ? 4.831   -4.920  -13.096 1.00   35.41 ? 279 HOH A O     1 
HETATM 1514 O  O     . HOH P 6 .  ? -12.535 -6.031  10.077  1.00   27.32 ? 280 HOH A O     1 
HETATM 1515 O  O     . HOH P 6 .  ? -5.161  9.817   12.330  1.00   29.72 ? 281 HOH A O     1 
HETATM 1516 O  O     . HOH P 6 .  ? -5.172  -7.638  3.619   1.00   22.56 ? 282 HOH A O     1 
HETATM 1517 O  O     . HOH P 6 .  ? -5.253  -4.252  6.487   1.00   21.29 ? 283 HOH A O     1 
HETATM 1518 O  O     . HOH P 6 .  ? -4.158  15.190  4.512   1.00   28.25 ? 284 HOH A O     1 
HETATM 1519 O  O     . HOH P 6 .  ? 7.202   -5.418  1.075   1.00   29.70 ? 285 HOH A O     1 
HETATM 1520 O  O     . HOH P 6 .  ? -6.306  -11.865 -9.692  1.00   31.84 ? 286 HOH A O     1 
HETATM 1521 O  O     . HOH P 6 .  ? 9.773   14.905  -2.225  1.00   18.95 ? 287 HOH A O     1 
HETATM 1522 O  O     . HOH P 6 .  ? -16.208 -4.359  -1.282  1.00   19.10 ? 288 HOH A O     1 
HETATM 1523 O  O     . HOH P 6 .  ? -3.514  -13.485 0.864   1.00   34.82 ? 289 HOH A O     1 
HETATM 1524 O  O     . HOH P 6 .  ? -11.267 -10.274 10.585  1.00   22.09 ? 290 HOH A O     1 
HETATM 1525 O  O     . HOH P 6 .  ? -14.836 2.674   -8.240  1.00   34.39 ? 291 HOH A O     1 
HETATM 1526 O  O     . HOH P 6 .  ? -19.389 -1.970  3.559   1.00   23.66 ? 292 HOH A O     1 
HETATM 1527 O  O     . HOH P 6 .  ? -0.526  9.683   5.451   1.00   26.40 ? 293 HOH A O     1 
HETATM 1528 O  O     . HOH P 6 .  ? -5.520  14.926  -4.270  1.00   31.55 ? 294 HOH A O     1 
HETATM 1529 O  O     . HOH P 6 .  ? -18.618 -0.613  5.455   1.00   21.71 ? 295 HOH A O     1 
HETATM 1530 O  O     . HOH P 6 .  ? -12.331 -3.320  10.958  1.00   35.81 ? 296 HOH A O     1 
HETATM 1531 O  O     . HOH P 6 .  ? 9.392   -2.622  -4.263  1.00   28.33 ? 297 HOH A O     1 
HETATM 1532 O  O     . HOH P 6 .  ? 8.794   12.239  -8.116  1.00   25.15 ? 298 HOH A O     1 
HETATM 1533 O  O     . HOH P 6 .  ? -19.148 4.492   3.682   1.00   26.96 ? 299 HOH A O     1 
HETATM 1534 O  O     . HOH P 6 .  ? -1.262  -0.770  1.509   1.00   27.76 ? 300 HOH A O     1 
HETATM 1535 O  O     . HOH P 6 .  ? -2.735  -12.188 9.899   1.00   29.49 ? 301 HOH A O     1 
HETATM 1536 O  O     . HOH P 6 .  ? -19.209 10.325  6.769   1.00   35.34 ? 302 HOH A O     1 
HETATM 1537 O  O     . HOH P 6 .  ? -13.630 16.272  12.893  1.00   31.53 ? 303 HOH A O     1 
HETATM 1538 O  O     . HOH P 6 .  ? -12.519 -4.248  -2.331  1.00   19.49 ? 304 HOH A O     1 
HETATM 1539 O  O     . HOH P 6 .  ? -7.553  3.790   -8.052  1.00   28.77 ? 305 HOH A O     1 
HETATM 1540 O  O     . HOH P 6 .  ? -13.722 2.598   0.782   1.00   15.25 ? 306 HOH A O     1 
HETATM 1541 O  O     . HOH P 6 .  ? 2.096   4.204   13.149  1.00   32.45 ? 307 HOH A O     1 
HETATM 1542 O  O     . HOH P 6 .  ? -4.147  -9.162  0.999   1.00   38.25 ? 308 HOH A O     1 
HETATM 1543 O  O     . HOH P 6 .  ? -4.977  -6.690  13.652  1.00   32.00 ? 309 HOH A O     1 
HETATM 1544 O  O     . HOH P 6 .  ? -3.954  -6.822  -8.519  1.00   40.73 ? 310 HOH A O     1 
HETATM 1545 O  O     . HOH P 6 .  ? 14.641  -4.053  -10.216 1.00   31.67 ? 311 HOH A O     1 
HETATM 1546 O  O     . HOH P 6 .  ? 10.155  -9.549  -14.600 1.00   39.28 ? 312 HOH A O     1 
HETATM 1547 O  O     . HOH P 6 .  ? -0.261  4.680   6.283   1.00   26.89 ? 313 HOH A O     1 
HETATM 1548 O  O     . HOH P 6 .  ? 8.545   5.116   -2.579  1.00   27.81 ? 314 HOH A O     1 
HETATM 1549 O  O     . HOH P 6 .  ? -17.769 3.535   6.093   1.00   27.44 ? 315 HOH A O     1 
HETATM 1550 O  O     . HOH P 6 .  ? 11.423  12.302  3.827   1.00   23.23 ? 316 HOH A O     1 
HETATM 1551 O  O     . HOH P 6 .  ? 4.888   5.942   -3.286  1.00   22.64 ? 317 HOH A O     1 
HETATM 1552 O  O     . HOH P 6 .  ? -19.074 -5.117  12.050  1.00   29.57 ? 318 HOH A O     1 
HETATM 1553 O  O     . HOH P 6 .  ? -16.134 -9.300  15.407  1.00   34.09 ? 319 HOH A O     1 
HETATM 1554 O  O     . HOH P 6 .  ? -19.459 -11.489 -0.440  1.00   21.43 ? 320 HOH A O     1 
HETATM 1555 O  O     . HOH P 6 .  ? 5.687   -2.984  2.614   1.00   32.20 ? 321 HOH A O     1 
HETATM 1556 O  O     . HOH P 6 .  ? -7.003  -3.329  -2.144  1.00   27.11 ? 322 HOH A O     1 
HETATM 1557 O  O     . HOH P 6 .  ? 0.365   14.874  -6.660  1.00   28.80 ? 323 HOH A O     1 
HETATM 1558 O  O     . HOH P 6 .  ? -11.343 -2.205  -3.608  1.00   29.03 ? 324 HOH A O     1 
HETATM 1559 O  O     . HOH P 6 .  ? -4.314  -5.649  -2.196  1.00   37.77 ? 325 HOH A O     1 
HETATM 1560 O  O     . HOH P 6 .  ? -6.015  -4.316  3.768   1.00   29.96 ? 326 HOH A O     1 
HETATM 1561 O  O     . HOH P 6 .  ? 15.292  -18.023 -2.071  1.00   43.94 ? 327 HOH A O     1 
HETATM 1562 O  O     . HOH P 6 .  ? -4.490  -7.825  6.337   1.00   33.80 ? 328 HOH A O     1 
HETATM 1563 O  O     . HOH P 6 .  ? -14.528 1.137   -5.100  1.00   37.40 ? 329 HOH A O     1 
HETATM 1564 O  O     . HOH P 6 .  ? 7.613   8.539   7.280   1.00   38.46 ? 330 HOH A O     1 
HETATM 1565 O  O     . HOH P 6 .  ? 3.651   6.398   -8.198  1.00   36.31 ? 331 HOH A O     1 
HETATM 1566 O  O     . HOH P 6 .  ? 5.967   8.019   -4.863  1.00   21.33 ? 332 HOH A O     1 
HETATM 1567 O  O     . HOH P 6 .  ? -10.669 3.763   9.493   1.00   16.01 ? 333 HOH A O     1 
HETATM 1568 O  O     . HOH P 6 .  ? -0.887  8.452   7.937   1.00   29.82 ? 334 HOH A O     1 
HETATM 1569 O  O     . HOH P 6 .  ? -12.369 -12.887 -1.533  1.00   27.90 ? 335 HOH A O     1 
HETATM 1570 O  O     . HOH P 6 .  ? 1.651   6.304   -2.626  1.00   23.24 ? 336 HOH A O     1 
HETATM 1571 O  O     . HOH P 6 .  ? -20.198 -3.032  12.956  1.00   41.59 ? 337 HOH A O     1 
HETATM 1572 O  O     . HOH P 6 .  ? -9.217  19.395  2.728   1.00   32.56 ? 338 HOH A O     1 
HETATM 1573 O  O     . HOH P 6 .  ? -19.324 1.525   2.295   1.00   24.21 ? 339 HOH A O     1 
HETATM 1574 O  O     . HOH P 6 .  ? -13.772 15.511  15.456  1.00   30.07 ? 340 HOH A O     1 
HETATM 1575 O  O     . HOH P 6 .  ? -7.143  12.357  -4.695  1.00   33.33 ? 341 HOH A O     1 
HETATM 1576 O  O     . HOH P 6 .  ? 3.943   -4.023  7.394   1.00   46.01 ? 342 HOH A O     1 
HETATM 1577 O  O     . HOH P 6 .  ? 9.438   14.601  0.337   1.00   24.21 ? 343 HOH A O     1 
HETATM 1578 O  O     . HOH P 6 .  ? -21.135 8.821   5.513   1.00   46.82 ? 344 HOH A O     1 
HETATM 1579 O  O     . HOH P 6 .  ? -6.240  4.744   -0.090  1.00   28.78 ? 345 HOH A O     1 
HETATM 1580 O  O     . HOH P 6 .  ? -7.924  2.322   1.044   1.00   23.82 ? 346 HOH A O     1 
HETATM 1581 O  O     . HOH P 6 .  ? -14.668 -7.466  9.500   1.00   24.38 ? 347 HOH A O     1 
HETATM 1582 O  O     . HOH P 6 .  ? -10.344 -1.480  -0.047  1.00   42.83 ? 348 HOH A O     1 
HETATM 1583 O  O     . HOH P 6 .  ? -21.274 2.917   7.452   1.00   35.89 ? 349 HOH A O     1 
HETATM 1584 O  O     . HOH P 6 .  ? 10.279  -5.760  -16.977 1.00   37.06 ? 350 HOH A O     1 
HETATM 1585 O  O     . HOH P 6 .  ? -15.504 -8.054  11.890  1.00   38.45 ? 351 HOH A O     1 
# 
loop_
_pdbx_poly_seq_scheme.asym_id 
_pdbx_poly_seq_scheme.entity_id 
_pdbx_poly_seq_scheme.seq_id 
_pdbx_poly_seq_scheme.mon_id 
_pdbx_poly_seq_scheme.ndb_seq_num 
_pdbx_poly_seq_scheme.pdb_seq_num 
_pdbx_poly_seq_scheme.auth_seq_num 
_pdbx_poly_seq_scheme.pdb_mon_id 
_pdbx_poly_seq_scheme.auth_mon_id 
_pdbx_poly_seq_scheme.pdb_strand_id 
_pdbx_poly_seq_scheme.pdb_ins_code 
_pdbx_poly_seq_scheme.hetero 
A 1 1  G 1  15 ?  ? ? A . n 
A 1 2  G 2  16 16 G G A . n 
A 1 3  A 3  17 17 A A A . n 
A 1 4  C 4  18 18 C C A . n 
A 1 5  A 5  19 19 A A A . n 
A 1 6  U 6  20 20 U U A . n 
A 1 7  A 7  21 21 A A A . n 
A 1 8  U 8  22 22 U U A . n 
A 1 9  A 9  23 23 A A A . n 
A 1 10 A 10 24 24 A A A . n 
A 1 11 U 11 25 25 U U A . n 
A 1 12 C 12 26 26 C C A . n 
A 1 13 G 13 27 27 G G A . n 
A 1 14 C 14 28 28 C C A . n 
A 1 15 G 15 29 29 G G A . n 
A 1 16 U 16 30 30 U U A . n 
A 1 17 G 17 31 31 G G A . n 
A 1 18 G 18 32 32 G G A . n 
A 1 19 A 19 33 33 A A A . n 
A 1 20 U 20 34 34 U U A . n 
A 1 21 A 21 35 35 A A A . n 
A 1 22 U 22 36 36 U U A . n 
A 1 23 G 23 37 37 G G A . n 
A 1 24 G 24 38 38 G G A . n 
A 1 25 C 25 39 39 C C A . n 
A 1 26 A 26 40 40 A A A . n 
A 1 27 C 27 41 41 C C A . n 
A 1 28 G 28 42 42 G G A . n 
A 1 29 C 29 43 43 C C A . n 
A 1 30 A 30 44 44 A A A . n 
A 1 31 A 31 45 45 A A A . n 
A 1 32 G 32 46 46 G G A . n 
A 1 33 U 33 47 47 U U A . n 
A 1 34 U 34 48 48 U U A . n 
A 1 35 U 35 49 49 U U A . n 
A 1 36 C 36 50 50 C C A . n 
A 1 37 U 37 51 51 U U A . n 
A 1 38 A 38 52 52 A A A . n 
A 1 39 C 39 53 53 C C A . n 
A 1 40 C 40 54 54 C C A . n 
A 1 41 G 41 55 55 G G A . n 
A 1 42 G 42 56 56 G G A . n 
A 1 43 G 43 57 57 G G A . n 
A 1 44 C 44 58 58 C C A . n 
A 1 45 A 45 59 59 A A A . n 
A 1 46 C 46 60 60 C C A . n 
A 1 47 C 47 61 61 C C A . n 
A 1 48 G 48 62 62 G G A . n 
A 1 49 U 49 63 63 U U A . n 
A 1 50 A 50 64 64 A A A . n 
A 1 51 A 51 65 65 A A A . n 
A 1 52 A 52 66 66 A A A . n 
A 1 53 U 53 67 67 U U A . n 
A 1 54 G 54 68 68 G G A . n 
A 1 55 U 55 69 69 U U A . n 
A 1 56 C 56 70 70 C C A . n 
A 1 57 C 57 71 71 C C A . n 
A 1 58 G 58 72 72 G G A . n 
A 1 59 A 59 73 73 A A A . n 
A 1 60 U 60 74 74 U U A . n 
A 1 61 U 61 75 75 U U A . n 
A 1 62 A 62 76 76 A A A . n 
A 1 63 U 63 77 77 U U A . n 
A 1 64 G 64 78 78 G G A . n 
A 1 65 U 65 79 79 U U A . n 
A 1 66 C 66 80 80 C C A . n 
A 1 67 C 67 81 ?  ? ? A . n 
# 
loop_
_pdbx_nonpoly_scheme.asym_id 
_pdbx_nonpoly_scheme.entity_id 
_pdbx_nonpoly_scheme.mon_id 
_pdbx_nonpoly_scheme.ndb_seq_num 
_pdbx_nonpoly_scheme.pdb_seq_num 
_pdbx_nonpoly_scheme.auth_seq_num 
_pdbx_nonpoly_scheme.pdb_mon_id 
_pdbx_nonpoly_scheme.auth_mon_id 
_pdbx_nonpoly_scheme.pdb_strand_id 
_pdbx_nonpoly_scheme.pdb_ins_code 
B 2 ACT 1   101 1081 ACT ACT A . 
C 2 ACT 1   102 1082 ACT ACT A . 
D 3 NCO 1   103 1083 NCO NCO A . 
E 3 NCO 1   104 1084 NCO NCO A . 
F 3 NCO 1   105 1085 NCO NCO A . 
G 3 NCO 1   106 1086 NCO NCO A . 
H 3 NCO 1   107 1087 NCO NCO A . 
I 4 K   1   108 1088 K   K   A . 
J 4 K   1   109 1089 K   K   A . 
K 5 ZZS 1   110 1090 ZZS ZZS A . 
L 3 NCO 1   111 1091 NCO NCO A . 
M 4 K   1   112 1092 K   K   A . 
N 4 K   1   113 1093 K   K   A . 
O 4 K   1   114 1094 K   K   A . 
P 6 HOH 1   201 2022 HOH HOH A . 
P 6 HOH 2   202 2046 HOH HOH A . 
P 6 HOH 3   203 2117 HOH HOH A . 
P 6 HOH 4   204 2021 HOH HOH A . 
P 6 HOH 5   205 2023 HOH HOH A . 
P 6 HOH 6   206 2109 HOH HOH A . 
P 6 HOH 7   207 2092 HOH HOH A . 
P 6 HOH 8   208 2091 HOH HOH A . 
P 6 HOH 9   209 2054 HOH HOH A . 
P 6 HOH 10  210 2006 HOH HOH A . 
P 6 HOH 11  211 2143 HOH HOH A . 
P 6 HOH 12  212 2065 HOH HOH A . 
P 6 HOH 13  213 2083 HOH HOH A . 
P 6 HOH 14  214 2033 HOH HOH A . 
P 6 HOH 15  215 2011 HOH HOH A . 
P 6 HOH 16  216 2124 HOH HOH A . 
P 6 HOH 17  217 2042 HOH HOH A . 
P 6 HOH 18  218 2026 HOH HOH A . 
P 6 HOH 19  219 2013 HOH HOH A . 
P 6 HOH 20  220 2066 HOH HOH A . 
P 6 HOH 21  221 2123 HOH HOH A . 
P 6 HOH 22  222 2059 HOH HOH A . 
P 6 HOH 23  223 2081 HOH HOH A . 
P 6 HOH 24  224 2052 HOH HOH A . 
P 6 HOH 25  225 2007 HOH HOH A . 
P 6 HOH 26  226 2034 HOH HOH A . 
P 6 HOH 27  227 2115 HOH HOH A . 
P 6 HOH 28  228 2112 HOH HOH A . 
P 6 HOH 29  229 2141 HOH HOH A . 
P 6 HOH 30  230 2129 HOH HOH A . 
P 6 HOH 31  231 2018 HOH HOH A . 
P 6 HOH 32  232 2036 HOH HOH A . 
P 6 HOH 33  233 2028 HOH HOH A . 
P 6 HOH 34  234 2055 HOH HOH A . 
P 6 HOH 35  235 2121 HOH HOH A . 
P 6 HOH 36  236 2061 HOH HOH A . 
P 6 HOH 37  237 2037 HOH HOH A . 
P 6 HOH 38  238 2088 HOH HOH A . 
P 6 HOH 39  239 2029 HOH HOH A . 
P 6 HOH 40  240 2140 HOH HOH A . 
P 6 HOH 41  241 2074 HOH HOH A . 
P 6 HOH 42  242 2058 HOH HOH A . 
P 6 HOH 43  243 2149 HOH HOH A . 
P 6 HOH 44  244 2002 HOH HOH A . 
P 6 HOH 45  245 2144 HOH HOH A . 
P 6 HOH 46  246 2116 HOH HOH A . 
P 6 HOH 47  247 2104 HOH HOH A . 
P 6 HOH 48  248 2019 HOH HOH A . 
P 6 HOH 49  249 2113 HOH HOH A . 
P 6 HOH 50  250 2017 HOH HOH A . 
P 6 HOH 51  251 2069 HOH HOH A . 
P 6 HOH 52  252 2105 HOH HOH A . 
P 6 HOH 53  253 2108 HOH HOH A . 
P 6 HOH 54  254 2056 HOH HOH A . 
P 6 HOH 55  255 2120 HOH HOH A . 
P 6 HOH 56  256 2087 HOH HOH A . 
P 6 HOH 57  257 2114 HOH HOH A . 
P 6 HOH 58  258 2062 HOH HOH A . 
P 6 HOH 59  259 2126 HOH HOH A . 
P 6 HOH 60  260 2103 HOH HOH A . 
P 6 HOH 61  261 2014 HOH HOH A . 
P 6 HOH 62  262 2048 HOH HOH A . 
P 6 HOH 63  263 2041 HOH HOH A . 
P 6 HOH 64  264 2100 HOH HOH A . 
P 6 HOH 65  265 2051 HOH HOH A . 
P 6 HOH 66  266 2060 HOH HOH A . 
P 6 HOH 67  267 2027 HOH HOH A . 
P 6 HOH 68  268 2016 HOH HOH A . 
P 6 HOH 69  269 2107 HOH HOH A . 
P 6 HOH 70  270 2035 HOH HOH A . 
P 6 HOH 71  271 2095 HOH HOH A . 
P 6 HOH 72  272 2119 HOH HOH A . 
P 6 HOH 73  273 2132 HOH HOH A . 
P 6 HOH 74  274 2073 HOH HOH A . 
P 6 HOH 75  275 2131 HOH HOH A . 
P 6 HOH 76  276 2098 HOH HOH A . 
P 6 HOH 77  277 2084 HOH HOH A . 
P 6 HOH 78  278 2099 HOH HOH A . 
P 6 HOH 79  279 2010 HOH HOH A . 
P 6 HOH 80  280 2064 HOH HOH A . 
P 6 HOH 81  281 2057 HOH HOH A . 
P 6 HOH 82  282 2076 HOH HOH A . 
P 6 HOH 83  283 2063 HOH HOH A . 
P 6 HOH 84  284 2101 HOH HOH A . 
P 6 HOH 85  285 2085 HOH HOH A . 
P 6 HOH 86  286 2079 HOH HOH A . 
P 6 HOH 87  287 2134 HOH HOH A . 
P 6 HOH 88  288 2032 HOH HOH A . 
P 6 HOH 89  289 2077 HOH HOH A . 
P 6 HOH 90  290 2067 HOH HOH A . 
P 6 HOH 91  291 2146 HOH HOH A . 
P 6 HOH 92  292 2039 HOH HOH A . 
P 6 HOH 93  293 2097 HOH HOH A . 
P 6 HOH 94  294 2102 HOH HOH A . 
P 6 HOH 95  295 2045 HOH HOH A . 
P 6 HOH 96  296 2038 HOH HOH A . 
P 6 HOH 97  297 2015 HOH HOH A . 
P 6 HOH 98  298 2139 HOH HOH A . 
P 6 HOH 99  299 2049 HOH HOH A . 
P 6 HOH 100 300 2089 HOH HOH A . 
P 6 HOH 101 301 2075 HOH HOH A . 
P 6 HOH 102 302 2110 HOH HOH A . 
P 6 HOH 103 303 2050 HOH HOH A . 
P 6 HOH 104 304 2031 HOH HOH A . 
P 6 HOH 105 305 2125 HOH HOH A . 
P 6 HOH 106 306 2122 HOH HOH A . 
P 6 HOH 107 307 2096 HOH HOH A . 
P 6 HOH 108 308 2078 HOH HOH A . 
P 6 HOH 109 309 2070 HOH HOH A . 
P 6 HOH 110 310 2080 HOH HOH A . 
P 6 HOH 111 311 2005 HOH HOH A . 
P 6 HOH 112 312 2082 HOH HOH A . 
P 6 HOH 113 313 2090 HOH HOH A . 
P 6 HOH 114 314 2142 HOH HOH A . 
P 6 HOH 115 315 2047 HOH HOH A . 
P 6 HOH 116 316 2138 HOH HOH A . 
P 6 HOH 117 317 2136 HOH HOH A . 
P 6 HOH 118 318 2040 HOH HOH A . 
P 6 HOH 119 319 2001 HOH HOH A . 
P 6 HOH 120 320 2030 HOH HOH A . 
P 6 HOH 121 321 2012 HOH HOH A . 
P 6 HOH 122 322 2025 HOH HOH A . 
P 6 HOH 123 323 2128 HOH HOH A . 
P 6 HOH 124 324 2024 HOH HOH A . 
P 6 HOH 125 325 2020 HOH HOH A . 
P 6 HOH 126 326 2068 HOH HOH A . 
P 6 HOH 127 327 2145 HOH HOH A . 
P 6 HOH 128 328 2072 HOH HOH A . 
P 6 HOH 129 329 2147 HOH HOH A . 
P 6 HOH 130 330 2093 HOH HOH A . 
P 6 HOH 131 331 2133 HOH HOH A . 
P 6 HOH 132 332 2135 HOH HOH A . 
P 6 HOH 133 333 2044 HOH HOH A . 
P 6 HOH 134 334 2094 HOH HOH A . 
P 6 HOH 135 335 2071 HOH HOH A . 
P 6 HOH 136 336 2130 HOH HOH A . 
P 6 HOH 137 337 2043 HOH HOH A . 
P 6 HOH 138 338 2106 HOH HOH A . 
P 6 HOH 139 339 2148 HOH HOH A . 
P 6 HOH 140 340 2053 HOH HOH A . 
P 6 HOH 141 341 2118 HOH HOH A . 
P 6 HOH 142 342 2086 HOH HOH A . 
P 6 HOH 143 343 2137 HOH HOH A . 
P 6 HOH 144 344 2111 HOH HOH A . 
P 6 HOH 145 345 2127 HOH HOH A . 
P 6 HOH 146 346 2004 HOH HOH A . 
P 6 HOH 147 347 2002 HOH HOH A . 
P 6 HOH 148 348 2001 HOH HOH A . 
P 6 HOH 149 349 2003 HOH HOH A . 
P 6 HOH 150 350 2009 HOH HOH A . 
P 6 HOH 151 351 2008 HOH HOH A . 
# 
_pdbx_struct_assembly.id                   1 
_pdbx_struct_assembly.details              author_and_software_defined_assembly 
_pdbx_struct_assembly.method_details       PISA 
_pdbx_struct_assembly.oligomeric_details   monomeric 
_pdbx_struct_assembly.oligomeric_count     1 
# 
_pdbx_struct_assembly_gen.assembly_id       1 
_pdbx_struct_assembly_gen.oper_expression   1 
_pdbx_struct_assembly_gen.asym_id_list      A,B,C,D,E,F,G,H,I,J,K,L,M,N,O,P 
# 
_pdbx_struct_oper_list.id                   1 
_pdbx_struct_oper_list.type                 'identity operation' 
_pdbx_struct_oper_list.name                 1_555 
_pdbx_struct_oper_list.symmetry_operation   x,y,z 
_pdbx_struct_oper_list.matrix[1][1]         1.0000000000 
_pdbx_struct_oper_list.matrix[1][2]         0.0000000000 
_pdbx_struct_oper_list.matrix[1][3]         0.0000000000 
_pdbx_struct_oper_list.vector[1]            0.0000000000 
_pdbx_struct_oper_list.matrix[2][1]         0.0000000000 
_pdbx_struct_oper_list.matrix[2][2]         1.0000000000 
_pdbx_struct_oper_list.matrix[2][3]         0.0000000000 
_pdbx_struct_oper_list.vector[2]            0.0000000000 
_pdbx_struct_oper_list.matrix[3][1]         0.0000000000 
_pdbx_struct_oper_list.matrix[3][2]         0.0000000000 
_pdbx_struct_oper_list.matrix[3][3]         1.0000000000 
_pdbx_struct_oper_list.vector[3]            0.0000000000 
# 
_pdbx_struct_conn_angle.id                    1 
_pdbx_struct_conn_angle.ptnr1_label_atom_id   "O2'" 
_pdbx_struct_conn_angle.ptnr1_label_alt_id    ? 
_pdbx_struct_conn_angle.ptnr1_label_asym_id   A 
_pdbx_struct_conn_angle.ptnr1_label_comp_id   U 
_pdbx_struct_conn_angle.ptnr1_label_seq_id    37 
_pdbx_struct_conn_angle.ptnr1_auth_atom_id    ? 
_pdbx_struct_conn_angle.ptnr1_auth_asym_id    A 
_pdbx_struct_conn_angle.ptnr1_auth_comp_id    U 
_pdbx_struct_conn_angle.ptnr1_auth_seq_id     51 
_pdbx_struct_conn_angle.ptnr1_PDB_ins_code    ? 
_pdbx_struct_conn_angle.ptnr1_symmetry        1_555 
_pdbx_struct_conn_angle.ptnr2_label_atom_id   K 
_pdbx_struct_conn_angle.ptnr2_label_alt_id    ? 
_pdbx_struct_conn_angle.ptnr2_label_asym_id   J 
_pdbx_struct_conn_angle.ptnr2_label_comp_id   K 
_pdbx_struct_conn_angle.ptnr2_label_seq_id    . 
_pdbx_struct_conn_angle.ptnr2_auth_atom_id    ? 
_pdbx_struct_conn_angle.ptnr2_auth_asym_id    A 
_pdbx_struct_conn_angle.ptnr2_auth_comp_id    K 
_pdbx_struct_conn_angle.ptnr2_auth_seq_id     109 
_pdbx_struct_conn_angle.ptnr2_PDB_ins_code    ? 
_pdbx_struct_conn_angle.ptnr2_symmetry        1_555 
_pdbx_struct_conn_angle.ptnr3_label_atom_id   "O2'" 
_pdbx_struct_conn_angle.ptnr3_label_alt_id    ? 
_pdbx_struct_conn_angle.ptnr3_label_asym_id   A 
_pdbx_struct_conn_angle.ptnr3_label_comp_id   U 
_pdbx_struct_conn_angle.ptnr3_label_seq_id    60 
_pdbx_struct_conn_angle.ptnr3_auth_atom_id    ? 
_pdbx_struct_conn_angle.ptnr3_auth_asym_id    A 
_pdbx_struct_conn_angle.ptnr3_auth_comp_id    U 
_pdbx_struct_conn_angle.ptnr3_auth_seq_id     74 
_pdbx_struct_conn_angle.ptnr3_PDB_ins_code    ? 
_pdbx_struct_conn_angle.ptnr3_symmetry        1_555 
_pdbx_struct_conn_angle.value                 171.3 
_pdbx_struct_conn_angle.value_esd             ? 
# 
loop_
_pdbx_audit_revision_history.ordinal 
_pdbx_audit_revision_history.data_content_type 
_pdbx_audit_revision_history.major_revision 
_pdbx_audit_revision_history.minor_revision 
_pdbx_audit_revision_history.revision_date 
1 'Structure model' 1 0 2011-04-06 
2 'Structure model' 1 1 2017-07-12 
3 'Structure model' 1 2 2018-06-06 
4 'Structure model' 1 3 2023-12-20 
# 
_pdbx_audit_revision_details.ordinal             1 
_pdbx_audit_revision_details.revision_ordinal    1 
_pdbx_audit_revision_details.data_content_type   'Structure model' 
_pdbx_audit_revision_details.provider            repository 
_pdbx_audit_revision_details.type                'Initial release' 
_pdbx_audit_revision_details.description         ? 
_pdbx_audit_revision_details.details             ? 
# 
loop_
_pdbx_audit_revision_group.ordinal 
_pdbx_audit_revision_group.revision_ordinal 
_pdbx_audit_revision_group.data_content_type 
_pdbx_audit_revision_group.group 
1 2 'Structure model' 'Derived calculations'   
2 3 'Structure model' 'Data collection'        
3 3 'Structure model' 'Database references'    
4 3 'Structure model' 'Structure summary'      
5 4 'Structure model' Advisory                 
6 4 'Structure model' 'Data collection'        
7 4 'Structure model' 'Database references'    
8 4 'Structure model' Other                    
9 4 'Structure model' 'Refinement description' 
# 
loop_
_pdbx_audit_revision_category.ordinal 
_pdbx_audit_revision_category.revision_ordinal 
_pdbx_audit_revision_category.data_content_type 
_pdbx_audit_revision_category.category 
1  2 'Structure model' pdbx_struct_conn_angle        
2  2 'Structure model' struct_conn                   
3  3 'Structure model' citation                      
4  3 'Structure model' citation_author               
5  3 'Structure model' entity                        
6  3 'Structure model' struct                        
7  4 'Structure model' chem_comp_atom                
8  4 'Structure model' chem_comp_bond                
9  4 'Structure model' database_2                    
10 4 'Structure model' pdbx_database_status          
11 4 'Structure model' pdbx_initial_refinement_model 
12 4 'Structure model' pdbx_unobs_or_zero_occ_atoms  
# 
loop_
_pdbx_audit_revision_item.ordinal 
_pdbx_audit_revision_item.revision_ordinal 
_pdbx_audit_revision_item.data_content_type 
_pdbx_audit_revision_item.item 
1  2 'Structure model' '_pdbx_struct_conn_angle.ptnr1_auth_seq_id'  
2  2 'Structure model' '_pdbx_struct_conn_angle.ptnr1_label_seq_id' 
3  2 'Structure model' '_pdbx_struct_conn_angle.ptnr3_auth_seq_id'  
4  2 'Structure model' '_pdbx_struct_conn_angle.ptnr3_label_seq_id' 
5  2 'Structure model' '_struct_conn.pdbx_dist_value'               
6  2 'Structure model' '_struct_conn.ptnr1_auth_comp_id'            
7  2 'Structure model' '_struct_conn.ptnr1_auth_seq_id'             
8  2 'Structure model' '_struct_conn.ptnr1_label_asym_id'           
9  2 'Structure model' '_struct_conn.ptnr1_label_atom_id'           
10 2 'Structure model' '_struct_conn.ptnr1_label_comp_id'           
11 2 'Structure model' '_struct_conn.ptnr1_label_seq_id'            
12 2 'Structure model' '_struct_conn.ptnr2_auth_comp_id'            
13 2 'Structure model' '_struct_conn.ptnr2_auth_seq_id'             
14 2 'Structure model' '_struct_conn.ptnr2_label_asym_id'           
15 2 'Structure model' '_struct_conn.ptnr2_label_atom_id'           
16 2 'Structure model' '_struct_conn.ptnr2_label_comp_id'           
17 2 'Structure model' '_struct_conn.ptnr2_label_seq_id'            
18 3 'Structure model' '_citation.journal_abbrev'                   
19 3 'Structure model' '_citation.journal_id_ISSN'                  
20 3 'Structure model' '_citation.page_last'                        
21 3 'Structure model' '_citation.pdbx_database_id_DOI'             
22 3 'Structure model' '_citation.title'                            
23 3 'Structure model' '_citation_author.name'                      
24 3 'Structure model' '_entity.pdbx_description'                   
25 3 'Structure model' '_struct.title'                              
26 4 'Structure model' '_database_2.pdbx_DOI'                       
27 4 'Structure model' '_database_2.pdbx_database_accession'        
28 4 'Structure model' '_pdbx_database_status.status_code_sf'       
# 
loop_
_software.name 
_software.classification 
_software.version 
_software.citation_id 
_software.pdbx_ordinal 
REFMAC    refinement       5.5.0109 ? 1 
DENZO     'data reduction' .        ? 2 
SCALEPACK 'data scaling'   .        ? 3 
MOLREP    phasing          .        ? 4 
# 
_pdbx_entry_details.entry_id                 2XO0 
_pdbx_entry_details.compound_details         ? 
_pdbx_entry_details.source_details           ? 
_pdbx_entry_details.nonpolymer_details       ? 
_pdbx_entry_details.sequence_details         'RESIDUE 74 C WAS ENGINEERED TO U.' 
_pdbx_entry_details.has_ligand_of_interest   ? 
# 
_pdbx_validate_close_contact.id               1 
_pdbx_validate_close_contact.PDB_model_num    1 
_pdbx_validate_close_contact.auth_atom_id_1   "O3'" 
_pdbx_validate_close_contact.auth_asym_id_1   A 
_pdbx_validate_close_contact.auth_comp_id_1   G 
_pdbx_validate_close_contact.auth_seq_id_1    27 
_pdbx_validate_close_contact.PDB_ins_code_1   ? 
_pdbx_validate_close_contact.label_alt_id_1   ? 
_pdbx_validate_close_contact.auth_atom_id_2   O 
_pdbx_validate_close_contact.auth_asym_id_2   A 
_pdbx_validate_close_contact.auth_comp_id_2   HOH 
_pdbx_validate_close_contact.auth_seq_id_2    201 
_pdbx_validate_close_contact.PDB_ins_code_2   ? 
_pdbx_validate_close_contact.label_alt_id_2   ? 
_pdbx_validate_close_contact.dist             2.15 
# 
_pdbx_validate_symm_contact.id                1 
_pdbx_validate_symm_contact.PDB_model_num     1 
_pdbx_validate_symm_contact.auth_atom_id_1    O 
_pdbx_validate_symm_contact.auth_asym_id_1    A 
_pdbx_validate_symm_contact.auth_comp_id_1    HOH 
_pdbx_validate_symm_contact.auth_seq_id_1     233 
_pdbx_validate_symm_contact.PDB_ins_code_1    ? 
_pdbx_validate_symm_contact.label_alt_id_1    ? 
_pdbx_validate_symm_contact.site_symmetry_1   1_555 
_pdbx_validate_symm_contact.auth_atom_id_2    O 
_pdbx_validate_symm_contact.auth_asym_id_2    A 
_pdbx_validate_symm_contact.auth_comp_id_2    HOH 
_pdbx_validate_symm_contact.auth_seq_id_2     246 
_pdbx_validate_symm_contact.PDB_ins_code_2    ? 
_pdbx_validate_symm_contact.label_alt_id_2    ? 
_pdbx_validate_symm_contact.site_symmetry_2   4_444 
_pdbx_validate_symm_contact.dist              1.92 
# 
loop_
_pdbx_validate_rmsd_bond.id 
_pdbx_validate_rmsd_bond.PDB_model_num 
_pdbx_validate_rmsd_bond.auth_atom_id_1 
_pdbx_validate_rmsd_bond.auth_asym_id_1 
_pdbx_validate_rmsd_bond.auth_comp_id_1 
_pdbx_validate_rmsd_bond.auth_seq_id_1 
_pdbx_validate_rmsd_bond.PDB_ins_code_1 
_pdbx_validate_rmsd_bond.label_alt_id_1 
_pdbx_validate_rmsd_bond.auth_atom_id_2 
_pdbx_validate_rmsd_bond.auth_asym_id_2 
_pdbx_validate_rmsd_bond.auth_comp_id_2 
_pdbx_validate_rmsd_bond.auth_seq_id_2 
_pdbx_validate_rmsd_bond.PDB_ins_code_2 
_pdbx_validate_rmsd_bond.label_alt_id_2 
_pdbx_validate_rmsd_bond.bond_value 
_pdbx_validate_rmsd_bond.bond_target_value 
_pdbx_validate_rmsd_bond.bond_deviation 
_pdbx_validate_rmsd_bond.bond_standard_deviation 
_pdbx_validate_rmsd_bond.linker_flag 
1 1 "O3'" A G 27 ? ? "C3'" A G 27 ? ? 1.514 1.427 0.087 0.012 N 
2 1 N7    A G 57 ? ? C8    A G 57 ? ? 1.353 1.305 0.048 0.006 N 
# 
loop_
_pdbx_validate_rmsd_angle.id 
_pdbx_validate_rmsd_angle.PDB_model_num 
_pdbx_validate_rmsd_angle.auth_atom_id_1 
_pdbx_validate_rmsd_angle.auth_asym_id_1 
_pdbx_validate_rmsd_angle.auth_comp_id_1 
_pdbx_validate_rmsd_angle.auth_seq_id_1 
_pdbx_validate_rmsd_angle.PDB_ins_code_1 
_pdbx_validate_rmsd_angle.label_alt_id_1 
_pdbx_validate_rmsd_angle.auth_atom_id_2 
_pdbx_validate_rmsd_angle.auth_asym_id_2 
_pdbx_validate_rmsd_angle.auth_comp_id_2 
_pdbx_validate_rmsd_angle.auth_seq_id_2 
_pdbx_validate_rmsd_angle.PDB_ins_code_2 
_pdbx_validate_rmsd_angle.label_alt_id_2 
_pdbx_validate_rmsd_angle.auth_atom_id_3 
_pdbx_validate_rmsd_angle.auth_asym_id_3 
_pdbx_validate_rmsd_angle.auth_comp_id_3 
_pdbx_validate_rmsd_angle.auth_seq_id_3 
_pdbx_validate_rmsd_angle.PDB_ins_code_3 
_pdbx_validate_rmsd_angle.label_alt_id_3 
_pdbx_validate_rmsd_angle.angle_value 
_pdbx_validate_rmsd_angle.angle_target_value 
_pdbx_validate_rmsd_angle.angle_deviation 
_pdbx_validate_rmsd_angle.angle_standard_deviation 
_pdbx_validate_rmsd_angle.linker_flag 
1  1 "C4'" A G 27 ? ? "C3'" A G 27 ? ? "C2'" A G 27 ? ? 95.61  102.60 -6.99 1.00 N 
2  1 "O3'" A G 31 ? ? P     A G 32 ? ? OP2   A G 32 ? ? 117.77 110.50 7.27  1.10 Y 
3  1 N1    A U 34 ? ? "C1'" A U 34 ? ? "C2'" A U 34 ? ? 102.19 112.00 -9.81 1.10 N 
4  1 "O4'" A U 34 ? ? "C1'" A U 34 ? ? N1    A U 34 ? ? 113.51 108.50 5.01  0.70 N 
5  1 "C3'" A U 36 ? ? "O3'" A U 36 ? ? P     A G 37 ? ? 129.42 119.70 9.72  1.20 Y 
6  1 "O4'" A C 43 ? ? "C1'" A C 43 ? ? N1    A C 43 ? ? 113.46 108.50 4.96  0.70 N 
7  1 "O4'" A U 47 ? ? "C1'" A U 47 ? ? N1    A U 47 ? ? 115.63 108.50 7.13  0.70 N 
8  1 "O5'" A C 54 ? ? P     A C 54 ? ? OP1   A C 54 ? ? 118.23 110.70 7.53  1.20 N 
9  1 "C4'" A C 54 ? ? "C3'" A C 54 ? ? "C2'" A C 54 ? ? 96.02  102.60 -6.58 1.00 N 
10 1 "O4'" A U 74 ? ? "C1'" A U 74 ? ? N1    A U 74 ? ? 113.22 108.50 4.72  0.70 N 
# 
loop_
_pdbx_unobs_or_zero_occ_atoms.id 
_pdbx_unobs_or_zero_occ_atoms.PDB_model_num 
_pdbx_unobs_or_zero_occ_atoms.polymer_flag 
_pdbx_unobs_or_zero_occ_atoms.occupancy_flag 
_pdbx_unobs_or_zero_occ_atoms.auth_asym_id 
_pdbx_unobs_or_zero_occ_atoms.auth_comp_id 
_pdbx_unobs_or_zero_occ_atoms.auth_seq_id 
_pdbx_unobs_or_zero_occ_atoms.PDB_ins_code 
_pdbx_unobs_or_zero_occ_atoms.auth_atom_id 
_pdbx_unobs_or_zero_occ_atoms.label_alt_id 
_pdbx_unobs_or_zero_occ_atoms.label_asym_id 
_pdbx_unobs_or_zero_occ_atoms.label_comp_id 
_pdbx_unobs_or_zero_occ_atoms.label_seq_id 
_pdbx_unobs_or_zero_occ_atoms.label_atom_id 
1  1 Y 1 A G   16  ? P     ? A G   2  P     
2  1 Y 1 A G   16  ? OP1   ? A G   2  OP1   
3  1 Y 1 A G   16  ? OP2   ? A G   2  OP2   
4  1 Y 1 A C   80  ? "C5'" ? A C   66 "C5'" 
5  1 Y 1 A C   80  ? "C4'" ? A C   66 "C4'" 
6  1 Y 1 A C   80  ? "O4'" ? A C   66 "O4'" 
7  1 Y 1 A C   80  ? "C3'" ? A C   66 "C3'" 
8  1 Y 1 A C   80  ? "O3'" ? A C   66 "O3'" 
9  1 Y 1 A C   80  ? "C2'" ? A C   66 "C2'" 
10 1 Y 1 A C   80  ? "O2'" ? A C   66 "O2'" 
11 1 Y 1 A C   80  ? "C1'" ? A C   66 "C1'" 
12 1 Y 1 A C   80  ? N1    ? A C   66 N1    
13 1 Y 1 A C   80  ? C2    ? A C   66 C2    
14 1 Y 1 A C   80  ? O2    ? A C   66 O2    
15 1 Y 1 A C   80  ? N3    ? A C   66 N3    
16 1 Y 1 A C   80  ? C4    ? A C   66 C4    
17 1 Y 1 A C   80  ? N4    ? A C   66 N4    
18 1 Y 1 A C   80  ? C5    ? A C   66 C5    
19 1 Y 1 A C   80  ? C6    ? A C   66 C6    
20 1 N 0 A NCO 106 ? N1    ? G NCO ?  N1    
21 1 N 0 A NCO 106 ? N2    ? G NCO ?  N2    
22 1 N 0 A NCO 106 ? N3    ? G NCO ?  N3    
23 1 N 0 A NCO 106 ? N5    ? G NCO ?  N5    
24 1 N 0 A NCO 107 ? N1    ? H NCO ?  N1    
25 1 N 0 A NCO 107 ? N2    ? H NCO ?  N2    
26 1 N 0 A NCO 107 ? N3    ? H NCO ?  N3    
27 1 N 0 A NCO 107 ? N5    ? H NCO ?  N5    
28 1 N 0 A NCO 107 ? N6    ? H NCO ?  N6    
29 1 N 0 A NCO 111 ? N2    ? L NCO ?  N2    
30 1 N 0 A NCO 111 ? N3    ? L NCO ?  N3    
31 1 N 0 A NCO 111 ? N4    ? L NCO ?  N4    
# 
loop_
_pdbx_unobs_or_zero_occ_residues.id 
_pdbx_unobs_or_zero_occ_residues.PDB_model_num 
_pdbx_unobs_or_zero_occ_residues.polymer_flag 
_pdbx_unobs_or_zero_occ_residues.occupancy_flag 
_pdbx_unobs_or_zero_occ_residues.auth_asym_id 
_pdbx_unobs_or_zero_occ_residues.auth_comp_id 
_pdbx_unobs_or_zero_occ_residues.auth_seq_id 
_pdbx_unobs_or_zero_occ_residues.PDB_ins_code 
_pdbx_unobs_or_zero_occ_residues.label_asym_id 
_pdbx_unobs_or_zero_occ_residues.label_comp_id 
_pdbx_unobs_or_zero_occ_residues.label_seq_id 
1 1 Y 1 A G 15 ? A G 1  
2 1 Y 1 A C 81 ? A C 67 
# 
loop_
_chem_comp_atom.comp_id 
_chem_comp_atom.atom_id 
_chem_comp_atom.type_symbol 
_chem_comp_atom.pdbx_aromatic_flag 
_chem_comp_atom.pdbx_stereo_config 
_chem_comp_atom.pdbx_ordinal 
A   OP3    O  N N 1   
A   P      P  N N 2   
A   OP1    O  N N 3   
A   OP2    O  N N 4   
A   "O5'"  O  N N 5   
A   "C5'"  C  N N 6   
A   "C4'"  C  N R 7   
A   "O4'"  O  N N 8   
A   "C3'"  C  N S 9   
A   "O3'"  O  N N 10  
A   "C2'"  C  N R 11  
A   "O2'"  O  N N 12  
A   "C1'"  C  N R 13  
A   N9     N  Y N 14  
A   C8     C  Y N 15  
A   N7     N  Y N 16  
A   C5     C  Y N 17  
A   C6     C  Y N 18  
A   N6     N  N N 19  
A   N1     N  Y N 20  
A   C2     C  Y N 21  
A   N3     N  Y N 22  
A   C4     C  Y N 23  
A   HOP3   H  N N 24  
A   HOP2   H  N N 25  
A   "H5'"  H  N N 26  
A   "H5''" H  N N 27  
A   "H4'"  H  N N 28  
A   "H3'"  H  N N 29  
A   "HO3'" H  N N 30  
A   "H2'"  H  N N 31  
A   "HO2'" H  N N 32  
A   "H1'"  H  N N 33  
A   H8     H  N N 34  
A   H61    H  N N 35  
A   H62    H  N N 36  
A   H2     H  N N 37  
ACT C      C  N N 38  
ACT O      O  N N 39  
ACT OXT    O  N N 40  
ACT CH3    C  N N 41  
ACT H1     H  N N 42  
ACT H2     H  N N 43  
ACT H3     H  N N 44  
C   OP3    O  N N 45  
C   P      P  N N 46  
C   OP1    O  N N 47  
C   OP2    O  N N 48  
C   "O5'"  O  N N 49  
C   "C5'"  C  N N 50  
C   "C4'"  C  N R 51  
C   "O4'"  O  N N 52  
C   "C3'"  C  N S 53  
C   "O3'"  O  N N 54  
C   "C2'"  C  N R 55  
C   "O2'"  O  N N 56  
C   "C1'"  C  N R 57  
C   N1     N  N N 58  
C   C2     C  N N 59  
C   O2     O  N N 60  
C   N3     N  N N 61  
C   C4     C  N N 62  
C   N4     N  N N 63  
C   C5     C  N N 64  
C   C6     C  N N 65  
C   HOP3   H  N N 66  
C   HOP2   H  N N 67  
C   "H5'"  H  N N 68  
C   "H5''" H  N N 69  
C   "H4'"  H  N N 70  
C   "H3'"  H  N N 71  
C   "HO3'" H  N N 72  
C   "H2'"  H  N N 73  
C   "HO2'" H  N N 74  
C   "H1'"  H  N N 75  
C   H41    H  N N 76  
C   H42    H  N N 77  
C   H5     H  N N 78  
C   H6     H  N N 79  
G   OP3    O  N N 80  
G   P      P  N N 81  
G   OP1    O  N N 82  
G   OP2    O  N N 83  
G   "O5'"  O  N N 84  
G   "C5'"  C  N N 85  
G   "C4'"  C  N R 86  
G   "O4'"  O  N N 87  
G   "C3'"  C  N S 88  
G   "O3'"  O  N N 89  
G   "C2'"  C  N R 90  
G   "O2'"  O  N N 91  
G   "C1'"  C  N R 92  
G   N9     N  Y N 93  
G   C8     C  Y N 94  
G   N7     N  Y N 95  
G   C5     C  Y N 96  
G   C6     C  N N 97  
G   O6     O  N N 98  
G   N1     N  N N 99  
G   C2     C  N N 100 
G   N2     N  N N 101 
G   N3     N  N N 102 
G   C4     C  Y N 103 
G   HOP3   H  N N 104 
G   HOP2   H  N N 105 
G   "H5'"  H  N N 106 
G   "H5''" H  N N 107 
G   "H4'"  H  N N 108 
G   "H3'"  H  N N 109 
G   "HO3'" H  N N 110 
G   "H2'"  H  N N 111 
G   "HO2'" H  N N 112 
G   "H1'"  H  N N 113 
G   H8     H  N N 114 
G   H1     H  N N 115 
G   H21    H  N N 116 
G   H22    H  N N 117 
HOH O      O  N N 118 
HOH H1     H  N N 119 
HOH H2     H  N N 120 
K   K      K  N N 121 
NCO CO     CO N N 122 
NCO N1     N  N N 123 
NCO N2     N  N N 124 
NCO N3     N  N N 125 
NCO N4     N  N N 126 
NCO N5     N  N N 127 
NCO N6     N  N N 128 
NCO HN11   H  N N 129 
NCO HN12   H  N N 130 
NCO HN13   H  N N 131 
NCO HN21   H  N N 132 
NCO HN22   H  N N 133 
NCO HN23   H  N N 134 
NCO HN31   H  N N 135 
NCO HN32   H  N N 136 
NCO HN33   H  N N 137 
NCO HN41   H  N N 138 
NCO HN42   H  N N 139 
NCO HN43   H  N N 140 
NCO HN51   H  N N 141 
NCO HN52   H  N N 142 
NCO HN53   H  N N 143 
NCO HN61   H  N N 144 
NCO HN62   H  N N 145 
NCO HN63   H  N N 146 
U   OP3    O  N N 147 
U   P      P  N N 148 
U   OP1    O  N N 149 
U   OP2    O  N N 150 
U   "O5'"  O  N N 151 
U   "C5'"  C  N N 152 
U   "C4'"  C  N R 153 
U   "O4'"  O  N N 154 
U   "C3'"  C  N S 155 
U   "O3'"  O  N N 156 
U   "C2'"  C  N R 157 
U   "O2'"  O  N N 158 
U   "C1'"  C  N R 159 
U   N1     N  N N 160 
U   C2     C  N N 161 
U   O2     O  N N 162 
U   N3     N  N N 163 
U   C4     C  N N 164 
U   O4     O  N N 165 
U   C5     C  N N 166 
U   C6     C  N N 167 
U   HOP3   H  N N 168 
U   HOP2   H  N N 169 
U   "H5'"  H  N N 170 
U   "H5''" H  N N 171 
U   "H4'"  H  N N 172 
U   "H3'"  H  N N 173 
U   "HO3'" H  N N 174 
U   "H2'"  H  N N 175 
U   "HO2'" H  N N 176 
U   "H1'"  H  N N 177 
U   H3     H  N N 178 
U   H5     H  N N 179 
U   H6     H  N N 180 
ZZS NAA    N  N N 181 
ZZS CAG    C  Y N 182 
ZZS NAF    N  Y N 183 
ZZS NAD    N  Y N 184 
ZZS CAC    C  Y N 185 
ZZS NAE    N  Y N 186 
ZZS CAH    C  Y N 187 
ZZS NAB    N  N N 188 
ZZS HAA1   H  N N 189 
ZZS HAA2   H  N N 190 
ZZS HAC    H  N N 191 
ZZS HAB1   H  N N 192 
ZZS HAB2   H  N N 193 
# 
loop_
_chem_comp_bond.comp_id 
_chem_comp_bond.atom_id_1 
_chem_comp_bond.atom_id_2 
_chem_comp_bond.value_order 
_chem_comp_bond.pdbx_aromatic_flag 
_chem_comp_bond.pdbx_stereo_config 
_chem_comp_bond.pdbx_ordinal 
A   OP3   P      sing N N 1   
A   OP3   HOP3   sing N N 2   
A   P     OP1    doub N N 3   
A   P     OP2    sing N N 4   
A   P     "O5'"  sing N N 5   
A   OP2   HOP2   sing N N 6   
A   "O5'" "C5'"  sing N N 7   
A   "C5'" "C4'"  sing N N 8   
A   "C5'" "H5'"  sing N N 9   
A   "C5'" "H5''" sing N N 10  
A   "C4'" "O4'"  sing N N 11  
A   "C4'" "C3'"  sing N N 12  
A   "C4'" "H4'"  sing N N 13  
A   "O4'" "C1'"  sing N N 14  
A   "C3'" "O3'"  sing N N 15  
A   "C3'" "C2'"  sing N N 16  
A   "C3'" "H3'"  sing N N 17  
A   "O3'" "HO3'" sing N N 18  
A   "C2'" "O2'"  sing N N 19  
A   "C2'" "C1'"  sing N N 20  
A   "C2'" "H2'"  sing N N 21  
A   "O2'" "HO2'" sing N N 22  
A   "C1'" N9     sing N N 23  
A   "C1'" "H1'"  sing N N 24  
A   N9    C8     sing Y N 25  
A   N9    C4     sing Y N 26  
A   C8    N7     doub Y N 27  
A   C8    H8     sing N N 28  
A   N7    C5     sing Y N 29  
A   C5    C6     sing Y N 30  
A   C5    C4     doub Y N 31  
A   C6    N6     sing N N 32  
A   C6    N1     doub Y N 33  
A   N6    H61    sing N N 34  
A   N6    H62    sing N N 35  
A   N1    C2     sing Y N 36  
A   C2    N3     doub Y N 37  
A   C2    H2     sing N N 38  
A   N3    C4     sing Y N 39  
ACT C     O      doub N N 40  
ACT C     OXT    sing N N 41  
ACT C     CH3    sing N N 42  
ACT CH3   H1     sing N N 43  
ACT CH3   H2     sing N N 44  
ACT CH3   H3     sing N N 45  
C   OP3   P      sing N N 46  
C   OP3   HOP3   sing N N 47  
C   P     OP1    doub N N 48  
C   P     OP2    sing N N 49  
C   P     "O5'"  sing N N 50  
C   OP2   HOP2   sing N N 51  
C   "O5'" "C5'"  sing N N 52  
C   "C5'" "C4'"  sing N N 53  
C   "C5'" "H5'"  sing N N 54  
C   "C5'" "H5''" sing N N 55  
C   "C4'" "O4'"  sing N N 56  
C   "C4'" "C3'"  sing N N 57  
C   "C4'" "H4'"  sing N N 58  
C   "O4'" "C1'"  sing N N 59  
C   "C3'" "O3'"  sing N N 60  
C   "C3'" "C2'"  sing N N 61  
C   "C3'" "H3'"  sing N N 62  
C   "O3'" "HO3'" sing N N 63  
C   "C2'" "O2'"  sing N N 64  
C   "C2'" "C1'"  sing N N 65  
C   "C2'" "H2'"  sing N N 66  
C   "O2'" "HO2'" sing N N 67  
C   "C1'" N1     sing N N 68  
C   "C1'" "H1'"  sing N N 69  
C   N1    C2     sing N N 70  
C   N1    C6     sing N N 71  
C   C2    O2     doub N N 72  
C   C2    N3     sing N N 73  
C   N3    C4     doub N N 74  
C   C4    N4     sing N N 75  
C   C4    C5     sing N N 76  
C   N4    H41    sing N N 77  
C   N4    H42    sing N N 78  
C   C5    C6     doub N N 79  
C   C5    H5     sing N N 80  
C   C6    H6     sing N N 81  
G   OP3   P      sing N N 82  
G   OP3   HOP3   sing N N 83  
G   P     OP1    doub N N 84  
G   P     OP2    sing N N 85  
G   P     "O5'"  sing N N 86  
G   OP2   HOP2   sing N N 87  
G   "O5'" "C5'"  sing N N 88  
G   "C5'" "C4'"  sing N N 89  
G   "C5'" "H5'"  sing N N 90  
G   "C5'" "H5''" sing N N 91  
G   "C4'" "O4'"  sing N N 92  
G   "C4'" "C3'"  sing N N 93  
G   "C4'" "H4'"  sing N N 94  
G   "O4'" "C1'"  sing N N 95  
G   "C3'" "O3'"  sing N N 96  
G   "C3'" "C2'"  sing N N 97  
G   "C3'" "H3'"  sing N N 98  
G   "O3'" "HO3'" sing N N 99  
G   "C2'" "O2'"  sing N N 100 
G   "C2'" "C1'"  sing N N 101 
G   "C2'" "H2'"  sing N N 102 
G   "O2'" "HO2'" sing N N 103 
G   "C1'" N9     sing N N 104 
G   "C1'" "H1'"  sing N N 105 
G   N9    C8     sing Y N 106 
G   N9    C4     sing Y N 107 
G   C8    N7     doub Y N 108 
G   C8    H8     sing N N 109 
G   N7    C5     sing Y N 110 
G   C5    C6     sing N N 111 
G   C5    C4     doub Y N 112 
G   C6    O6     doub N N 113 
G   C6    N1     sing N N 114 
G   N1    C2     sing N N 115 
G   N1    H1     sing N N 116 
G   C2    N2     sing N N 117 
G   C2    N3     doub N N 118 
G   N2    H21    sing N N 119 
G   N2    H22    sing N N 120 
G   N3    C4     sing N N 121 
HOH O     H1     sing N N 122 
HOH O     H2     sing N N 123 
NCO CO    N1     sing N N 124 
NCO CO    N2     sing N N 125 
NCO CO    N3     sing N N 126 
NCO CO    N4     sing N N 127 
NCO CO    N5     sing N N 128 
NCO CO    N6     sing N N 129 
NCO N1    HN11   sing N N 130 
NCO N1    HN12   sing N N 131 
NCO N1    HN13   sing N N 132 
NCO N2    HN21   sing N N 133 
NCO N2    HN22   sing N N 134 
NCO N2    HN23   sing N N 135 
NCO N3    HN31   sing N N 136 
NCO N3    HN32   sing N N 137 
NCO N3    HN33   sing N N 138 
NCO N4    HN41   sing N N 139 
NCO N4    HN42   sing N N 140 
NCO N4    HN43   sing N N 141 
NCO N5    HN51   sing N N 142 
NCO N5    HN52   sing N N 143 
NCO N5    HN53   sing N N 144 
NCO N6    HN61   sing N N 145 
NCO N6    HN62   sing N N 146 
NCO N6    HN63   sing N N 147 
U   OP3   P      sing N N 148 
U   OP3   HOP3   sing N N 149 
U   P     OP1    doub N N 150 
U   P     OP2    sing N N 151 
U   P     "O5'"  sing N N 152 
U   OP2   HOP2   sing N N 153 
U   "O5'" "C5'"  sing N N 154 
U   "C5'" "C4'"  sing N N 155 
U   "C5'" "H5'"  sing N N 156 
U   "C5'" "H5''" sing N N 157 
U   "C4'" "O4'"  sing N N 158 
U   "C4'" "C3'"  sing N N 159 
U   "C4'" "H4'"  sing N N 160 
U   "O4'" "C1'"  sing N N 161 
U   "C3'" "O3'"  sing N N 162 
U   "C3'" "C2'"  sing N N 163 
U   "C3'" "H3'"  sing N N 164 
U   "O3'" "HO3'" sing N N 165 
U   "C2'" "O2'"  sing N N 166 
U   "C2'" "C1'"  sing N N 167 
U   "C2'" "H2'"  sing N N 168 
U   "O2'" "HO2'" sing N N 169 
U   "C1'" N1     sing N N 170 
U   "C1'" "H1'"  sing N N 171 
U   N1    C2     sing N N 172 
U   N1    C6     sing N N 173 
U   C2    O2     doub N N 174 
U   C2    N3     sing N N 175 
U   N3    C4     sing N N 176 
U   N3    H3     sing N N 177 
U   C4    O4     doub N N 178 
U   C4    C5     sing N N 179 
U   C5    C6     doub N N 180 
U   C5    H5     sing N N 181 
U   C6    H6     sing N N 182 
ZZS NAA   CAG    sing N N 183 
ZZS CAG   NAF    sing Y N 184 
ZZS CAG   NAD    doub Y N 185 
ZZS NAF   CAH    doub Y N 186 
ZZS NAD   CAC    sing Y N 187 
ZZS CAC   NAE    doub Y N 188 
ZZS NAE   CAH    sing Y N 189 
ZZS CAH   NAB    sing N N 190 
ZZS NAA   HAA1   sing N N 191 
ZZS NAA   HAA2   sing N N 192 
ZZS CAC   HAC    sing N N 193 
ZZS NAB   HAB1   sing N N 194 
ZZS NAB   HAB2   sing N N 195 
# 
loop_
_ndb_struct_conf_na.entry_id 
_ndb_struct_conf_na.feature 
2XO0 'double helix'         
2XO0 'a-form double helix'  
2XO0 'mismatched base pair' 
2XO0 'internal loop'        
2XO0 'triple helix'         
2XO0 'three-way junction'   
# 
loop_
_ndb_struct_na_base_pair.model_number 
_ndb_struct_na_base_pair.i_label_asym_id 
_ndb_struct_na_base_pair.i_label_comp_id 
_ndb_struct_na_base_pair.i_label_seq_id 
_ndb_struct_na_base_pair.i_symmetry 
_ndb_struct_na_base_pair.j_label_asym_id 
_ndb_struct_na_base_pair.j_label_comp_id 
_ndb_struct_na_base_pair.j_label_seq_id 
_ndb_struct_na_base_pair.j_symmetry 
_ndb_struct_na_base_pair.shear 
_ndb_struct_na_base_pair.stretch 
_ndb_struct_na_base_pair.stagger 
_ndb_struct_na_base_pair.buckle 
_ndb_struct_na_base_pair.propeller 
_ndb_struct_na_base_pair.opening 
_ndb_struct_na_base_pair.pair_number 
_ndb_struct_na_base_pair.pair_name 
_ndb_struct_na_base_pair.i_auth_asym_id 
_ndb_struct_na_base_pair.i_auth_seq_id 
_ndb_struct_na_base_pair.i_PDB_ins_code 
_ndb_struct_na_base_pair.j_auth_asym_id 
_ndb_struct_na_base_pair.j_auth_seq_id 
_ndb_struct_na_base_pair.j_PDB_ins_code 
_ndb_struct_na_base_pair.hbond_type_28 
_ndb_struct_na_base_pair.hbond_type_12 
1 A A 3  1_555 A U 65 1_555 -0.705 -0.239 0.451  4.632   -22.879 2.624    1  A_A17:U79_A A 17 ? A 79 ? 20 1 
1 A C 4  1_555 A G 64 1_555 0.140  -0.224 0.212  -0.554  -16.359 3.647    2  A_C18:G78_A A 18 ? A 78 ? 19 1 
1 A A 5  1_555 A U 63 1_555 -0.130 0.020  0.177  -3.555  -9.821  2.407    3  A_A19:U77_A A 19 ? A 77 ? 20 1 
1 A U 6  1_555 A A 62 1_555 0.136  -0.090 0.217  -4.810  -23.169 3.422    4  A_U20:A76_A A 20 ? A 76 ? 20 1 
1 A A 7  1_555 A U 61 1_555 0.039  -0.135 0.201  -4.552  -15.268 0.407    5  A_A21:U75_A A 21 ? A 75 ? 20 1 
1 A U 33 1_555 A U 37 1_555 3.524  -0.419 0.424  29.805  39.350  -76.221  6  A_U47:U51_A A 47 ? A 51 ? ?  ? 
1 A U 8  1_555 A A 38 1_555 -0.080 -0.058 -0.041 11.527  4.296   -0.443   7  A_U22:A52_A A 22 ? A 52 ? 20 1 
1 A G 32 1_555 A C 39 1_555 -0.149 -0.067 -0.203 -19.824 -2.819  -0.838   8  A_G46:C53_A A 46 ? A 53 ? 19 1 
1 A A 31 1_555 A U 11 1_555 0.179  -0.051 0.229  2.249   -12.038 2.673    9  A_A45:U25_A A 45 ? A 25 ? 20 1 
1 A A 30 1_555 A C 12 1_555 -4.563 -0.467 -0.075 2.183   -13.840 10.953   10 A_A44:C26_A A 44 ? A 26 ? ?  1 
1 A C 29 1_555 A G 13 1_555 0.199  -0.233 -0.072 -1.856  -7.340  -7.706   11 A_C43:G27_A A 43 ? A 27 ? 19 1 
1 A G 28 1_555 A C 14 1_555 0.025  -0.076 0.026  -6.535  -8.609  0.678    12 A_G42:C28_A A 42 ? A 28 ? 19 1 
1 A C 27 1_555 A G 15 1_555 0.349  -0.179 0.052  -2.325  -11.681 0.689    13 A_C41:G29_A A 41 ? A 29 ? 19 1 
1 A A 26 1_555 A U 16 1_555 0.098  -0.107 -0.068 -5.484  -7.790  4.544    14 A_A40:U30_A A 40 ? A 30 ? 20 1 
1 A C 25 1_555 A G 17 1_555 0.189  -0.171 0.189  -6.372  -6.964  0.746    15 A_C39:G31_A A 39 ? A 31 ? 19 1 
1 A A 19 1_555 A A 52 1_555 4.151  1.384  -0.263 -9.795  -6.539  -110.045 16 A_A33:A66_A A 33 ? A 66 ? 5  4 
1 A U 20 1_555 A A 51 1_555 4.227  -1.999 -0.353 -4.394  -3.685  -99.829  17 A_U34:A65_A A 34 ? A 65 ? 24 4 
1 A A 21 1_555 A A 50 1_555 -4.118 1.399  0.356  -1.680  3.976   -112.134 18 A_A35:A64_A A 35 ? A 64 ? 5  4 
1 A G 23 1_555 A C 47 1_555 -0.165 -0.213 0.481  0.807   -9.504  -3.968   19 A_G37:C61_A A 37 ? A 61 ? 19 1 
1 A G 24 1_555 A C 46 1_555 -0.012 -0.071 0.651  20.452  -14.303 -0.765   20 A_G38:C60_A A 38 ? A 60 ? 19 1 
1 A U 53 1_555 A A 45 1_555 -0.162 -0.096 0.224  1.213   -11.799 1.305    21 A_U67:A59_A A 67 ? A 59 ? 20 1 
1 A G 54 1_555 A C 44 1_555 -0.188 -0.218 0.169  -4.736  -14.377 0.710    22 A_G68:C58_A A 68 ? A 58 ? 19 1 
1 A U 55 1_555 A G 43 1_555 2.312  -0.759 0.118  -1.519  -12.884 -4.954   23 A_U69:G57_A A 69 ? A 57 ? 28 1 
1 A C 56 1_555 A G 42 1_555 0.210  -0.260 0.138  -0.284  -9.918  -4.265   24 A_C70:G56_A A 70 ? A 56 ? 19 1 
1 A C 57 1_555 A G 41 1_555 0.097  -0.128 0.224  5.010   -10.345 -1.256   25 A_C71:G55_A A 71 ? A 55 ? 19 1 
1 A G 58 1_555 A C 40 1_555 -0.143 -0.205 0.143  4.043   -15.589 0.988    26 A_G72:C54_A A 72 ? A 54 ? 19 1 
# 
loop_
_ndb_struct_na_base_pair_step.model_number 
_ndb_struct_na_base_pair_step.i_label_asym_id_1 
_ndb_struct_na_base_pair_step.i_label_comp_id_1 
_ndb_struct_na_base_pair_step.i_label_seq_id_1 
_ndb_struct_na_base_pair_step.i_symmetry_1 
_ndb_struct_na_base_pair_step.j_label_asym_id_1 
_ndb_struct_na_base_pair_step.j_label_comp_id_1 
_ndb_struct_na_base_pair_step.j_label_seq_id_1 
_ndb_struct_na_base_pair_step.j_symmetry_1 
_ndb_struct_na_base_pair_step.i_label_asym_id_2 
_ndb_struct_na_base_pair_step.i_label_comp_id_2 
_ndb_struct_na_base_pair_step.i_label_seq_id_2 
_ndb_struct_na_base_pair_step.i_symmetry_2 
_ndb_struct_na_base_pair_step.j_label_asym_id_2 
_ndb_struct_na_base_pair_step.j_label_comp_id_2 
_ndb_struct_na_base_pair_step.j_label_seq_id_2 
_ndb_struct_na_base_pair_step.j_symmetry_2 
_ndb_struct_na_base_pair_step.shift 
_ndb_struct_na_base_pair_step.slide 
_ndb_struct_na_base_pair_step.rise 
_ndb_struct_na_base_pair_step.tilt 
_ndb_struct_na_base_pair_step.roll 
_ndb_struct_na_base_pair_step.twist 
_ndb_struct_na_base_pair_step.x_displacement 
_ndb_struct_na_base_pair_step.y_displacement 
_ndb_struct_na_base_pair_step.helical_rise 
_ndb_struct_na_base_pair_step.inclination 
_ndb_struct_na_base_pair_step.tip 
_ndb_struct_na_base_pair_step.helical_twist 
_ndb_struct_na_base_pair_step.step_number 
_ndb_struct_na_base_pair_step.step_name 
_ndb_struct_na_base_pair_step.i_auth_asym_id_1 
_ndb_struct_na_base_pair_step.i_auth_seq_id_1 
_ndb_struct_na_base_pair_step.i_PDB_ins_code_1 
_ndb_struct_na_base_pair_step.j_auth_asym_id_1 
_ndb_struct_na_base_pair_step.j_auth_seq_id_1 
_ndb_struct_na_base_pair_step.j_PDB_ins_code_1 
_ndb_struct_na_base_pair_step.i_auth_asym_id_2 
_ndb_struct_na_base_pair_step.i_auth_seq_id_2 
_ndb_struct_na_base_pair_step.i_PDB_ins_code_2 
_ndb_struct_na_base_pair_step.j_auth_asym_id_2 
_ndb_struct_na_base_pair_step.j_auth_seq_id_2 
_ndb_struct_na_base_pair_step.j_PDB_ins_code_2 
1 A A 3  1_555 A U 65 1_555 A C 4  1_555 A G 64 1_555 0.536  -1.767 3.410  0.910   4.034    33.208  -3.744  -0.778 3.193  7.025   
-1.584  33.458  1  AA_A17C18:G78U79_AA A 17 ? A 79 ? A 18 ? A 78 ? 
1 A C 4  1_555 A G 64 1_555 A A 5  1_555 A U 63 1_555 -0.290 -1.760 3.035  -0.239  13.323   29.460  -5.101  0.487  2.068  24.671  
0.442   32.273  2  AA_C18A19:U77G78_AA A 18 ? A 78 ? A 19 ? A 77 ? 
1 A A 5  1_555 A U 63 1_555 A U 6  1_555 A A 62 1_555 0.209  -1.352 3.307  2.329   10.807   30.546  -4.219  0.013  2.694  19.719  
-4.250  32.440  3  AA_A19U20:A76U77_AA A 19 ? A 77 ? A 20 ? A 76 ? 
1 A U 6  1_555 A A 62 1_555 A A 7  1_555 A U 61 1_555 0.520  -1.569 3.010  2.218   19.704   31.344  -4.595  -0.581 1.780  32.698  
-3.681  36.956  4  AA_U20A21:U75A76_AA A 20 ? A 76 ? A 21 ? A 75 ? 
1 A A 7  1_555 A U 61 1_555 A U 33 1_555 A U 37 1_555 2.169  -0.541 6.679  -31.105 -164.314 36.727  2.901   -1.691 2.238  -86.446 
16.364  167.885 5  AA_A21U47:U51U75_AA A 21 ? A 75 ? A 47 ? A 51 ? 
1 A U 33 1_555 A U 37 1_555 A U 8  1_555 A A 38 1_555 -0.201 1.187  -3.070 -2.868  -20.865  -2.718  -8.717  0.209  0.744  81.958  
-11.264 -21.234 6  AA_U47U22:A52U51_AA A 47 ? A 51 ? A 22 ? A 52 ? 
1 A U 8  1_555 A A 38 1_555 A G 32 1_555 A C 39 1_555 2.061  0.024  -2.636 2.542   -7.683   -43.042 -0.637  2.566  -2.705 10.362  
3.428   -43.760 7  AA_U22G46:C53A52_AA A 22 ? A 52 ? A 46 ? A 53 ? 
1 A G 32 1_555 A C 39 1_555 A A 31 1_555 A U 11 1_555 -2.274 0.590  -3.655 -15.199 -4.441   -52.901 -0.957  -1.372 -4.061 4.863   
-16.644 -55.056 8  AA_G46A45:U25C53_AA A 46 ? A 53 ? A 45 ? A 25 ? 
1 A A 31 1_555 A U 11 1_555 A A 30 1_555 A C 12 1_555 0.553  1.194  -3.309 5.899   -5.433   -49.264 -1.813  0.224  -3.210 6.468   
7.022   -49.873 9  AA_A45A44:C26U25_AA A 45 ? A 25 ? A 44 ? A 26 ? 
1 A A 30 1_555 A C 12 1_555 A C 29 1_555 A G 13 1_555 -2.250 2.138  -2.896 -1.280  -14.218  -8.497  -12.740 -7.313 0.168  59.152  
-5.325  -16.602 10 AA_A44C43:G27C26_AA A 44 ? A 26 ? A 43 ? A 27 ? 
1 A C 29 1_555 A G 13 1_555 A G 28 1_555 A C 14 1_555 0.890  1.978  -3.172 -0.540  -2.101   -29.994 -4.221  1.819  -3.014 4.053   
-1.041  -30.070 11 AA_C43G42:C28G27_AA A 43 ? A 27 ? A 42 ? A 28 ? 
1 A G 28 1_555 A C 14 1_555 A C 27 1_555 A G 15 1_555 -0.566 1.811  -3.205 -1.629  -9.698   -29.452 -5.065  -0.776 -2.523 18.439  
-3.097  -31.016 12 AA_G42C41:G29C28_AA A 42 ? A 28 ? A 41 ? A 29 ? 
1 A C 27 1_555 A G 15 1_555 A A 26 1_555 A U 16 1_555 -0.044 1.206  -3.217 0.168   -10.020  -31.854 -3.650  -0.103 -2.723 17.717  
0.297   -33.354 13 AA_C41A40:U30G29_AA A 41 ? A 29 ? A 40 ? A 30 ? 
1 A A 26 1_555 A U 16 1_555 A C 25 1_555 A G 17 1_555 0.717  1.748  -3.177 -2.285  -5.371   -31.917 -3.999  1.653  -2.797 9.666   
-4.113  -32.433 14 AA_A40C39:G31U30_AA A 40 ? A 30 ? A 39 ? A 31 ? 
1 A A 19 1_555 A A 52 1_555 A U 20 1_555 A A 51 1_555 0.089  -1.789 3.356  8.254   3.449    38.360  -3.068  0.853  3.141  5.163   
-12.358 39.351  15 AA_A33U34:A65A66_AA A 33 ? A 66 ? A 34 ? A 65 ? 
1 A U 20 1_555 A A 51 1_555 A A 21 1_555 A A 50 1_555 -3.794 4.111  3.613  -19.615 16.976   -19.478 -8.189  -7.747 -2.221 -35.144 
-40.609 -32.339 16 AA_U34A35:A64A65_AA A 34 ? A 65 ? A 35 ? A 64 ? 
1 A G 23 1_555 A C 47 1_555 A G 24 1_555 A C 46 1_555 0.622  -0.605 2.900  0.970   5.343    28.972  -2.185  -1.042 2.765  10.562  
-1.919  29.466  17 AA_G37G38:C60C61_AA A 37 ? A 61 ? A 38 ? A 60 ? 
1 A G 24 1_555 A C 46 1_555 A U 53 1_555 A A 45 1_555 -2.007 -0.532 3.432  -4.395  8.533    54.671  -1.102  1.885  3.459  9.212   
4.744   55.444  18 AA_G38U67:A59C60_AA A 38 ? A 60 ? A 67 ? A 59 ? 
1 A U 53 1_555 A A 45 1_555 A G 54 1_555 A C 44 1_555 -0.181 -1.650 3.313  -1.017  3.795    33.461  -3.456  0.149  3.116  6.564   
1.758   33.685  19 AA_U67G68:C58A59_AA A 67 ? A 59 ? A 68 ? A 58 ? 
1 A G 54 1_555 A C 44 1_555 A U 55 1_555 A G 43 1_555 -0.457 -1.216 3.127  1.166   2.371    43.900  -1.836  0.715  3.048  3.168   
-1.558  43.975  20 AA_G68U69:G57C58_AA A 68 ? A 58 ? A 69 ? A 57 ? 
1 A U 55 1_555 A G 43 1_555 A C 56 1_555 A G 42 1_555 -0.153 -1.627 3.069  2.994   7.110    26.327  -4.966  0.967  2.519  15.199  
-6.400  27.414  21 AA_U69C70:G56G57_AA A 69 ? A 57 ? A 70 ? A 56 ? 
1 A C 56 1_555 A G 42 1_555 A C 57 1_555 A G 41 1_555 0.237  -0.597 3.203  0.467   5.996    29.774  -2.299  -0.363 3.031  11.522  
-0.898  30.362  22 AA_C70C71:G55G56_AA A 70 ? A 56 ? A 71 ? A 55 ? 
1 A C 57 1_555 A G 41 1_555 A G 58 1_555 A C 40 1_555 0.764  -1.724 3.063  -0.672  9.708    34.150  -4.060  -1.339 2.481  16.130  
1.117   35.470  23 AA_C71G72:C54G55_AA A 71 ? A 55 ? A 72 ? A 54 ? 
# 
loop_
_pdbx_entity_nonpoly.entity_id 
_pdbx_entity_nonpoly.name 
_pdbx_entity_nonpoly.comp_id 
2 'ACETATE ION'              ACT 
3 'COBALT HEXAMMINE(III)'    NCO 
4 'POTASSIUM ION'            K   
5 1,3,5-TRIAZINE-2,4-DIAMINE ZZS 
6 water                      HOH 
# 
_pdbx_initial_refinement_model.id               1 
_pdbx_initial_refinement_model.entity_id_list   ? 
_pdbx_initial_refinement_model.type             'experimental model' 
_pdbx_initial_refinement_model.source_name      PDB 
_pdbx_initial_refinement_model.accession_code   2G9C 
_pdbx_initial_refinement_model.details          'PDB ENTRY 2G9C' 
# 
